data_6TEP
#
_entry.id   6TEP
#
_cell.length_a   52.272
_cell.length_b   164.495
_cell.length_c   115.873
_cell.angle_alpha   90.000
_cell.angle_beta   95.800
_cell.angle_gamma   90.000
#
_symmetry.space_group_name_H-M   'P 1 21 1'
#
loop_
_entity.id
_entity.type
_entity.pdbx_description
1 polymer Galactokinase
2 non-polymer DI(HYDROXYETHYL)ETHER
3 non-polymer GLYCEROL
4 non-polymer "ADENOSINE-5'-DIPHOSPHATE"
5 non-polymer 'CHLORIDE ION'
6 non-polymer 'MAGNESIUM ION'
7 non-polymer 'TETRAETHYLENE GLYCOL'
8 water water
#
_entity_poly.entity_id   1
_entity_poly.type   'polypeptide(L)'
_entity_poly.pdbx_seq_one_letter_code
;MTAVEFIEPLTHEEGVSQATKLFVDTYGAAPEGVWAAPGRVNLIGEHTDYNAGLCLPIALPHRTFIALKPREDTKVRVVS
GVAPDKVAEADLDGLKARGVDGWSAYPTGVAWALRQAGFDKVKGFDAAFVSCVPLGSGLSSSAAMTCSTALALDDVYGLG
YGDSDAGRVTLINAAIKSENEMAGASTGGLDQNASMRCTEGHALLLDCRPELTPLENVSQQEFDLDKYNLELLVVDTQAP
HQLNDGQYAQRRATCEEAAKILGVANLRVTADGISKADDQFQALKETLDALPDETMKKRVRHVVTEIERVRSFVRAFAQG
DIKAAGRLFNASHDSLAADYEVTVPELDIAVDVARKNGAYGARMTGGGFGGSIIALVDKGQGHEIAQKIADRFEKEGFNA
PRALPAFAAASASREAKLAAALEHHHHHH
;
_entity_poly.pdbx_strand_id   A,D,C,B
#
# COMPACT_ATOMS: atom_id res chain seq x y z
N MET A 1 4.98 -19.63 39.64
CA MET A 1 5.61 -18.26 39.69
C MET A 1 4.98 -17.48 38.55
N THR A 2 4.94 -16.16 38.67
CA THR A 2 4.53 -15.20 37.64
C THR A 2 5.80 -14.72 36.93
N ALA A 3 5.72 -14.59 35.61
CA ALA A 3 6.72 -13.91 34.77
C ALA A 3 6.98 -12.52 35.34
N VAL A 4 8.19 -12.04 35.12
CA VAL A 4 8.62 -10.67 35.57
C VAL A 4 7.66 -9.64 34.96
N GLU A 5 7.27 -8.67 35.76
CA GLU A 5 6.31 -7.62 35.38
C GLU A 5 7.06 -6.46 34.70
N PHE A 6 6.57 -5.93 33.59
CA PHE A 6 7.03 -4.64 33.02
C PHE A 6 5.98 -3.59 33.34
N ILE A 7 6.42 -2.41 33.82
CA ILE A 7 5.48 -1.30 34.17
C ILE A 7 5.37 -0.43 32.93
N GLU A 8 4.21 -0.40 32.30
N GLU A 8 4.20 -0.39 32.29
CA GLU A 8 4.01 0.44 31.09
CA GLU A 8 3.99 0.40 31.06
C GLU A 8 3.80 1.89 31.51
C GLU A 8 3.73 1.87 31.43
N PRO A 9 4.33 2.82 30.70
CA PRO A 9 4.03 4.24 30.93
C PRO A 9 2.57 4.53 30.56
N LEU A 10 1.98 5.45 31.33
CA LEU A 10 0.70 6.09 31.03
C LEU A 10 0.85 6.87 29.73
N THR A 11 -0.09 6.74 28.82
CA THR A 11 -0.15 7.61 27.63
C THR A 11 -0.59 9.03 28.10
N HIS A 12 -0.34 10.01 27.27
CA HIS A 12 -0.90 11.37 27.39
C HIS A 12 -2.37 11.30 27.78
N GLU A 13 -3.16 10.54 27.02
CA GLU A 13 -4.63 10.52 27.20
C GLU A 13 -4.94 9.92 28.58
N GLU A 14 -4.28 8.81 28.92
CA GLU A 14 -4.51 8.11 30.19
C GLU A 14 -4.17 9.06 31.33
N GLY A 15 -3.01 9.68 31.27
CA GLY A 15 -2.53 10.50 32.41
C GLY A 15 -3.50 11.69 32.61
N VAL A 16 -3.89 12.34 31.52
CA VAL A 16 -4.83 13.50 31.55
C VAL A 16 -6.14 12.99 32.13
N SER A 17 -6.69 11.92 31.55
CA SER A 17 -8.04 11.43 31.95
C SER A 17 -8.02 11.08 33.44
N GLN A 18 -6.99 10.37 33.88
CA GLN A 18 -6.95 9.86 35.26
C GLN A 18 -6.74 11.00 36.25
N ALA A 19 -5.89 11.95 35.95
CA ALA A 19 -5.59 13.08 36.86
C ALA A 19 -6.82 13.97 36.99
N THR A 20 -7.45 14.20 35.86
CA THR A 20 -8.69 15.04 35.80
C THR A 20 -9.77 14.35 36.61
N LYS A 21 -9.98 13.06 36.43
CA LYS A 21 -11.06 12.41 37.17
C LYS A 21 -10.79 12.48 38.68
N LEU A 22 -9.57 12.23 39.13
CA LEU A 22 -9.28 12.21 40.56
C LEU A 22 -9.53 13.62 41.11
N PHE A 23 -9.15 14.63 40.34
CA PHE A 23 -9.37 16.04 40.70
C PHE A 23 -10.88 16.29 40.87
N VAL A 24 -11.69 15.92 39.87
CA VAL A 24 -13.16 16.21 39.95
C VAL A 24 -13.78 15.37 41.08
N ASP A 25 -13.37 14.12 41.20
CA ASP A 25 -13.92 13.23 42.26
C ASP A 25 -13.57 13.80 43.64
N THR A 26 -12.44 14.50 43.77
CA THR A 26 -11.93 14.94 45.07
C THR A 26 -12.52 16.32 45.39
N TYR A 27 -12.45 17.23 44.42
CA TYR A 27 -12.65 18.68 44.64
C TYR A 27 -13.94 19.20 44.05
N GLY A 28 -14.59 18.41 43.22
CA GLY A 28 -15.82 18.80 42.54
C GLY A 28 -15.59 19.69 41.31
N ALA A 29 -14.87 20.80 41.49
CA ALA A 29 -14.47 21.76 40.44
C ALA A 29 -13.63 21.04 39.34
N ALA A 30 -13.63 21.54 38.13
CA ALA A 30 -12.68 21.13 37.05
C ALA A 30 -11.32 21.77 37.33
N PRO A 31 -10.18 21.12 37.00
CA PRO A 31 -8.87 21.73 37.17
C PRO A 31 -8.70 22.79 36.08
N GLU A 32 -7.77 23.71 36.28
CA GLU A 32 -7.40 24.69 35.23
C GLU A 32 -6.64 23.97 34.12
N GLY A 33 -5.87 22.95 34.48
CA GLY A 33 -5.23 22.13 33.44
C GLY A 33 -4.64 20.87 34.03
N VAL A 34 -3.77 20.23 33.24
CA VAL A 34 -2.98 19.07 33.69
C VAL A 34 -1.59 19.31 33.14
N TRP A 35 -0.61 19.17 33.99
CA TRP A 35 0.82 19.17 33.63
C TRP A 35 1.44 17.84 33.97
N ALA A 36 2.66 17.61 33.52
CA ALA A 36 3.33 16.34 33.88
C ALA A 36 4.81 16.48 33.84
N ALA A 37 5.49 15.67 34.63
CA ALA A 37 6.95 15.62 34.61
C ALA A 37 7.37 14.17 34.70
N PRO A 38 8.45 13.80 33.97
CA PRO A 38 8.92 12.42 33.95
C PRO A 38 9.84 12.07 35.10
N GLY A 39 9.88 10.77 35.39
CA GLY A 39 11.02 10.14 36.08
C GLY A 39 12.22 10.12 35.16
N ARG A 40 13.31 9.57 35.67
CA ARG A 40 14.58 9.62 34.91
C ARG A 40 15.47 8.43 35.32
N VAL A 41 16.43 8.13 34.41
CA VAL A 41 17.58 7.33 34.80
C VAL A 41 18.84 8.12 34.43
N ASN A 42 19.82 8.03 35.31
CA ASN A 42 21.14 8.64 35.02
C ASN A 42 21.95 7.59 34.23
N LEU A 43 22.31 7.88 32.99
CA LEU A 43 23.14 6.89 32.26
C LEU A 43 24.48 6.64 32.93
N ILE A 44 25.16 7.73 33.35
CA ILE A 44 26.50 7.65 33.95
C ILE A 44 26.79 9.05 34.52
N GLY A 45 27.67 9.06 35.49
CA GLY A 45 28.01 10.28 36.23
C GLY A 45 27.26 10.37 37.55
N GLU A 46 27.52 9.41 38.36
CA GLU A 46 26.85 9.16 39.64
C GLU A 46 27.65 9.72 40.78
N HIS A 47 26.93 10.26 41.77
CA HIS A 47 27.56 10.91 42.92
C HIS A 47 28.48 12.07 42.48
N THR A 48 28.18 12.68 41.35
CA THR A 48 29.00 13.79 40.79
C THR A 48 28.25 15.13 40.85
N ASP A 49 26.91 15.16 40.86
CA ASP A 49 26.18 16.45 40.79
C ASP A 49 26.55 17.35 41.97
N TYR A 50 26.53 16.90 43.21
CA TYR A 50 26.90 17.74 44.36
C TYR A 50 28.41 17.95 44.51
N ASN A 51 29.24 17.40 43.59
CA ASN A 51 30.72 17.65 43.50
C ASN A 51 30.99 18.61 42.33
N ALA A 52 29.97 19.25 41.76
CA ALA A 52 30.09 20.12 40.57
C ALA A 52 30.60 19.37 39.36
N GLY A 53 30.21 18.10 39.26
CA GLY A 53 30.76 17.25 38.18
C GLY A 53 29.86 17.23 36.96
N LEU A 54 29.99 16.16 36.17
CA LEU A 54 29.19 15.90 34.96
C LEU A 54 28.27 14.70 35.22
N CYS A 55 27.08 14.80 34.64
CA CYS A 55 26.00 13.78 34.70
CA CYS A 55 26.19 13.62 34.61
C CYS A 55 25.39 13.62 33.32
N LEU A 56 24.73 12.46 33.11
CA LEU A 56 24.15 12.19 31.79
C LEU A 56 22.82 11.48 31.92
N PRO A 57 21.77 12.17 32.45
CA PRO A 57 20.47 11.51 32.49
C PRO A 57 19.63 11.60 31.23
N ILE A 58 18.68 10.62 31.19
CA ILE A 58 17.51 10.68 30.24
C ILE A 58 16.21 10.73 31.04
N ALA A 59 15.20 11.31 30.39
CA ALA A 59 13.84 11.31 30.97
C ALA A 59 13.18 9.98 30.54
N LEU A 60 12.55 9.28 31.45
CA LEU A 60 11.73 8.08 31.11
C LEU A 60 10.41 8.53 30.48
N PRO A 61 9.74 7.64 29.74
CA PRO A 61 8.37 7.91 29.25
C PRO A 61 7.37 7.95 30.40
N HIS A 62 7.73 7.38 31.54
CA HIS A 62 6.89 7.34 32.77
C HIS A 62 6.80 8.74 33.37
N ARG A 63 5.59 9.24 33.60
CA ARG A 63 5.36 10.61 34.04
C ARG A 63 4.40 10.60 35.24
N THR A 64 4.58 11.63 36.03
CA THR A 64 3.60 12.08 37.04
C THR A 64 2.72 13.17 36.42
N PHE A 65 1.41 12.99 36.48
CA PHE A 65 0.40 13.94 35.97
C PHE A 65 -0.25 14.66 37.13
N ILE A 66 -0.21 16.01 37.04
CA ILE A 66 -0.81 16.86 38.10
C ILE A 66 -1.96 17.59 37.45
N ALA A 67 -3.13 17.43 38.03
CA ALA A 67 -4.29 18.32 37.71
C ALA A 67 -4.28 19.41 38.75
N LEU A 68 -4.28 20.67 38.36
CA LEU A 68 -4.15 21.77 39.33
C LEU A 68 -5.13 22.90 39.03
N LYS A 69 -5.54 23.57 40.10
CA LYS A 69 -6.30 24.83 40.04
C LYS A 69 -5.73 25.71 41.14
N PRO A 70 -5.42 27.00 40.84
CA PRO A 70 -4.99 27.95 41.84
C PRO A 70 -6.14 28.31 42.75
N ARG A 71 -5.79 28.77 43.92
CA ARG A 71 -6.80 29.30 44.91
C ARG A 71 -6.51 30.75 45.19
N GLU A 72 -7.51 31.51 45.63
CA GLU A 72 -7.29 32.96 45.92
C GLU A 72 -6.80 33.05 47.36
N ASP A 73 -7.09 32.04 48.17
CA ASP A 73 -6.51 31.89 49.51
C ASP A 73 -5.14 31.19 49.44
N THR A 74 -4.55 30.97 50.63
CA THR A 74 -3.20 30.36 50.80
C THR A 74 -3.32 28.88 51.22
N LYS A 75 -4.49 28.25 51.04
CA LYS A 75 -4.72 26.83 51.36
C LYS A 75 -4.10 26.01 50.22
N VAL A 76 -3.44 24.93 50.60
CA VAL A 76 -2.95 23.88 49.67
C VAL A 76 -3.59 22.52 50.05
N ARG A 77 -4.36 21.98 49.13
CA ARG A 77 -4.99 20.64 49.20
C ARG A 77 -4.33 19.78 48.10
N VAL A 78 -3.81 18.63 48.47
CA VAL A 78 -3.29 17.68 47.46
C VAL A 78 -3.86 16.29 47.71
N VAL A 79 -4.04 15.55 46.63
CA VAL A 79 -4.42 14.13 46.75
C VAL A 79 -3.62 13.34 45.69
N SER A 80 -3.45 12.05 45.90
CA SER A 80 -2.67 11.22 44.97
C SER A 80 -3.39 9.90 44.80
N GLY A 81 -3.31 9.38 43.59
CA GLY A 81 -3.84 8.05 43.30
C GLY A 81 -3.26 6.96 44.17
N VAL A 82 -2.11 7.12 44.80
CA VAL A 82 -1.57 6.10 45.73
C VAL A 82 -2.54 5.92 46.90
N ALA A 83 -3.25 6.98 47.31
CA ALA A 83 -4.17 6.93 48.47
C ALA A 83 -5.29 7.91 48.21
N PRO A 84 -6.20 7.59 47.30
CA PRO A 84 -7.09 8.58 46.74
C PRO A 84 -8.13 9.13 47.73
N ASP A 85 -8.34 8.46 48.88
CA ASP A 85 -9.32 8.92 49.90
C ASP A 85 -8.64 9.85 50.93
N LYS A 86 -7.36 10.15 50.80
CA LYS A 86 -6.61 10.84 51.86
C LYS A 86 -6.10 12.19 51.30
N VAL A 87 -6.88 13.26 51.54
CA VAL A 87 -6.54 14.62 51.09
C VAL A 87 -5.64 15.29 52.13
N ALA A 88 -4.53 15.84 51.67
CA ALA A 88 -3.60 16.48 52.60
C ALA A 88 -3.89 17.98 52.50
N GLU A 89 -3.96 18.68 53.62
CA GLU A 89 -4.22 20.16 53.56
C GLU A 89 -3.18 20.89 54.40
N ALA A 90 -2.62 22.02 53.88
CA ALA A 90 -1.67 22.87 54.60
C ALA A 90 -2.04 24.30 54.27
N ASP A 91 -1.40 25.25 54.95
CA ASP A 91 -1.56 26.66 54.59
C ASP A 91 -0.18 27.28 54.37
N LEU A 92 -0.03 28.04 53.29
CA LEU A 92 1.25 28.72 52.96
C LEU A 92 1.53 29.95 53.84
N ASP A 93 0.52 30.55 54.49
CA ASP A 93 0.68 31.81 55.25
C ASP A 93 1.44 31.51 56.53
N GLY A 94 2.68 32.00 56.63
CA GLY A 94 3.58 31.81 57.77
C GLY A 94 4.24 30.45 57.74
N LEU A 95 4.15 29.68 56.63
CA LEU A 95 4.65 28.31 56.63
C LEU A 95 6.17 28.39 56.68
N LYS A 96 6.79 27.61 57.54
CA LYS A 96 8.26 27.57 57.66
C LYS A 96 8.79 26.26 57.05
N ALA A 97 10.10 26.19 56.90
CA ALA A 97 10.82 24.96 56.48
C ALA A 97 10.42 23.82 57.44
N ARG A 98 10.16 22.63 56.90
CA ARG A 98 9.79 21.40 57.61
C ARG A 98 8.41 21.56 58.26
N GLY A 99 7.58 22.52 57.83
CA GLY A 99 6.28 22.82 58.45
C GLY A 99 5.19 21.93 57.87
N VAL A 100 5.57 21.01 56.98
CA VAL A 100 4.59 20.08 56.33
C VAL A 100 5.09 18.66 56.53
N ASP A 101 4.16 17.81 57.01
N ASP A 101 4.32 17.76 57.14
CA ASP A 101 4.28 16.34 57.25
CA ASP A 101 4.81 16.35 57.25
C ASP A 101 4.05 15.56 55.96
C ASP A 101 4.10 15.49 56.19
N GLY A 102 4.85 14.52 55.66
CA GLY A 102 4.43 13.47 54.73
C GLY A 102 4.69 13.85 53.28
N TRP A 103 4.07 13.13 52.34
CA TRP A 103 4.32 13.30 50.90
C TRP A 103 3.94 14.75 50.48
N SER A 104 2.86 15.33 51.05
CA SER A 104 2.37 16.65 50.65
C SER A 104 3.44 17.75 50.81
N ALA A 105 4.50 17.45 51.55
CA ALA A 105 5.62 18.39 51.70
C ALA A 105 6.23 18.69 50.30
N TYR A 106 6.23 17.73 49.40
CA TYR A 106 6.90 17.90 48.07
C TYR A 106 6.17 18.94 47.23
N PRO A 107 4.84 18.81 47.00
CA PRO A 107 4.12 19.86 46.25
C PRO A 107 3.96 21.17 47.04
N THR A 108 3.63 21.09 48.32
CA THR A 108 3.34 22.32 49.04
C THR A 108 4.66 23.13 49.12
N GLY A 109 5.80 22.47 49.28
CA GLY A 109 7.12 23.15 49.46
C GLY A 109 7.51 23.86 48.16
N VAL A 110 6.93 23.48 47.03
CA VAL A 110 7.25 24.16 45.72
C VAL A 110 6.58 25.55 45.71
N ALA A 111 5.33 25.65 46.18
CA ALA A 111 4.69 26.98 46.28
C ALA A 111 5.42 27.81 47.35
N TRP A 112 5.77 27.18 48.48
CA TRP A 112 6.56 27.82 49.55
C TRP A 112 7.87 28.40 49.04
N ALA A 113 8.60 27.61 48.29
CA ALA A 113 9.89 28.01 47.69
C ALA A 113 9.75 29.18 46.68
N LEU A 114 8.69 29.21 45.90
CA LEU A 114 8.44 30.30 44.94
C LEU A 114 8.10 31.58 45.72
N ARG A 115 7.25 31.50 46.75
CA ARG A 115 6.98 32.70 47.56
C ARG A 115 8.26 33.16 48.25
N GLN A 116 9.14 32.25 48.70
CA GLN A 116 10.42 32.61 49.37
C GLN A 116 11.31 33.34 48.36
N ALA A 117 11.24 33.01 47.08
CA ALA A 117 12.03 33.61 45.98
C ALA A 117 11.48 34.99 45.58
N GLY A 118 10.38 35.43 46.20
CA GLY A 118 9.75 36.74 45.94
C GLY A 118 8.59 36.66 44.99
N PHE A 119 8.13 35.47 44.60
CA PHE A 119 6.98 35.34 43.68
C PHE A 119 5.68 35.55 44.50
N ASP A 120 5.38 36.79 44.88
CA ASP A 120 4.24 37.06 45.86
C ASP A 120 2.87 36.80 45.20
N LYS A 121 2.79 36.67 43.86
CA LYS A 121 1.53 36.35 43.13
C LYS A 121 1.10 34.92 43.46
N VAL A 122 2.03 34.06 43.87
CA VAL A 122 1.75 32.61 44.10
C VAL A 122 0.99 32.50 45.42
N LYS A 123 -0.26 32.07 45.32
CA LYS A 123 -1.17 31.78 46.43
C LYS A 123 -1.29 30.26 46.51
N GLY A 124 -2.39 29.80 47.09
CA GLY A 124 -2.65 28.37 47.31
C GLY A 124 -3.09 27.67 46.03
N PHE A 125 -3.41 26.38 46.19
CA PHE A 125 -3.85 25.57 45.04
C PHE A 125 -4.46 24.30 45.59
N ASP A 126 -5.23 23.68 44.70
CA ASP A 126 -5.76 22.28 44.75
C ASP A 126 -5.01 21.48 43.70
N ALA A 127 -4.65 20.26 44.04
CA ALA A 127 -4.05 19.39 43.01
C ALA A 127 -4.41 17.92 43.27
N ALA A 128 -4.43 17.21 42.15
CA ALA A 128 -4.56 15.74 42.15
C ALA A 128 -3.41 15.16 41.30
N PHE A 129 -2.73 14.17 41.84
CA PHE A 129 -1.62 13.48 41.14
C PHE A 129 -2.02 12.03 40.79
N VAL A 130 -1.64 11.65 39.56
CA VAL A 130 -1.67 10.24 39.11
C VAL A 130 -0.31 10.01 38.43
N SER A 131 0.37 8.93 38.80
CA SER A 131 1.72 8.62 38.29
C SER A 131 1.88 7.17 37.87
N CYS A 132 2.81 6.95 36.94
CA CYS A 132 3.32 5.58 36.72
C CYS A 132 4.82 5.53 37.02
N VAL A 133 5.39 6.57 37.61
CA VAL A 133 6.76 6.51 38.19
C VAL A 133 6.70 5.81 39.53
N PRO A 134 7.34 4.63 39.67
CA PRO A 134 7.26 3.94 40.95
C PRO A 134 7.91 4.78 42.07
N LEU A 135 7.31 4.74 43.27
CA LEU A 135 7.80 5.46 44.47
C LEU A 135 8.99 4.71 45.08
N GLY A 136 10.07 5.44 45.33
CA GLY A 136 11.18 4.93 46.15
C GLY A 136 12.01 3.86 45.45
N SER A 137 11.98 3.87 44.11
CA SER A 137 12.66 2.86 43.25
C SER A 137 13.92 3.43 42.60
N GLY A 138 14.34 4.67 42.94
CA GLY A 138 15.55 5.32 42.41
C GLY A 138 15.34 5.87 41.01
N LEU A 139 14.09 6.11 40.63
CA LEU A 139 13.70 6.59 39.30
C LEU A 139 13.16 8.03 39.42
N SER A 140 13.23 8.63 40.61
N SER A 140 13.31 8.64 40.61
CA SER A 140 12.95 10.09 40.77
CA SER A 140 12.94 10.05 40.90
C SER A 140 11.46 10.41 40.76
C SER A 140 11.44 10.32 40.70
N SER A 141 10.63 9.61 41.47
CA SER A 141 9.23 10.03 41.67
C SER A 141 9.25 11.39 42.34
N SER A 142 10.23 11.63 43.22
CA SER A 142 10.30 12.93 43.98
C SER A 142 10.44 14.12 43.02
N ALA A 143 11.33 14.08 42.02
CA ALA A 143 11.43 15.19 41.05
C ALA A 143 10.21 15.25 40.14
N ALA A 144 9.67 14.11 39.72
CA ALA A 144 8.50 14.14 38.84
C ALA A 144 7.40 14.90 39.59
N MET A 145 7.30 14.66 40.90
CA MET A 145 6.23 15.36 41.68
C MET A 145 6.57 16.87 41.81
N THR A 146 7.77 17.21 42.22
CA THR A 146 8.11 18.65 42.48
C THR A 146 8.14 19.40 41.16
N CYS A 147 8.70 18.81 40.11
CA CYS A 147 8.82 19.54 38.82
C CYS A 147 7.45 19.74 38.12
N SER A 148 6.58 18.70 38.11
CA SER A 148 5.22 18.85 37.56
C SER A 148 4.54 19.99 38.34
N THR A 149 4.70 20.04 39.70
CA THR A 149 4.04 21.08 40.51
C THR A 149 4.61 22.46 40.13
N ALA A 150 5.92 22.55 39.95
CA ALA A 150 6.55 23.84 39.65
C ALA A 150 6.08 24.35 38.28
N LEU A 151 6.00 23.47 37.28
CA LEU A 151 5.59 23.89 35.92
C LEU A 151 4.11 24.30 35.98
N ALA A 152 3.33 23.60 36.80
CA ALA A 152 1.88 23.93 36.81
C ALA A 152 1.71 25.31 37.49
N LEU A 153 2.37 25.51 38.64
CA LEU A 153 2.19 26.78 39.37
C LEU A 153 2.69 27.94 38.52
N ASP A 154 3.84 27.76 37.87
CA ASP A 154 4.39 28.84 37.02
C ASP A 154 3.37 29.20 35.96
N ASP A 155 2.71 28.19 35.40
CA ASP A 155 1.74 28.41 34.31
C ASP A 155 0.51 29.18 34.84
N VAL A 156 -0.12 28.64 35.89
CA VAL A 156 -1.43 29.26 36.32
C VAL A 156 -1.18 30.65 36.91
N TYR A 157 -0.07 30.84 37.60
CA TYR A 157 0.28 32.17 38.15
C TYR A 157 0.97 33.09 37.13
N GLY A 158 1.20 32.64 35.89
CA GLY A 158 1.81 33.48 34.82
C GLY A 158 3.18 34.07 35.20
N LEU A 159 4.05 33.25 35.78
CA LEU A 159 5.37 33.71 36.28
C LEU A 159 6.34 33.87 35.11
N GLY A 160 6.09 33.19 33.96
CA GLY A 160 6.85 33.37 32.69
C GLY A 160 8.14 32.57 32.67
N TYR A 161 8.32 31.56 33.54
CA TYR A 161 9.59 30.76 33.53
C TYR A 161 9.45 29.43 32.80
N GLY A 162 8.26 28.92 32.56
CA GLY A 162 8.09 27.54 32.09
C GLY A 162 8.37 27.36 30.59
N ASP A 163 8.32 28.44 29.79
CA ASP A 163 8.36 28.34 28.31
C ASP A 163 9.79 28.47 27.78
N SER A 164 10.78 28.49 28.64
CA SER A 164 12.17 28.48 28.14
C SER A 164 13.08 27.57 28.97
N ASP A 165 14.12 27.02 28.32
CA ASP A 165 15.04 26.14 29.04
C ASP A 165 15.63 26.95 30.19
N ALA A 166 16.14 28.17 29.89
CA ALA A 166 16.82 28.93 30.96
C ALA A 166 15.83 29.27 32.06
N GLY A 167 14.65 29.65 31.66
CA GLY A 167 13.63 30.04 32.66
C GLY A 167 13.29 28.83 33.52
N ARG A 168 13.36 27.60 32.95
CA ARG A 168 13.06 26.44 33.80
C ARG A 168 14.02 26.26 34.96
N VAL A 169 15.23 26.82 34.89
CA VAL A 169 16.18 26.68 36.00
C VAL A 169 15.57 27.31 37.27
N THR A 170 14.84 28.43 37.12
CA THR A 170 14.18 29.03 38.31
C THR A 170 13.24 28.00 38.96
N LEU A 171 12.50 27.27 38.13
CA LEU A 171 11.52 26.27 38.60
C LEU A 171 12.17 25.04 39.20
N ILE A 172 13.26 24.60 38.57
CA ILE A 172 14.17 23.58 39.13
C ILE A 172 14.63 23.98 40.50
N ASN A 173 15.12 25.21 40.67
CA ASN A 173 15.67 25.55 42.00
C ASN A 173 14.54 25.56 43.06
N ALA A 174 13.32 25.92 42.65
CA ALA A 174 12.19 25.83 43.60
C ALA A 174 11.90 24.37 43.95
N ALA A 175 11.96 23.48 42.94
CA ALA A 175 11.75 22.04 43.17
C ALA A 175 12.78 21.48 44.13
N ILE A 176 14.04 21.80 43.90
CA ILE A 176 15.16 21.37 44.78
C ILE A 176 14.93 21.89 46.20
N LYS A 177 14.63 23.19 46.30
CA LYS A 177 14.43 23.82 47.63
C LYS A 177 13.26 23.14 48.36
N SER A 178 12.15 22.81 47.64
CA SER A 178 11.02 22.09 48.27
C SER A 178 11.54 20.82 48.92
N GLU A 179 12.23 20.01 48.12
CA GLU A 179 12.65 18.67 48.59
CA GLU A 179 12.66 18.66 48.56
C GLU A 179 13.69 18.80 49.72
N ASN A 180 14.65 19.73 49.60
CA ASN A 180 15.76 19.87 50.59
C ASN A 180 15.21 20.47 51.92
N GLU A 181 14.40 21.52 51.82
CA GLU A 181 14.02 22.39 52.96
C GLU A 181 12.61 22.13 53.44
N MET A 182 11.70 21.69 52.57
CA MET A 182 10.33 21.33 53.05
C MET A 182 10.24 19.82 53.42
N ALA A 183 10.65 18.95 52.51
CA ALA A 183 10.56 17.49 52.71
C ALA A 183 11.73 17.00 53.58
N GLY A 184 12.84 17.74 53.55
CA GLY A 184 14.01 17.41 54.38
C GLY A 184 14.85 16.33 53.76
N ALA A 185 14.79 16.16 52.43
CA ALA A 185 15.53 15.15 51.67
C ALA A 185 16.62 15.86 50.89
N SER A 186 17.87 15.61 51.21
CA SER A 186 19.02 16.13 50.44
C SER A 186 18.95 15.66 48.96
N THR A 187 18.96 16.61 48.02
CA THR A 187 19.03 16.40 46.54
C THR A 187 20.08 17.32 45.87
N GLY A 188 20.83 16.79 44.90
CA GLY A 188 21.95 17.52 44.27
C GLY A 188 21.67 18.22 42.95
N GLY A 189 20.54 17.96 42.33
CA GLY A 189 19.98 18.65 41.17
C GLY A 189 19.90 17.86 39.88
N LEU A 190 20.64 16.75 39.77
CA LEU A 190 20.53 15.87 38.57
C LEU A 190 19.06 15.62 38.19
N ASP A 191 18.25 15.22 39.17
CA ASP A 191 16.95 14.62 38.89
C ASP A 191 15.97 15.66 38.33
N GLN A 192 16.06 16.89 38.87
CA GLN A 192 15.15 18.00 38.52
C GLN A 192 15.59 18.60 37.20
N ASN A 193 16.90 18.65 36.97
CA ASN A 193 17.37 19.08 35.64
C ASN A 193 16.94 18.10 34.53
N ALA A 194 17.06 16.81 34.80
CA ALA A 194 16.56 15.76 33.89
C ALA A 194 15.07 15.96 33.60
N SER A 195 14.27 16.05 34.67
CA SER A 195 12.81 16.08 34.53
C SER A 195 12.35 17.30 33.74
N MET A 196 13.06 18.42 33.80
N MET A 196 13.11 18.38 33.81
CA MET A 196 12.52 19.63 33.12
CA MET A 196 12.66 19.68 33.26
C MET A 196 13.38 20.06 31.92
C MET A 196 13.34 19.99 31.92
N ARG A 197 14.53 19.43 31.68
CA ARG A 197 15.37 19.88 30.53
C ARG A 197 15.84 18.76 29.56
N CYS A 198 15.50 17.50 29.82
CA CYS A 198 15.80 16.42 28.84
C CYS A 198 14.94 16.69 27.60
N THR A 199 15.38 16.08 26.50
CA THR A 199 14.57 16.08 25.27
C THR A 199 14.46 14.65 24.70
N GLU A 200 13.42 14.44 23.93
CA GLU A 200 13.19 13.13 23.32
C GLU A 200 14.41 12.76 22.46
N GLY A 201 14.85 11.51 22.57
CA GLY A 201 15.94 11.06 21.70
C GLY A 201 17.31 11.54 22.12
N HIS A 202 17.44 12.19 23.25
CA HIS A 202 18.72 12.74 23.72
C HIS A 202 18.95 12.45 25.19
N ALA A 203 20.21 12.48 25.58
CA ALA A 203 20.69 12.49 26.99
C ALA A 203 21.14 13.91 27.28
N LEU A 204 21.05 14.28 28.54
CA LEU A 204 21.32 15.64 28.97
C LEU A 204 22.74 15.62 29.58
N LEU A 205 23.76 16.12 28.85
CA LEU A 205 25.11 16.20 29.44
C LEU A 205 25.08 17.48 30.31
N LEU A 206 24.94 17.26 31.62
CA LEU A 206 24.77 18.34 32.57
C LEU A 206 26.11 18.58 33.30
N ASP A 207 26.53 19.86 33.26
CA ASP A 207 27.72 20.33 33.94
C ASP A 207 27.23 21.06 35.16
N CYS A 208 27.59 20.52 36.32
CA CYS A 208 27.02 20.93 37.62
C CYS A 208 27.88 22.02 38.27
N ARG A 209 28.82 22.63 37.52
CA ARG A 209 29.58 23.77 38.11
C ARG A 209 28.61 24.91 38.43
N PRO A 210 28.53 25.35 39.71
CA PRO A 210 27.45 26.25 40.09
C PRO A 210 27.55 27.65 39.50
N GLU A 211 28.66 28.01 38.87
CA GLU A 211 28.80 29.38 38.31
C GLU A 211 28.24 29.46 36.88
N LEU A 212 27.83 28.35 36.23
CA LEU A 212 27.48 28.37 34.81
C LEU A 212 26.04 28.86 34.63
N THR A 213 25.78 29.54 33.52
CA THR A 213 24.42 29.97 33.14
C THR A 213 23.70 28.76 32.53
N PRO A 214 22.36 28.81 32.31
CA PRO A 214 21.63 27.63 31.81
C PRO A 214 22.11 27.23 30.40
N LEU A 215 22.38 28.14 29.50
CA LEU A 215 22.79 27.77 28.12
C LEU A 215 24.21 27.18 28.14
N GLU A 216 25.00 27.45 29.17
CA GLU A 216 26.37 26.91 29.32
C GLU A 216 26.38 25.51 29.94
N ASN A 217 25.35 25.13 30.72
CA ASN A 217 25.51 23.92 31.56
C ASN A 217 24.75 22.69 31.01
N VAL A 218 24.21 22.72 29.83
CA VAL A 218 23.65 21.49 29.24
C VAL A 218 24.04 21.41 27.76
N SER A 219 24.26 20.20 27.29
N SER A 219 24.21 20.16 27.36
CA SER A 219 24.32 19.91 25.83
CA SER A 219 24.45 19.70 25.98
C SER A 219 23.56 18.61 25.60
C SER A 219 23.40 18.61 25.73
N GLN A 220 22.68 18.64 24.62
CA GLN A 220 21.81 17.51 24.24
C GLN A 220 22.64 16.54 23.40
N GLN A 221 22.81 15.34 23.91
CA GLN A 221 23.66 14.32 23.29
C GLN A 221 22.73 13.28 22.67
N GLU A 222 22.88 13.04 21.38
CA GLU A 222 22.02 12.05 20.68
C GLU A 222 22.11 10.71 21.43
N PHE A 223 20.96 10.12 21.71
CA PHE A 223 20.87 8.84 22.44
C PHE A 223 19.75 8.01 21.80
N ASP A 224 19.95 7.70 20.52
CA ASP A 224 18.99 7.00 19.64
C ASP A 224 19.31 5.50 19.69
N LEU A 225 18.69 4.79 20.60
CA LEU A 225 18.91 3.33 20.83
C LEU A 225 18.62 2.58 19.52
N ASP A 226 17.63 3.01 18.75
CA ASP A 226 17.19 2.30 17.52
C ASP A 226 18.30 2.34 16.45
N LYS A 227 19.04 3.43 16.37
CA LYS A 227 20.18 3.62 15.43
C LYS A 227 21.14 2.44 15.57
N TYR A 228 21.37 1.93 16.78
CA TYR A 228 22.37 0.88 17.08
C TYR A 228 21.70 -0.48 17.37
N ASN A 229 20.40 -0.61 17.12
CA ASN A 229 19.66 -1.85 17.46
C ASN A 229 19.86 -2.22 18.93
N LEU A 230 19.58 -1.26 19.80
CA LEU A 230 19.77 -1.46 21.26
C LEU A 230 18.45 -1.24 21.99
N GLU A 231 18.45 -1.71 23.20
CA GLU A 231 17.39 -1.49 24.20
C GLU A 231 18.13 -1.08 25.48
N LEU A 232 17.58 -0.12 26.20
CA LEU A 232 18.02 0.17 27.57
C LEU A 232 17.09 -0.53 28.56
N LEU A 233 17.58 -1.63 29.10
CA LEU A 233 16.83 -2.39 30.15
C LEU A 233 16.92 -1.62 31.45
N VAL A 234 15.77 -1.35 32.05
CA VAL A 234 15.72 -0.81 33.43
C VAL A 234 15.01 -1.79 34.38
N VAL A 235 15.65 -2.19 35.45
CA VAL A 235 15.10 -3.18 36.39
C VAL A 235 15.06 -2.56 37.79
N ASP A 236 13.86 -2.32 38.32
CA ASP A 236 13.69 -1.92 39.73
C ASP A 236 13.88 -3.16 40.56
N THR A 237 14.92 -3.22 41.37
CA THR A 237 15.23 -4.44 42.16
C THR A 237 14.13 -4.67 43.20
N GLN A 238 13.44 -3.64 43.61
CA GLN A 238 12.50 -3.78 44.76
C GLN A 238 13.25 -4.28 46.01
N ALA A 239 14.59 -4.04 46.13
CA ALA A 239 15.33 -4.34 47.38
C ALA A 239 14.67 -3.53 48.51
N PRO A 240 14.62 -4.05 49.75
CA PRO A 240 13.94 -3.37 50.85
C PRO A 240 14.58 -2.00 51.01
N HIS A 241 13.76 -0.95 51.09
CA HIS A 241 14.19 0.48 51.14
C HIS A 241 15.01 0.75 52.40
N GLN A 242 16.03 1.61 52.28
CA GLN A 242 16.81 2.15 53.42
C GLN A 242 16.35 3.60 53.70
N GLY A 246 22.29 7.91 57.96
CA GLY A 246 22.52 9.01 56.99
C GLY A 246 23.78 8.73 56.19
N GLN A 247 23.80 7.59 55.50
CA GLN A 247 24.94 7.21 54.62
C GLN A 247 25.09 8.23 53.46
N TYR A 248 24.03 8.75 52.83
CA TYR A 248 24.13 9.75 51.72
C TYR A 248 24.72 11.07 52.26
N ALA A 249 24.32 11.46 53.48
CA ALA A 249 24.86 12.64 54.18
C ALA A 249 26.37 12.44 54.36
N GLN A 250 26.76 11.23 54.76
CA GLN A 250 28.17 10.94 55.09
C GLN A 250 28.98 11.06 53.80
N ARG A 251 28.51 10.50 52.65
CA ARG A 251 29.23 10.60 51.34
C ARG A 251 29.43 12.09 50.99
N ARG A 252 28.39 12.93 51.09
N ARG A 252 28.35 12.90 51.15
CA ARG A 252 28.56 14.38 50.75
CA ARG A 252 28.35 14.36 50.80
C ARG A 252 29.59 14.98 51.72
C ARG A 252 29.31 15.10 51.74
N ALA A 253 29.46 14.65 52.99
CA ALA A 253 30.30 15.28 54.02
C ALA A 253 31.76 14.93 53.73
N THR A 254 32.02 13.67 53.40
CA THR A 254 33.37 13.19 53.10
C THR A 254 33.90 13.99 51.91
N CYS A 255 33.13 14.13 50.85
CA CYS A 255 33.53 14.90 49.63
C CYS A 255 33.81 16.37 50.01
N GLU A 256 32.93 17.01 50.82
CA GLU A 256 33.17 18.40 51.27
C GLU A 256 34.46 18.47 52.06
N GLU A 257 34.73 17.53 52.97
CA GLU A 257 36.01 17.55 53.75
C GLU A 257 37.22 17.35 52.81
N ALA A 258 37.13 16.43 51.86
CA ALA A 258 38.21 16.22 50.89
C ALA A 258 38.54 17.55 50.20
N ALA A 259 37.53 18.26 49.69
CA ALA A 259 37.71 19.56 49.01
C ALA A 259 38.33 20.61 49.95
N LYS A 260 37.93 20.64 51.21
CA LYS A 260 38.55 21.58 52.18
C LYS A 260 40.04 21.21 52.28
N ILE A 261 40.37 19.93 52.49
CA ILE A 261 41.79 19.52 52.75
C ILE A 261 42.64 19.87 51.52
N LEU A 262 42.09 19.69 50.32
N LEU A 262 42.09 19.73 50.33
CA LEU A 262 42.80 19.93 49.05
CA LEU A 262 42.81 19.92 49.05
C LEU A 262 42.94 21.44 48.81
C LEU A 262 42.75 21.41 48.65
N GLY A 263 42.09 22.25 49.47
CA GLY A 263 42.06 23.70 49.25
C GLY A 263 41.33 24.13 48.00
N VAL A 264 40.34 23.35 47.58
CA VAL A 264 39.54 23.58 46.35
C VAL A 264 38.07 23.84 46.74
N ALA A 265 37.33 24.51 45.88
CA ALA A 265 35.89 24.79 46.15
C ALA A 265 35.10 23.49 46.05
N ASN A 266 35.53 22.62 45.12
CA ASN A 266 34.81 21.36 44.86
C ASN A 266 35.72 20.37 44.14
N LEU A 267 35.33 19.10 44.19
CA LEU A 267 36.22 18.05 43.64
C LEU A 267 36.23 18.10 42.12
N ARG A 268 35.32 18.80 41.47
CA ARG A 268 35.44 19.06 40.02
C ARG A 268 36.77 19.75 39.71
N VAL A 269 37.15 20.73 40.52
CA VAL A 269 38.45 21.41 40.31
C VAL A 269 39.57 20.37 40.29
N THR A 270 39.55 19.48 41.27
CA THR A 270 40.54 18.40 41.47
C THR A 270 40.52 17.55 40.20
N ALA A 271 39.36 17.05 39.84
CA ALA A 271 39.19 16.07 38.75
C ALA A 271 39.67 16.64 37.40
N ASP A 272 39.39 17.93 37.20
CA ASP A 272 39.82 18.64 35.95
C ASP A 272 41.37 18.79 35.95
N GLY A 273 41.97 19.08 37.06
CA GLY A 273 43.46 19.14 37.14
C GLY A 273 44.08 17.82 36.89
N ILE A 274 43.50 16.72 37.39
CA ILE A 274 44.03 15.34 37.12
C ILE A 274 43.85 15.02 35.62
N SER A 275 42.65 15.31 35.09
CA SER A 275 42.25 15.01 33.69
C SER A 275 43.27 15.65 32.74
N LYS A 276 43.75 16.86 33.06
CA LYS A 276 44.55 17.68 32.13
C LYS A 276 46.00 17.18 32.20
N ALA A 277 46.43 16.51 33.27
CA ALA A 277 47.83 16.07 33.42
C ALA A 277 48.21 15.09 32.29
N ASP A 278 49.49 15.04 31.89
CA ASP A 278 49.96 14.02 30.94
C ASP A 278 49.93 12.67 31.66
N ASP A 279 50.39 12.62 32.92
CA ASP A 279 50.42 11.40 33.75
C ASP A 279 49.26 11.50 34.75
N GLN A 280 48.10 11.00 34.34
N GLN A 280 48.09 11.04 34.33
CA GLN A 280 46.87 11.10 35.16
CA GLN A 280 46.86 11.10 35.16
C GLN A 280 47.02 10.20 36.38
C GLN A 280 47.09 10.23 36.41
N PHE A 281 47.70 9.05 36.25
CA PHE A 281 47.94 8.16 37.41
C PHE A 281 48.75 8.89 38.48
N GLN A 282 49.79 9.63 38.12
CA GLN A 282 50.59 10.35 39.13
C GLN A 282 49.79 11.54 39.69
N ALA A 283 49.00 12.22 38.87
CA ALA A 283 48.16 13.37 39.32
C ALA A 283 47.18 12.87 40.39
N LEU A 284 46.58 11.71 40.15
CA LEU A 284 45.65 11.10 41.19
C LEU A 284 46.44 10.72 42.45
N LYS A 285 47.57 9.98 42.29
CA LYS A 285 48.34 9.58 43.48
C LYS A 285 48.65 10.79 44.39
N GLU A 286 49.11 11.88 43.80
CA GLU A 286 49.54 13.07 44.59
C GLU A 286 48.31 13.63 45.31
N THR A 287 47.15 13.56 44.66
CA THR A 287 45.89 14.03 45.29
C THR A 287 45.61 13.11 46.46
N LEU A 288 45.57 11.79 46.24
CA LEU A 288 45.14 10.90 47.32
C LEU A 288 46.12 10.96 48.48
N ASP A 289 47.43 11.02 48.23
CA ASP A 289 48.45 11.23 49.27
C ASP A 289 48.11 12.40 50.22
N ALA A 290 47.36 13.42 49.76
CA ALA A 290 47.04 14.61 50.57
C ALA A 290 45.92 14.29 51.57
N LEU A 291 45.28 13.12 51.45
CA LEU A 291 44.03 12.82 52.18
C LEU A 291 44.28 11.91 53.36
N PRO A 292 43.57 12.20 54.47
CA PRO A 292 43.98 11.73 55.77
C PRO A 292 43.66 10.26 56.03
N ASP A 293 42.81 9.64 55.20
N ASP A 293 42.74 9.67 55.25
CA ASP A 293 42.28 8.31 55.56
CA ASP A 293 42.33 8.26 55.45
C ASP A 293 41.76 7.59 54.32
C ASP A 293 41.94 7.61 54.14
N GLU A 294 41.84 6.25 54.39
N GLU A 294 41.91 6.28 54.23
CA GLU A 294 41.71 5.36 53.22
CA GLU A 294 41.72 5.35 53.09
C GLU A 294 40.32 5.51 52.62
C GLU A 294 40.29 5.47 52.58
N THR A 295 39.29 5.66 53.44
CA THR A 295 37.89 5.78 52.96
C THR A 295 37.71 7.07 52.13
N MET A 296 38.29 8.18 52.57
CA MET A 296 38.17 9.45 51.87
C MET A 296 38.89 9.30 50.53
N LYS A 297 40.03 8.59 50.52
CA LYS A 297 40.74 8.42 49.23
C LYS A 297 39.79 7.70 48.25
N LYS A 298 39.13 6.64 48.72
CA LYS A 298 38.23 5.87 47.85
C LYS A 298 37.13 6.78 47.27
N ARG A 299 36.55 7.61 48.12
CA ARG A 299 35.47 8.50 47.69
C ARG A 299 35.94 9.47 46.61
N VAL A 300 37.10 10.08 46.79
CA VAL A 300 37.71 11.02 45.79
C VAL A 300 38.06 10.28 44.50
N ARG A 301 38.64 9.10 44.60
CA ARG A 301 38.97 8.29 43.38
C ARG A 301 37.67 8.05 42.56
N HIS A 302 36.55 7.69 43.24
CA HIS A 302 35.30 7.50 42.49
C HIS A 302 34.97 8.81 41.76
N VAL A 303 34.94 9.97 42.44
N VAL A 303 34.92 9.93 42.50
CA VAL A 303 34.34 11.18 41.77
CA VAL A 303 34.41 11.20 41.91
C VAL A 303 35.22 11.59 40.57
C VAL A 303 35.21 11.51 40.62
N VAL A 304 36.54 11.54 40.75
CA VAL A 304 37.50 11.90 39.69
C VAL A 304 37.34 10.99 38.48
N THR A 305 37.38 9.69 38.68
CA THR A 305 37.28 8.70 37.55
C THR A 305 35.89 8.74 36.92
N GLU A 306 34.88 9.03 37.73
CA GLU A 306 33.49 9.03 37.24
C GLU A 306 33.23 10.26 36.38
N ILE A 307 33.75 11.43 36.76
CA ILE A 307 33.61 12.61 35.87
C ILE A 307 34.27 12.32 34.52
N GLU A 308 35.45 11.73 34.55
CA GLU A 308 36.10 11.45 33.23
C GLU A 308 35.34 10.38 32.46
N ARG A 309 34.77 9.40 33.13
CA ARG A 309 33.97 8.38 32.41
C ARG A 309 32.79 9.04 31.68
N VAL A 310 32.16 10.10 32.26
CA VAL A 310 31.08 10.77 31.53
C VAL A 310 31.60 11.25 30.16
N ARG A 311 32.65 12.06 30.13
N ARG A 311 32.68 12.02 30.20
CA ARG A 311 33.19 12.46 28.79
CA ARG A 311 33.38 12.49 28.98
C ARG A 311 33.51 11.22 27.95
C ARG A 311 33.66 11.32 28.01
N SER A 312 34.13 10.19 28.53
CA SER A 312 34.43 8.96 27.70
C SER A 312 33.15 8.34 27.12
N PHE A 313 32.07 8.38 27.91
CA PHE A 313 30.84 7.77 27.44
C PHE A 313 30.26 8.54 26.28
N VAL A 314 30.19 9.86 26.45
N VAL A 314 30.17 9.88 26.35
CA VAL A 314 29.63 10.73 25.40
CA VAL A 314 29.51 10.61 25.24
C VAL A 314 30.39 10.47 24.08
C VAL A 314 30.40 10.52 23.98
N ARG A 315 31.71 10.36 24.14
CA ARG A 315 32.56 10.04 22.95
C ARG A 315 32.25 8.65 22.41
N ALA A 316 32.20 7.67 23.29
CA ALA A 316 31.98 6.28 22.84
C ALA A 316 30.62 6.17 22.14
N PHE A 317 29.57 6.74 22.73
CA PHE A 317 28.22 6.61 22.13
C PHE A 317 28.17 7.33 20.81
N ALA A 318 28.73 8.55 20.72
CA ALA A 318 28.75 9.29 19.42
C ALA A 318 29.49 8.49 18.34
N GLN A 319 30.47 7.71 18.74
CA GLN A 319 31.29 6.92 17.77
C GLN A 319 30.57 5.58 17.47
N GLY A 320 29.38 5.37 18.01
CA GLY A 320 28.69 4.07 17.87
C GLY A 320 29.52 2.93 18.42
N ASP A 321 30.39 3.17 19.38
CA ASP A 321 31.25 2.14 20.01
C ASP A 321 30.53 1.62 21.25
N ILE A 322 29.57 0.73 21.02
CA ILE A 322 28.63 0.32 22.09
C ILE A 322 29.37 -0.55 23.08
N LYS A 323 30.34 -1.32 22.62
CA LYS A 323 31.12 -2.14 23.54
C LYS A 323 31.85 -1.19 24.47
N ALA A 324 32.43 -0.09 23.95
CA ALA A 324 33.19 0.82 24.83
C ALA A 324 32.20 1.55 25.77
N ALA A 325 31.05 1.91 25.26
CA ALA A 325 30.00 2.54 26.11
C ALA A 325 29.62 1.58 27.25
N GLY A 326 29.42 0.32 26.93
CA GLY A 326 29.08 -0.66 27.98
C GLY A 326 30.17 -0.81 29.01
N ARG A 327 31.42 -0.95 28.57
CA ARG A 327 32.55 -1.02 29.49
C ARG A 327 32.54 0.17 30.50
N LEU A 328 32.21 1.36 30.02
CA LEU A 328 32.08 2.54 30.88
C LEU A 328 30.93 2.42 31.86
N PHE A 329 29.78 1.86 31.42
CA PHE A 329 28.72 1.56 32.44
C PHE A 329 29.34 0.68 33.51
N ASN A 330 30.06 -0.38 33.09
CA ASN A 330 30.60 -1.41 33.97
C ASN A 330 31.53 -0.76 34.98
N ALA A 331 32.39 0.10 34.49
CA ALA A 331 33.39 0.73 35.35
C ALA A 331 32.72 1.68 36.34
N SER A 332 31.66 2.33 35.88
CA SER A 332 30.89 3.25 36.79
C SER A 332 30.30 2.40 37.93
N HIS A 333 29.64 1.29 37.59
CA HIS A 333 29.12 0.40 38.65
C HIS A 333 30.19 -0.08 39.63
N ASP A 334 31.30 -0.60 39.09
CA ASP A 334 32.36 -1.21 39.90
C ASP A 334 32.92 -0.16 40.84
N SER A 335 32.99 1.08 40.34
CA SER A 335 33.49 2.19 41.17
C SER A 335 32.49 2.48 42.32
N LEU A 336 31.21 2.47 41.99
CA LEU A 336 30.18 2.71 43.03
C LEU A 336 30.17 1.61 44.07
N ALA A 337 30.36 0.36 43.65
CA ALA A 337 30.40 -0.79 44.54
C ALA A 337 31.61 -0.76 45.46
N ALA A 338 32.82 -0.57 44.91
CA ALA A 338 34.08 -0.75 45.69
C ALA A 338 34.61 0.54 46.34
N ASP A 339 34.57 1.66 45.62
CA ASP A 339 35.17 2.93 46.07
C ASP A 339 34.09 3.80 46.75
N TYR A 340 32.90 3.88 46.20
CA TYR A 340 31.86 4.69 46.84
C TYR A 340 31.07 3.90 47.90
N GLU A 341 31.00 2.58 47.76
CA GLU A 341 30.32 1.69 48.73
C GLU A 341 28.84 2.10 48.82
N VAL A 342 28.15 2.23 47.70
CA VAL A 342 26.70 2.52 47.73
C VAL A 342 25.86 1.42 47.08
N THR A 343 26.42 0.22 46.81
CA THR A 343 25.62 -0.89 46.26
C THR A 343 25.15 -1.81 47.38
N VAL A 344 24.23 -2.70 47.05
CA VAL A 344 23.68 -3.75 47.93
C VAL A 344 23.62 -4.99 47.05
N PRO A 345 23.51 -6.19 47.67
CA PRO A 345 23.50 -7.45 46.89
C PRO A 345 22.52 -7.47 45.71
N GLU A 346 21.33 -6.94 45.90
CA GLU A 346 20.35 -7.01 44.81
C GLU A 346 20.88 -6.28 43.57
N LEU A 347 21.46 -5.10 43.76
CA LEU A 347 22.03 -4.32 42.63
C LEU A 347 23.16 -5.13 42.01
N ASP A 348 24.06 -5.58 42.85
CA ASP A 348 25.29 -6.26 42.35
C ASP A 348 24.92 -7.57 41.61
N ILE A 349 23.99 -8.31 42.16
CA ILE A 349 23.58 -9.59 41.48
C ILE A 349 22.80 -9.30 40.22
N ALA A 350 21.91 -8.29 40.20
CA ALA A 350 21.17 -7.95 38.95
C ALA A 350 22.21 -7.60 37.88
N VAL A 351 23.15 -6.72 38.23
CA VAL A 351 24.19 -6.32 37.25
C VAL A 351 24.99 -7.55 36.77
N ASP A 352 25.36 -8.43 37.67
CA ASP A 352 26.18 -9.63 37.32
C ASP A 352 25.36 -10.54 36.34
N VAL A 353 24.04 -10.69 36.55
CA VAL A 353 23.19 -11.52 35.64
C VAL A 353 23.15 -10.85 34.28
N ALA A 354 23.03 -9.52 34.25
CA ALA A 354 22.94 -8.79 32.97
C ALA A 354 24.28 -9.04 32.25
N ARG A 355 25.41 -8.81 32.94
CA ARG A 355 26.76 -8.93 32.29
C ARG A 355 26.98 -10.35 31.73
N LYS A 356 26.54 -11.38 32.46
CA LYS A 356 26.77 -12.80 32.08
C LYS A 356 25.81 -13.22 30.97
N ASN A 357 24.79 -12.41 30.70
CA ASN A 357 23.73 -12.75 29.73
C ASN A 357 23.75 -11.81 28.53
N GLY A 358 24.88 -11.15 28.27
CA GLY A 358 25.12 -10.48 26.97
C GLY A 358 24.98 -8.97 26.98
N ALA A 359 24.73 -8.38 28.14
CA ALA A 359 24.69 -6.90 28.24
C ALA A 359 26.02 -6.33 27.76
N TYR A 360 25.96 -5.25 26.99
CA TYR A 360 27.20 -4.49 26.70
C TYR A 360 27.75 -3.93 28.00
N GLY A 361 26.86 -3.53 28.90
CA GLY A 361 27.29 -3.17 30.24
C GLY A 361 26.03 -2.96 31.08
N ALA A 362 26.25 -2.88 32.36
CA ALA A 362 25.14 -2.73 33.30
C ALA A 362 25.62 -2.03 34.57
N ARG A 363 24.73 -1.26 35.19
CA ARG A 363 25.12 -0.55 36.41
C ARG A 363 23.86 -0.19 37.22
N MET A 364 24.06 -0.04 38.52
CA MET A 364 23.07 0.69 39.36
C MET A 364 22.92 2.10 38.80
N THR A 365 21.75 2.68 38.97
CA THR A 365 21.53 4.09 38.60
C THR A 365 20.94 4.80 39.83
N GLY A 366 21.17 6.13 39.85
CA GLY A 366 20.70 6.91 41.01
C GLY A 366 21.63 6.85 42.20
N GLY A 367 21.09 7.09 43.41
CA GLY A 367 21.95 7.23 44.59
C GLY A 367 22.53 5.93 45.12
N GLY A 368 21.82 4.80 44.91
CA GLY A 368 22.25 3.47 45.38
C GLY A 368 21.48 3.00 46.61
N PHE A 369 22.02 2.02 47.34
CA PHE A 369 21.45 1.52 48.61
C PHE A 369 20.14 0.78 48.34
N GLY A 370 19.94 0.41 47.09
CA GLY A 370 18.73 -0.16 46.54
C GLY A 370 18.38 0.52 45.25
N GLY A 371 17.14 0.33 44.84
CA GLY A 371 16.62 0.94 43.63
C GLY A 371 16.89 0.14 42.37
N SER A 372 17.26 0.84 41.29
CA SER A 372 17.19 0.24 39.94
C SER A 372 18.59 0.08 39.34
N ILE A 373 18.66 -0.82 38.38
CA ILE A 373 19.84 -0.99 37.49
C ILE A 373 19.42 -0.67 36.09
N ILE A 374 20.40 -0.33 35.23
CA ILE A 374 20.16 -0.16 33.77
C ILE A 374 21.20 -1.00 33.07
N ALA A 375 20.85 -1.45 31.87
CA ALA A 375 21.82 -2.27 31.07
C ALA A 375 21.61 -1.95 29.60
N LEU A 376 22.71 -1.70 28.87
CA LEU A 376 22.64 -1.57 27.40
C LEU A 376 22.67 -2.98 26.84
N VAL A 377 21.57 -3.37 26.19
CA VAL A 377 21.39 -4.74 25.64
C VAL A 377 20.99 -4.64 24.16
N ASP A 378 21.15 -5.77 23.42
CA ASP A 378 20.64 -5.78 22.05
C ASP A 378 19.12 -5.65 22.09
N LYS A 379 18.60 -5.02 21.07
CA LYS A 379 17.14 -4.88 20.90
C LYS A 379 16.54 -6.27 20.85
N GLY A 380 15.50 -6.47 21.63
CA GLY A 380 14.85 -7.79 21.67
C GLY A 380 15.29 -8.64 22.85
N GLN A 381 16.32 -8.28 23.63
CA GLN A 381 16.85 -9.10 24.72
C GLN A 381 16.43 -8.61 26.11
N GLY A 382 15.71 -7.49 26.21
CA GLY A 382 15.43 -6.94 27.55
C GLY A 382 14.54 -7.84 28.42
N HIS A 383 13.54 -8.45 27.82
CA HIS A 383 12.59 -9.33 28.56
C HIS A 383 13.37 -10.53 29.06
N GLU A 384 14.16 -11.14 28.18
CA GLU A 384 14.94 -12.37 28.52
C GLU A 384 15.86 -12.09 29.71
N ILE A 385 16.56 -10.94 29.67
CA ILE A 385 17.54 -10.63 30.75
C ILE A 385 16.76 -10.31 32.04
N ALA A 386 15.70 -9.56 31.90
CA ALA A 386 14.84 -9.28 33.08
C ALA A 386 14.35 -10.56 33.74
N GLN A 387 13.89 -11.50 32.94
CA GLN A 387 13.36 -12.78 33.47
C GLN A 387 14.52 -13.52 34.13
N LYS A 388 15.73 -13.50 33.51
CA LYS A 388 16.91 -14.15 34.16
C LYS A 388 17.19 -13.52 35.55
N ILE A 389 17.14 -12.19 35.65
CA ILE A 389 17.31 -11.54 36.96
C ILE A 389 16.21 -11.99 37.97
N ALA A 390 14.96 -12.00 37.54
CA ALA A 390 13.84 -12.41 38.41
C ALA A 390 14.02 -13.87 38.85
N ASP A 391 14.51 -14.76 37.96
CA ASP A 391 14.71 -16.19 38.33
C ASP A 391 15.84 -16.26 39.36
N ARG A 392 16.94 -15.49 39.13
CA ARG A 392 18.06 -15.46 40.12
C ARG A 392 17.56 -14.87 41.46
N PHE A 393 16.77 -13.80 41.42
CA PHE A 393 16.23 -13.14 42.65
C PHE A 393 15.45 -14.13 43.50
N GLU A 394 14.68 -15.00 42.86
CA GLU A 394 13.88 -15.97 43.64
C GLU A 394 14.81 -17.03 44.24
N LYS A 395 15.82 -17.46 43.48
CA LYS A 395 16.80 -18.43 44.03
C LYS A 395 17.49 -17.81 45.24
N GLU A 396 17.75 -16.49 45.23
CA GLU A 396 18.41 -15.78 46.36
C GLU A 396 17.44 -15.47 47.53
N GLY A 397 16.14 -15.63 47.38
CA GLY A 397 15.18 -15.24 48.43
C GLY A 397 14.79 -13.78 48.38
N PHE A 398 15.17 -13.10 47.30
CA PHE A 398 14.95 -11.64 47.22
C PHE A 398 13.49 -11.42 46.80
N ASN A 399 13.00 -10.23 47.12
CA ASN A 399 11.74 -9.70 46.55
C ASN A 399 11.81 -9.75 45.01
N ALA A 400 10.69 -10.04 44.36
CA ALA A 400 10.63 -10.04 42.89
C ALA A 400 10.95 -8.65 42.35
N PRO A 401 11.78 -8.56 41.30
CA PRO A 401 12.05 -7.28 40.69
C PRO A 401 10.95 -6.97 39.69
N ARG A 402 10.96 -5.77 39.14
CA ARG A 402 10.05 -5.41 38.03
C ARG A 402 10.87 -4.56 37.03
N ALA A 403 10.43 -4.53 35.80
CA ALA A 403 11.17 -3.83 34.77
C ALA A 403 10.34 -2.72 34.18
N LEU A 404 10.98 -1.77 33.49
CA LEU A 404 10.27 -0.67 32.84
C LEU A 404 10.89 -0.56 31.46
N PRO A 405 10.08 -0.40 30.39
CA PRO A 405 10.59 0.05 29.13
C PRO A 405 11.21 1.43 29.29
N ALA A 406 12.28 1.68 28.53
CA ALA A 406 13.00 2.96 28.70
C ALA A 406 13.63 3.39 27.39
N PHE A 407 13.53 4.69 27.11
CA PHE A 407 14.19 5.35 25.97
C PHE A 407 14.21 6.81 26.40
N ALA A 408 14.95 7.62 25.70
CA ALA A 408 15.09 9.04 26.05
C ALA A 408 13.81 9.74 25.60
N ALA A 409 13.03 10.15 26.60
CA ALA A 409 11.70 10.78 26.37
C ALA A 409 11.73 12.29 26.65
N ALA A 410 10.57 12.96 26.44
CA ALA A 410 10.37 14.40 26.58
C ALA A 410 10.40 14.78 28.05
N SER A 411 10.79 16.04 28.29
CA SER A 411 10.77 16.63 29.67
C SER A 411 9.35 17.05 30.05
N ALA A 412 9.21 17.62 31.21
CA ALA A 412 7.91 18.13 31.70
C ALA A 412 7.21 19.00 30.67
N SER A 413 5.89 19.04 30.77
CA SER A 413 5.08 19.85 29.83
C SER A 413 3.68 20.04 30.38
N ARG A 414 2.99 21.02 29.81
CA ARG A 414 1.54 21.12 29.99
C ARG A 414 0.91 20.02 29.12
N GLU A 415 0.04 19.21 29.69
CA GLU A 415 -0.67 18.13 28.97
C GLU A 415 -2.08 18.54 28.55
N ALA A 416 -2.79 19.38 29.28
CA ALA A 416 -4.17 19.79 28.93
C ALA A 416 -4.43 21.17 29.53
N LYS A 417 -5.37 21.93 28.94
CA LYS A 417 -5.82 23.22 29.55
C LYS A 417 -7.27 23.46 29.18
N THR B 2 2.16 11.47 -22.11
CA THR B 2 3.53 11.26 -22.72
C THR B 2 3.55 12.08 -24.03
N ALA B 3 4.66 12.75 -24.33
CA ALA B 3 4.79 13.53 -25.59
C ALA B 3 4.50 12.56 -26.74
N VAL B 4 3.56 12.91 -27.62
CA VAL B 4 3.25 12.13 -28.85
C VAL B 4 4.50 12.13 -29.75
N GLU B 5 4.79 10.97 -30.33
N GLU B 5 4.96 10.98 -30.27
CA GLU B 5 5.92 10.75 -31.28
CA GLU B 5 6.17 10.98 -31.16
C GLU B 5 5.59 11.37 -32.66
C GLU B 5 5.76 11.22 -32.62
N PHE B 6 6.54 12.07 -33.30
CA PHE B 6 6.45 12.38 -34.74
C PHE B 6 7.54 11.56 -35.43
N ILE B 7 7.20 10.81 -36.47
CA ILE B 7 8.17 10.00 -37.26
C ILE B 7 8.72 10.91 -38.35
N GLU B 8 10.05 11.14 -38.33
CA GLU B 8 10.75 12.02 -39.30
C GLU B 8 11.04 11.17 -40.52
N PRO B 9 10.90 11.72 -41.71
CA PRO B 9 11.38 11.01 -42.89
C PRO B 9 12.92 10.89 -42.86
N LEU B 10 13.40 9.71 -43.26
CA LEU B 10 14.81 9.52 -43.67
C LEU B 10 15.12 10.52 -44.79
N THR B 11 16.25 11.21 -44.63
CA THR B 11 16.84 12.03 -45.70
C THR B 11 17.42 11.12 -46.78
N HIS B 12 17.71 11.70 -47.95
CA HIS B 12 18.40 11.01 -49.05
C HIS B 12 19.67 10.32 -48.49
N GLU B 13 20.44 11.00 -47.67
CA GLU B 13 21.79 10.52 -47.25
C GLU B 13 21.61 9.34 -46.29
N GLU B 14 20.65 9.48 -45.36
CA GLU B 14 20.30 8.46 -44.35
C GLU B 14 19.81 7.20 -45.06
N GLY B 15 18.83 7.36 -45.96
CA GLY B 15 18.23 6.20 -46.66
C GLY B 15 19.27 5.41 -47.47
N VAL B 16 20.05 6.11 -48.28
CA VAL B 16 21.13 5.49 -49.10
C VAL B 16 22.17 4.82 -48.15
N SER B 17 22.62 5.55 -47.15
CA SER B 17 23.67 5.02 -46.25
C SER B 17 23.18 3.74 -45.57
N GLN B 18 21.96 3.76 -44.99
CA GLN B 18 21.40 2.61 -44.22
C GLN B 18 21.10 1.43 -45.17
N ALA B 19 20.58 1.66 -46.38
CA ALA B 19 20.19 0.54 -47.26
C ALA B 19 21.50 -0.12 -47.74
N THR B 20 22.52 0.71 -48.00
CA THR B 20 23.84 0.26 -48.51
C THR B 20 24.53 -0.60 -47.44
N LYS B 21 24.60 -0.08 -46.22
CA LYS B 21 25.12 -0.80 -45.02
C LYS B 21 24.42 -2.16 -44.90
N LEU B 22 23.08 -2.24 -44.85
CA LEU B 22 22.36 -3.54 -44.67
C LEU B 22 22.68 -4.52 -45.82
N PHE B 23 22.72 -4.03 -47.05
CA PHE B 23 23.17 -4.76 -48.26
C PHE B 23 24.60 -5.25 -48.06
N VAL B 24 25.57 -4.37 -47.84
CA VAL B 24 26.99 -4.87 -47.77
C VAL B 24 27.08 -5.91 -46.63
N ASP B 25 26.49 -5.60 -45.49
CA ASP B 25 26.57 -6.43 -44.25
C ASP B 25 25.92 -7.78 -44.53
N THR B 26 24.88 -7.84 -45.37
CA THR B 26 24.12 -9.09 -45.64
C THR B 26 24.84 -9.96 -46.67
N TYR B 27 25.36 -9.35 -47.75
CA TYR B 27 25.73 -10.08 -49.00
C TYR B 27 27.21 -9.89 -49.35
N GLY B 28 27.85 -8.85 -48.80
CA GLY B 28 29.32 -8.66 -48.78
C GLY B 28 29.90 -8.06 -50.05
N ALA B 29 29.11 -7.35 -50.83
CA ALA B 29 29.46 -6.58 -52.05
C ALA B 29 28.66 -5.29 -52.01
N ALA B 30 29.03 -4.32 -52.85
CA ALA B 30 28.23 -3.09 -53.07
C ALA B 30 27.02 -3.48 -53.91
N PRO B 31 25.85 -2.83 -53.65
CA PRO B 31 24.71 -2.91 -54.54
C PRO B 31 25.04 -2.17 -55.85
N GLU B 32 24.32 -2.48 -56.90
CA GLU B 32 24.42 -1.69 -58.14
C GLU B 32 23.95 -0.26 -57.89
N GLY B 33 22.96 -0.09 -57.04
CA GLY B 33 22.48 1.24 -56.66
C GLY B 33 21.41 1.17 -55.56
N VAL B 34 20.87 2.34 -55.27
CA VAL B 34 19.78 2.50 -54.28
C VAL B 34 18.68 3.26 -54.98
N TRP B 35 17.47 2.75 -54.83
CA TRP B 35 16.27 3.43 -55.37
C TRP B 35 15.34 3.70 -54.18
N ALA B 36 14.33 4.49 -54.37
CA ALA B 36 13.35 4.63 -53.27
C ALA B 36 11.98 4.93 -53.84
N ALA B 37 10.95 4.62 -53.07
CA ALA B 37 9.58 5.03 -53.40
C ALA B 37 8.87 5.44 -52.11
N PRO B 38 8.01 6.46 -52.20
CA PRO B 38 7.31 6.94 -51.01
C PRO B 38 6.03 6.18 -50.66
N GLY B 39 5.68 6.27 -49.38
CA GLY B 39 4.30 6.06 -48.93
C GLY B 39 3.42 7.18 -49.44
N ARG B 40 2.14 7.13 -49.02
CA ARG B 40 1.17 8.11 -49.55
C ARG B 40 0.06 8.34 -48.54
N VAL B 41 -0.62 9.48 -48.63
N VAL B 41 -0.59 9.49 -48.75
CA VAL B 41 -1.95 9.58 -47.98
CA VAL B 41 -1.88 9.89 -48.11
C VAL B 41 -2.91 10.05 -49.06
C VAL B 41 -2.90 10.04 -49.22
N ASN B 42 -4.06 9.41 -49.10
CA ASN B 42 -5.17 9.79 -50.00
C ASN B 42 -5.96 10.95 -49.41
N LEU B 43 -5.94 12.11 -50.05
CA LEU B 43 -6.68 13.28 -49.53
C LEU B 43 -8.17 13.02 -49.48
N ILE B 44 -8.71 12.50 -50.55
CA ILE B 44 -10.15 12.16 -50.69
C ILE B 44 -10.32 11.21 -51.88
N GLY B 45 -11.43 10.51 -51.91
CA GLY B 45 -11.69 9.52 -52.97
C GLY B 45 -11.27 8.14 -52.53
N GLU B 46 -11.90 7.66 -51.44
CA GLU B 46 -11.60 6.42 -50.75
C GLU B 46 -12.50 5.29 -51.23
N HIS B 47 -11.91 4.12 -51.44
CA HIS B 47 -12.66 2.91 -51.91
C HIS B 47 -13.33 3.25 -53.23
N THR B 48 -12.72 4.09 -54.06
CA THR B 48 -13.23 4.40 -55.40
C THR B 48 -12.34 3.74 -56.50
N ASP B 49 -11.07 3.51 -56.24
CA ASP B 49 -10.11 3.13 -57.32
C ASP B 49 -10.59 1.86 -57.98
N TYR B 50 -10.98 0.83 -57.21
CA TYR B 50 -11.38 -0.47 -57.78
C TYR B 50 -12.77 -0.33 -58.40
N ASN B 51 -13.43 0.83 -58.23
CA ASN B 51 -14.75 1.14 -58.80
C ASN B 51 -14.63 2.06 -60.02
N ALA B 52 -13.40 2.20 -60.52
CA ALA B 52 -13.13 3.03 -61.72
C ALA B 52 -13.41 4.51 -61.40
N GLY B 53 -13.25 4.89 -60.14
CA GLY B 53 -13.63 6.25 -59.67
C GLY B 53 -12.47 7.24 -59.72
N LEU B 54 -12.56 8.26 -58.88
CA LEU B 54 -11.57 9.37 -58.83
C LEU B 54 -10.91 9.28 -57.48
N CYS B 55 -9.62 9.60 -57.44
N CYS B 55 -9.63 9.63 -57.40
CA CYS B 55 -8.77 9.61 -56.22
CA CYS B 55 -8.96 9.75 -56.10
C CYS B 55 -7.93 10.90 -56.18
C CYS B 55 -7.85 10.80 -56.19
N LEU B 56 -7.35 11.20 -55.03
CA LEU B 56 -6.52 12.44 -54.89
C LEU B 56 -5.41 12.23 -53.89
N PRO B 57 -4.44 11.35 -54.16
CA PRO B 57 -3.32 11.22 -53.22
C PRO B 57 -2.20 12.24 -53.37
N ILE B 58 -1.42 12.29 -52.31
CA ILE B 58 -0.09 12.95 -52.29
C ILE B 58 0.90 11.89 -51.83
N ALA B 59 2.13 12.03 -52.29
CA ALA B 59 3.27 11.26 -51.78
C ALA B 59 3.73 11.86 -50.45
N LEU B 60 3.98 11.02 -49.47
CA LEU B 60 4.70 11.43 -48.23
C LEU B 60 6.20 11.61 -48.50
N PRO B 61 6.88 12.43 -47.69
CA PRO B 61 8.33 12.47 -47.76
C PRO B 61 8.97 11.17 -47.26
N HIS B 62 8.25 10.41 -46.44
CA HIS B 62 8.65 9.05 -45.94
C HIS B 62 8.77 8.04 -47.08
N ARG B 63 9.95 7.44 -47.23
CA ARG B 63 10.25 6.54 -48.36
C ARG B 63 10.84 5.22 -47.88
N THR B 64 10.64 4.18 -48.70
CA THR B 64 11.32 2.89 -48.60
C THR B 64 12.52 2.93 -49.55
N PHE B 65 13.67 2.58 -49.04
CA PHE B 65 14.94 2.59 -49.85
C PHE B 65 15.32 1.15 -50.14
N ILE B 66 15.69 0.86 -51.39
CA ILE B 66 16.08 -0.52 -51.78
C ILE B 66 17.46 -0.42 -52.39
N ALA B 67 18.40 -1.12 -51.79
CA ALA B 67 19.72 -1.42 -52.38
C ALA B 67 19.57 -2.73 -53.10
N LEU B 68 19.94 -2.77 -54.40
CA LEU B 68 19.68 -3.95 -55.25
C LEU B 68 20.92 -4.23 -56.11
N LYS B 69 21.08 -5.49 -56.46
CA LYS B 69 22.05 -5.96 -57.49
C LYS B 69 21.39 -7.11 -58.23
N PRO B 70 21.41 -7.13 -59.58
CA PRO B 70 20.81 -8.20 -60.36
C PRO B 70 21.73 -9.43 -60.30
N ARG B 71 21.14 -10.62 -60.51
CA ARG B 71 21.87 -11.91 -60.50
C ARG B 71 21.77 -12.56 -61.90
N GLU B 72 22.70 -13.48 -62.20
CA GLU B 72 22.67 -14.20 -63.49
C GLU B 72 21.64 -15.33 -63.35
N ASP B 73 21.40 -15.79 -62.13
CA ASP B 73 20.44 -16.90 -61.89
C ASP B 73 19.08 -16.30 -61.60
N THR B 74 18.12 -17.17 -61.32
CA THR B 74 16.72 -16.72 -61.10
C THR B 74 16.42 -16.64 -59.59
N LYS B 75 17.45 -16.55 -58.76
N LYS B 75 17.45 -16.73 -58.74
CA LYS B 75 17.33 -16.59 -57.28
CA LYS B 75 17.30 -16.62 -57.27
C LYS B 75 17.21 -15.17 -56.76
C LYS B 75 17.02 -15.16 -56.92
N VAL B 76 16.29 -14.99 -55.83
CA VAL B 76 15.95 -13.65 -55.27
C VAL B 76 16.20 -13.77 -53.78
N ARG B 77 17.12 -12.98 -53.22
CA ARG B 77 17.31 -12.87 -51.75
C ARG B 77 16.92 -11.47 -51.34
N VAL B 78 16.10 -11.33 -50.30
CA VAL B 78 15.74 -9.98 -49.82
C VAL B 78 15.87 -10.01 -48.30
N VAL B 79 16.36 -8.90 -47.75
CA VAL B 79 16.41 -8.59 -46.29
C VAL B 79 15.78 -7.23 -46.08
N SER B 80 15.00 -7.11 -45.00
CA SER B 80 14.48 -5.82 -44.49
C SER B 80 15.13 -5.46 -43.15
N GLY B 81 15.24 -4.14 -42.94
CA GLY B 81 15.64 -3.54 -41.66
C GLY B 81 14.63 -3.76 -40.54
N VAL B 82 13.41 -4.16 -40.82
CA VAL B 82 12.48 -4.53 -39.70
C VAL B 82 13.03 -5.79 -39.03
N ALA B 83 13.73 -6.68 -39.76
CA ALA B 83 14.36 -7.89 -39.22
C ALA B 83 15.66 -8.16 -39.99
N PRO B 84 16.74 -7.42 -39.63
CA PRO B 84 17.92 -7.33 -40.51
C PRO B 84 18.84 -8.57 -40.57
N ASP B 85 18.52 -9.58 -39.77
CA ASP B 85 19.25 -10.87 -39.65
C ASP B 85 18.51 -11.94 -40.46
N LYS B 86 17.29 -11.69 -40.96
CA LYS B 86 16.40 -12.71 -41.58
C LYS B 86 16.34 -12.50 -43.10
N VAL B 87 17.05 -13.34 -43.86
CA VAL B 87 17.16 -13.23 -45.36
C VAL B 87 16.12 -14.17 -45.96
N ALA B 88 15.21 -13.67 -46.79
CA ALA B 88 14.21 -14.49 -47.52
C ALA B 88 14.73 -14.85 -48.89
N GLU B 89 14.49 -16.08 -49.31
CA GLU B 89 15.08 -16.60 -50.57
C GLU B 89 14.01 -17.36 -51.38
N ALA B 90 13.86 -17.01 -52.65
CA ALA B 90 12.92 -17.64 -53.60
C ALA B 90 13.63 -17.87 -54.93
N ASP B 91 13.05 -18.69 -55.80
CA ASP B 91 13.52 -18.95 -57.18
C ASP B 91 12.34 -18.58 -58.07
N LEU B 92 12.62 -17.65 -58.99
CA LEU B 92 11.67 -17.20 -60.01
C LEU B 92 11.43 -18.29 -61.06
N ASP B 93 12.29 -19.30 -61.19
CA ASP B 93 12.18 -20.29 -62.30
C ASP B 93 10.99 -21.22 -62.00
N GLY B 94 9.99 -21.19 -62.89
CA GLY B 94 8.70 -21.89 -62.77
C GLY B 94 7.86 -21.34 -61.62
N LEU B 95 8.16 -20.14 -61.08
CA LEU B 95 7.43 -19.64 -59.90
C LEU B 95 6.00 -19.25 -60.32
N LYS B 96 5.05 -19.58 -59.43
CA LYS B 96 3.59 -19.54 -59.69
C LYS B 96 2.99 -18.55 -58.71
N ALA B 97 1.76 -18.12 -59.00
CA ALA B 97 1.07 -17.14 -58.15
C ALA B 97 0.95 -17.75 -56.73
N ARG B 98 1.05 -16.93 -55.69
CA ARG B 98 0.94 -17.34 -54.27
C ARG B 98 2.09 -18.30 -53.90
N GLY B 99 3.16 -18.32 -54.70
CA GLY B 99 4.27 -19.28 -54.56
C GLY B 99 5.32 -18.85 -53.58
N VAL B 100 5.28 -17.60 -53.14
CA VAL B 100 6.15 -17.06 -52.03
C VAL B 100 5.23 -16.67 -50.86
N ASP B 101 5.60 -17.13 -49.66
CA ASP B 101 4.96 -16.85 -48.35
C ASP B 101 5.67 -15.66 -47.67
N GLY B 102 4.88 -14.78 -47.03
CA GLY B 102 5.37 -13.68 -46.18
C GLY B 102 5.87 -12.47 -46.98
N TRP B 103 6.59 -11.57 -46.30
CA TRP B 103 6.81 -10.18 -46.80
C TRP B 103 7.54 -10.24 -48.14
N SER B 104 8.35 -11.28 -48.34
CA SER B 104 9.28 -11.35 -49.51
C SER B 104 8.46 -11.56 -50.78
N ALA B 105 7.19 -11.99 -50.67
CA ALA B 105 6.25 -12.08 -51.80
C ALA B 105 6.21 -10.72 -52.53
N TYR B 106 6.27 -9.58 -51.83
CA TYR B 106 6.05 -8.25 -52.48
C TYR B 106 7.18 -7.97 -53.50
N PRO B 107 8.46 -7.95 -53.11
CA PRO B 107 9.52 -7.71 -54.11
C PRO B 107 9.70 -8.87 -55.09
N THR B 108 9.69 -10.10 -54.57
CA THR B 108 9.85 -11.27 -55.46
C THR B 108 8.75 -11.22 -56.53
N GLY B 109 7.51 -10.89 -56.11
CA GLY B 109 6.33 -10.80 -57.00
C GLY B 109 6.55 -9.83 -58.15
N VAL B 110 7.35 -8.78 -57.93
CA VAL B 110 7.54 -7.74 -58.95
C VAL B 110 8.34 -8.38 -60.08
N ALA B 111 9.43 -9.10 -59.73
CA ALA B 111 10.27 -9.74 -60.81
C ALA B 111 9.40 -10.75 -61.56
N TRP B 112 8.65 -11.55 -60.82
CA TRP B 112 7.71 -12.55 -61.41
C TRP B 112 6.78 -11.82 -62.38
N ALA B 113 6.15 -10.74 -61.92
CA ALA B 113 5.16 -10.02 -62.76
C ALA B 113 5.83 -9.48 -64.03
N LEU B 114 7.05 -8.91 -63.95
CA LEU B 114 7.69 -8.36 -65.17
C LEU B 114 7.99 -9.52 -66.16
N ARG B 115 8.47 -10.63 -65.63
CA ARG B 115 8.71 -11.87 -66.43
C ARG B 115 7.38 -12.37 -67.03
N GLN B 116 6.24 -12.40 -66.30
CA GLN B 116 4.97 -12.82 -66.90
C GLN B 116 4.57 -11.83 -67.97
N ALA B 117 4.96 -10.55 -67.85
CA ALA B 117 4.64 -9.53 -68.86
C ALA B 117 5.55 -9.64 -70.10
N GLY B 118 6.58 -10.49 -70.11
CA GLY B 118 7.40 -10.74 -71.30
C GLY B 118 8.74 -10.05 -71.27
N PHE B 119 9.15 -9.48 -70.15
CA PHE B 119 10.54 -8.97 -69.93
C PHE B 119 11.41 -10.16 -69.53
N ASP B 120 11.81 -10.93 -70.57
N ASP B 120 11.85 -10.91 -70.57
CA ASP B 120 12.67 -12.13 -70.47
CA ASP B 120 12.66 -12.15 -70.46
C ASP B 120 14.03 -11.75 -69.86
C ASP B 120 14.15 -11.81 -70.22
N LYS B 121 14.49 -10.52 -70.10
CA LYS B 121 15.80 -10.04 -69.55
C LYS B 121 15.81 -10.09 -67.99
N VAL B 122 14.63 -9.96 -67.34
CA VAL B 122 14.53 -9.87 -65.86
C VAL B 122 14.83 -11.24 -65.27
N LYS B 123 15.91 -11.35 -64.52
CA LYS B 123 16.30 -12.57 -63.78
C LYS B 123 16.23 -12.22 -62.29
N GLY B 124 17.17 -12.75 -61.54
CA GLY B 124 17.16 -12.71 -60.08
C GLY B 124 17.78 -11.43 -59.58
N PHE B 125 17.82 -11.29 -58.26
CA PHE B 125 18.37 -10.08 -57.61
C PHE B 125 18.54 -10.34 -56.12
N ASP B 126 19.51 -9.67 -55.53
CA ASP B 126 19.73 -9.56 -54.08
C ASP B 126 19.19 -8.17 -53.71
N ALA B 127 18.40 -8.06 -52.66
CA ALA B 127 18.03 -6.68 -52.24
C ALA B 127 18.05 -6.56 -50.73
N ALA B 128 18.28 -5.32 -50.27
CA ALA B 128 18.16 -4.88 -48.86
C ALA B 128 17.21 -3.69 -48.79
N PHE B 129 16.28 -3.71 -47.85
CA PHE B 129 15.27 -2.59 -47.66
C PHE B 129 15.47 -1.88 -46.31
N VAL B 130 15.39 -0.55 -46.35
CA VAL B 130 15.26 0.30 -45.14
C VAL B 130 14.18 1.35 -45.42
N SER B 131 13.30 1.54 -44.46
CA SER B 131 12.09 2.38 -44.65
C SER B 131 11.80 3.18 -43.38
N CYS B 132 11.09 4.28 -43.56
CA CYS B 132 10.46 5.06 -42.48
C CYS B 132 8.95 5.12 -42.77
N VAL B 133 8.42 4.31 -43.69
CA VAL B 133 6.96 4.21 -43.90
C VAL B 133 6.49 3.15 -42.94
N PRO B 134 5.67 3.53 -41.93
CA PRO B 134 5.14 2.52 -41.01
C PRO B 134 4.42 1.36 -41.76
N LEU B 135 4.64 0.14 -41.31
CA LEU B 135 4.00 -1.08 -41.86
C LEU B 135 2.54 -1.16 -41.36
N GLY B 136 1.58 -1.26 -42.27
CA GLY B 136 0.20 -1.59 -41.90
C GLY B 136 -0.53 -0.44 -41.20
N SER B 137 -0.12 0.80 -41.45
CA SER B 137 -0.71 2.04 -40.89
C SER B 137 -1.60 2.74 -41.89
N GLY B 138 -1.84 2.13 -43.05
CA GLY B 138 -2.68 2.75 -44.09
C GLY B 138 -1.93 3.80 -44.90
N LEU B 139 -0.60 3.81 -44.88
CA LEU B 139 0.21 4.83 -45.57
C LEU B 139 1.01 4.19 -46.72
N SER B 140 0.74 2.93 -47.00
N SER B 140 0.58 2.98 -47.09
CA SER B 140 1.09 2.24 -48.27
CA SER B 140 1.07 2.12 -48.19
C SER B 140 2.56 1.81 -48.25
C SER B 140 2.59 1.93 -48.16
N SER B 141 3.01 1.22 -47.13
CA SER B 141 4.35 0.56 -47.08
C SER B 141 4.40 -0.46 -48.22
N SER B 142 3.30 -1.16 -48.51
CA SER B 142 3.29 -2.19 -49.57
C SER B 142 3.64 -1.58 -50.94
N ALA B 143 3.07 -0.42 -51.35
CA ALA B 143 3.36 0.22 -52.65
C ALA B 143 4.79 0.74 -52.59
N ALA B 144 5.22 1.26 -51.44
CA ALA B 144 6.59 1.78 -51.29
C ALA B 144 7.56 0.65 -51.65
N MET B 145 7.29 -0.54 -51.17
CA MET B 145 8.20 -1.70 -51.34
C MET B 145 8.10 -2.23 -52.80
N THR B 146 6.91 -2.38 -53.34
CA THR B 146 6.70 -2.95 -54.69
C THR B 146 7.10 -1.93 -55.75
N CYS B 147 6.89 -0.64 -55.53
CA CYS B 147 7.28 0.37 -56.55
C CYS B 147 8.79 0.67 -56.49
N SER B 148 9.42 0.67 -55.30
CA SER B 148 10.91 0.78 -55.24
C SER B 148 11.57 -0.39 -55.97
N THR B 149 11.03 -1.59 -55.72
CA THR B 149 11.58 -2.81 -56.34
C THR B 149 11.40 -2.74 -57.87
N ALA B 150 10.20 -2.34 -58.33
CA ALA B 150 9.91 -2.19 -59.78
C ALA B 150 10.87 -1.19 -60.42
N LEU B 151 11.06 -0.05 -59.78
CA LEU B 151 11.95 0.97 -60.38
C LEU B 151 13.39 0.42 -60.44
N ALA B 152 13.85 -0.22 -59.39
CA ALA B 152 15.21 -0.80 -59.33
C ALA B 152 15.41 -1.79 -60.48
N LEU B 153 14.49 -2.74 -60.59
CA LEU B 153 14.55 -3.80 -61.59
C LEU B 153 14.54 -3.20 -62.97
N ASP B 154 13.68 -2.22 -63.25
CA ASP B 154 13.61 -1.55 -64.57
C ASP B 154 15.00 -0.96 -64.86
N ASP B 155 15.62 -0.40 -63.84
CA ASP B 155 16.90 0.33 -64.04
C ASP B 155 18.02 -0.69 -64.35
N VAL B 156 18.19 -1.67 -63.48
CA VAL B 156 19.35 -2.60 -63.58
C VAL B 156 19.22 -3.52 -64.81
N TYR B 157 18.01 -3.82 -65.27
CA TYR B 157 17.74 -4.68 -66.44
C TYR B 157 17.55 -3.83 -67.71
N GLY B 158 17.67 -2.47 -67.59
CA GLY B 158 17.60 -1.51 -68.72
C GLY B 158 16.31 -1.64 -69.53
N LEU B 159 15.15 -1.73 -68.87
CA LEU B 159 13.87 -2.02 -69.54
C LEU B 159 13.41 -0.74 -70.25
N GLY B 160 13.76 0.44 -69.69
CA GLY B 160 13.45 1.77 -70.25
C GLY B 160 12.13 2.39 -69.85
N TYR B 161 11.51 1.95 -68.77
CA TYR B 161 10.16 2.41 -68.34
C TYR B 161 10.23 3.42 -67.21
N GLY B 162 11.30 3.48 -66.45
CA GLY B 162 11.32 4.21 -65.16
C GLY B 162 11.47 5.73 -65.28
N ASP B 163 11.87 6.24 -66.44
N ASP B 163 11.98 6.28 -66.38
CA ASP B 163 12.30 7.65 -66.61
CA ASP B 163 12.23 7.75 -66.48
C ASP B 163 11.13 8.54 -67.10
C ASP B 163 11.17 8.47 -67.32
N SER B 164 9.94 7.99 -67.32
CA SER B 164 8.78 8.75 -67.86
C SER B 164 7.52 8.32 -67.12
N ASP B 165 6.58 9.23 -67.01
CA ASP B 165 5.23 8.97 -66.46
C ASP B 165 4.59 7.81 -67.24
N ALA B 166 4.56 7.88 -68.58
CA ALA B 166 3.86 6.84 -69.39
C ALA B 166 4.57 5.49 -69.16
N GLY B 167 5.92 5.51 -69.09
CA GLY B 167 6.70 4.27 -68.84
C GLY B 167 6.30 3.62 -67.52
N ARG B 168 6.23 4.43 -66.48
CA ARG B 168 6.05 3.95 -65.09
C ARG B 168 4.71 3.21 -64.98
N VAL B 169 3.72 3.47 -65.87
CA VAL B 169 2.46 2.68 -65.86
C VAL B 169 2.75 1.18 -66.02
N THR B 170 3.77 0.78 -66.82
CA THR B 170 4.15 -0.63 -66.91
C THR B 170 4.63 -1.16 -65.56
N LEU B 171 5.43 -0.36 -64.85
CA LEU B 171 6.02 -0.72 -63.53
C LEU B 171 4.96 -0.68 -62.42
N ILE B 172 4.06 0.30 -62.46
CA ILE B 172 2.83 0.25 -61.60
C ILE B 172 2.04 -1.07 -61.79
N ASN B 173 1.86 -1.51 -63.04
CA ASN B 173 1.06 -2.69 -63.32
C ASN B 173 1.79 -3.87 -62.68
N ALA B 174 3.11 -3.97 -62.78
CA ALA B 174 3.83 -5.14 -62.23
C ALA B 174 3.78 -5.09 -60.71
N ALA B 175 3.81 -3.89 -60.11
CA ALA B 175 3.71 -3.74 -58.64
C ALA B 175 2.29 -4.13 -58.17
N ILE B 176 1.25 -3.72 -58.90
CA ILE B 176 -0.15 -4.12 -58.57
C ILE B 176 -0.24 -5.63 -58.71
N LYS B 177 0.41 -6.20 -59.75
CA LYS B 177 0.19 -7.67 -59.99
C LYS B 177 0.92 -8.46 -58.89
N SER B 178 2.06 -7.96 -58.43
CA SER B 178 2.81 -8.65 -57.38
C SER B 178 1.92 -8.74 -56.16
N GLU B 179 1.38 -7.57 -55.77
CA GLU B 179 0.58 -7.42 -54.54
C GLU B 179 -0.68 -8.32 -54.60
N ASN B 180 -1.44 -8.25 -55.69
CA ASN B 180 -2.71 -9.02 -55.91
C ASN B 180 -2.39 -10.51 -56.09
N GLU B 181 -1.50 -10.87 -57.00
CA GLU B 181 -1.34 -12.30 -57.42
C GLU B 181 -0.22 -13.00 -56.66
N MET B 182 0.87 -12.35 -56.25
CA MET B 182 1.90 -13.09 -55.48
C MET B 182 1.57 -12.99 -53.98
N ALA B 183 1.35 -11.78 -53.50
CA ALA B 183 1.16 -11.51 -52.05
C ALA B 183 -0.27 -11.92 -51.61
N GLY B 184 -1.21 -11.92 -52.56
CA GLY B 184 -2.61 -12.30 -52.32
C GLY B 184 -3.39 -11.22 -51.62
N ALA B 185 -2.88 -10.00 -51.64
CA ALA B 185 -3.44 -8.79 -51.01
C ALA B 185 -4.03 -7.90 -52.09
N SER B 186 -5.36 -7.89 -52.24
CA SER B 186 -6.15 -7.09 -53.21
C SER B 186 -5.83 -5.60 -53.07
N THR B 187 -5.37 -4.95 -54.16
N THR B 187 -5.42 -4.95 -54.16
CA THR B 187 -5.20 -3.48 -54.30
CA THR B 187 -5.24 -3.47 -54.27
C THR B 187 -5.85 -2.99 -55.61
C THR B 187 -5.94 -3.02 -55.56
N GLY B 188 -6.40 -1.77 -55.61
CA GLY B 188 -7.13 -1.23 -56.77
C GLY B 188 -6.39 -0.17 -57.62
N GLY B 189 -5.15 0.15 -57.26
CA GLY B 189 -4.16 0.93 -58.06
C GLY B 189 -3.79 2.29 -57.46
N LEU B 190 -4.57 2.83 -56.53
CA LEU B 190 -4.34 4.18 -55.94
C LEU B 190 -2.90 4.25 -55.49
N ASP B 191 -2.47 3.29 -54.67
CA ASP B 191 -1.20 3.44 -53.90
C ASP B 191 -0.01 3.46 -54.87
N GLN B 192 -0.02 2.59 -55.89
CA GLN B 192 1.16 2.46 -56.82
C GLN B 192 1.20 3.68 -57.77
N ASN B 193 0.05 4.21 -58.18
CA ASN B 193 0.02 5.43 -59.02
C ASN B 193 0.56 6.61 -58.18
N ALA B 194 0.13 6.74 -56.93
CA ALA B 194 0.66 7.80 -56.03
C ALA B 194 2.17 7.68 -55.92
N SER B 195 2.67 6.49 -55.63
CA SER B 195 4.08 6.29 -55.25
C SER B 195 4.97 6.60 -56.48
N MET B 196 4.47 6.31 -57.67
N MET B 196 4.48 6.33 -57.68
CA MET B 196 5.24 6.46 -58.93
CA MET B 196 5.28 6.48 -58.91
C MET B 196 4.98 7.78 -59.68
C MET B 196 4.93 7.71 -59.77
N ARG B 197 3.82 8.42 -59.50
CA ARG B 197 3.40 9.51 -60.41
C ARG B 197 3.17 10.82 -59.70
N CYS B 198 3.08 10.83 -58.35
CA CYS B 198 2.87 12.12 -57.68
C CYS B 198 4.05 13.05 -57.96
N THR B 199 3.85 14.36 -57.78
CA THR B 199 4.93 15.38 -57.83
C THR B 199 4.94 16.23 -56.57
N GLU B 200 6.12 16.80 -56.28
CA GLU B 200 6.35 17.73 -55.13
C GLU B 200 5.32 18.87 -55.25
N GLY B 201 4.64 19.14 -54.16
CA GLY B 201 3.74 20.30 -54.04
C GLY B 201 2.44 20.12 -54.82
N HIS B 202 2.12 18.88 -55.22
CA HIS B 202 0.87 18.64 -55.94
C HIS B 202 0.24 17.33 -55.47
N ALA B 203 -1.09 17.30 -55.59
CA ALA B 203 -1.92 16.10 -55.47
C ALA B 203 -2.23 15.57 -56.86
N LEU B 204 -2.35 14.26 -56.88
CA LEU B 204 -2.54 13.54 -58.14
C LEU B 204 -4.03 13.27 -58.31
N LEU B 205 -4.69 14.04 -59.16
CA LEU B 205 -6.13 13.72 -59.50
C LEU B 205 -6.10 12.56 -60.47
N LEU B 206 -6.34 11.35 -59.93
CA LEU B 206 -6.28 10.08 -60.67
C LEU B 206 -7.68 9.56 -61.01
N ASP B 207 -7.90 9.39 -62.30
CA ASP B 207 -9.14 8.88 -62.92
C ASP B 207 -8.92 7.39 -63.25
N CYS B 208 -9.57 6.51 -62.54
CA CYS B 208 -9.24 5.06 -62.54
C CYS B 208 -10.09 4.32 -63.60
N ARG B 209 -10.77 5.00 -64.49
CA ARG B 209 -11.44 4.31 -65.63
C ARG B 209 -10.38 3.52 -66.42
N PRO B 210 -10.54 2.20 -66.54
CA PRO B 210 -9.46 1.31 -66.97
C PRO B 210 -9.03 1.60 -68.42
N GLU B 211 -9.94 2.13 -69.22
CA GLU B 211 -9.68 2.33 -70.67
C GLU B 211 -8.89 3.62 -70.93
N LEU B 212 -8.68 4.46 -69.94
CA LEU B 212 -7.92 5.74 -70.13
C LEU B 212 -6.42 5.45 -70.34
N THR B 213 -5.80 6.27 -71.15
CA THR B 213 -4.35 6.22 -71.36
C THR B 213 -3.65 6.97 -70.22
N PRO B 214 -2.34 6.75 -69.99
CA PRO B 214 -1.58 7.53 -69.02
C PRO B 214 -1.61 9.05 -69.25
N LEU B 215 -1.71 9.50 -70.51
CA LEU B 215 -1.80 10.94 -70.86
C LEU B 215 -3.18 11.50 -70.42
N GLU B 216 -4.19 10.67 -70.21
CA GLU B 216 -5.60 11.12 -70.06
C GLU B 216 -6.02 11.02 -68.58
N ASN B 217 -5.29 10.26 -67.77
CA ASN B 217 -5.86 9.80 -66.46
C ASN B 217 -5.31 10.48 -65.22
N VAL B 218 -4.44 11.46 -65.37
CA VAL B 218 -3.88 12.22 -64.21
C VAL B 218 -3.91 13.71 -64.52
N SER B 219 -4.19 14.48 -63.50
CA SER B 219 -3.88 15.93 -63.49
C SER B 219 -3.23 16.26 -62.17
N GLN B 220 -2.20 17.07 -62.25
CA GLN B 220 -1.43 17.52 -61.08
C GLN B 220 -2.18 18.73 -60.51
N GLN B 221 -2.64 18.62 -59.29
CA GLN B 221 -3.36 19.72 -58.63
C GLN B 221 -2.46 20.39 -57.60
N GLU B 222 -2.26 21.70 -57.69
CA GLU B 222 -1.46 22.36 -56.69
C GLU B 222 -2.06 22.10 -55.30
N PHE B 223 -1.19 21.80 -54.38
CA PHE B 223 -1.53 21.51 -52.99
C PHE B 223 -0.52 22.19 -52.08
N ASP B 224 -0.51 23.52 -52.21
CA ASP B 224 0.43 24.42 -51.47
C ASP B 224 -0.20 24.83 -50.13
N LEU B 225 -0.07 24.02 -49.08
N LEU B 225 -0.08 23.97 -49.12
CA LEU B 225 -0.68 24.35 -47.75
CA LEU B 225 -0.54 24.24 -47.73
C LEU B 225 0.06 25.53 -47.09
C LEU B 225 0.03 25.58 -47.24
N ASP B 226 1.33 25.81 -47.44
CA ASP B 226 2.02 27.03 -46.91
C ASP B 226 1.32 28.29 -47.42
N LYS B 227 0.95 28.33 -48.70
CA LYS B 227 0.16 29.42 -49.34
C LYS B 227 -0.91 29.93 -48.36
N TYR B 228 -1.63 29.00 -47.74
CA TYR B 228 -2.88 29.25 -47.00
C TYR B 228 -2.60 29.22 -45.49
N ASN B 229 -1.32 29.16 -45.06
CA ASN B 229 -0.95 29.05 -43.61
C ASN B 229 -1.67 27.83 -43.03
N LEU B 230 -1.59 26.75 -43.77
CA LEU B 230 -2.17 25.46 -43.34
C LEU B 230 -1.07 24.42 -43.20
N GLU B 231 -1.40 23.30 -42.55
N GLU B 231 -1.48 23.34 -42.55
CA GLU B 231 -0.53 22.12 -42.33
CA GLU B 231 -0.75 22.11 -42.21
C GLU B 231 -1.44 20.87 -42.38
C GLU B 231 -1.65 20.93 -42.63
N LEU B 232 -1.07 19.85 -43.13
CA LEU B 232 -1.76 18.54 -43.12
C LEU B 232 -1.22 17.71 -41.97
N LEU B 233 -1.99 17.54 -40.90
CA LEU B 233 -1.68 16.61 -39.79
C LEU B 233 -2.00 15.20 -40.26
N VAL B 234 -1.04 14.29 -40.11
CA VAL B 234 -1.26 12.85 -40.34
C VAL B 234 -0.98 12.16 -39.02
N VAL B 235 -1.90 11.32 -38.57
CA VAL B 235 -1.77 10.57 -37.30
C VAL B 235 -2.04 9.09 -37.58
N ASP B 236 -1.05 8.27 -37.36
CA ASP B 236 -1.16 6.81 -37.29
C ASP B 236 -1.77 6.42 -35.95
N THR B 237 -3.01 5.88 -35.97
CA THR B 237 -3.66 5.50 -34.72
C THR B 237 -2.91 4.37 -33.99
N GLN B 238 -2.11 3.56 -34.70
CA GLN B 238 -1.53 2.29 -34.17
C GLN B 238 -2.65 1.39 -33.59
N ALA B 239 -3.91 1.54 -34.08
CA ALA B 239 -5.00 0.60 -33.71
C ALA B 239 -4.59 -0.81 -34.10
N PRO B 240 -4.93 -1.82 -33.27
CA PRO B 240 -4.55 -3.19 -33.54
C PRO B 240 -5.08 -3.67 -34.91
N HIS B 241 -4.27 -4.49 -35.60
CA HIS B 241 -4.52 -5.21 -36.88
C HIS B 241 -5.46 -6.41 -36.62
N GLN B 242 -6.66 -6.42 -37.20
CA GLN B 242 -7.67 -7.51 -36.99
C GLN B 242 -7.48 -8.63 -38.03
N GLY B 246 -10.44 -10.20 -44.28
CA GLY B 246 -10.98 -10.09 -45.66
C GLY B 246 -12.18 -9.16 -45.78
N GLN B 247 -12.29 -8.12 -44.94
CA GLN B 247 -13.40 -7.13 -45.05
C GLN B 247 -13.20 -6.29 -46.32
N TYR B 248 -11.94 -5.93 -46.63
CA TYR B 248 -11.58 -5.14 -47.85
C TYR B 248 -12.07 -5.95 -49.06
N ALA B 249 -11.75 -7.25 -49.09
CA ALA B 249 -12.17 -8.14 -50.21
C ALA B 249 -13.72 -8.20 -50.34
N GLN B 250 -14.46 -8.31 -49.22
CA GLN B 250 -15.96 -8.29 -49.14
C GLN B 250 -16.51 -6.99 -49.74
N ARG B 251 -15.90 -5.86 -49.39
CA ARG B 251 -16.34 -4.56 -49.93
C ARG B 251 -16.18 -4.60 -51.45
N ARG B 252 -15.05 -5.10 -51.93
CA ARG B 252 -14.78 -5.17 -53.38
C ARG B 252 -15.83 -6.12 -54.00
N ALA B 253 -16.08 -7.26 -53.40
CA ALA B 253 -17.07 -8.25 -53.87
C ALA B 253 -18.48 -7.61 -53.88
N THR B 254 -18.85 -6.82 -52.86
CA THR B 254 -20.19 -6.19 -52.83
C THR B 254 -20.34 -5.19 -53.98
N CYS B 255 -19.28 -4.40 -54.29
CA CYS B 255 -19.38 -3.42 -55.36
C CYS B 255 -19.46 -4.12 -56.72
N GLU B 256 -18.79 -5.26 -56.88
CA GLU B 256 -18.76 -5.98 -58.18
C GLU B 256 -20.15 -6.56 -58.42
N GLU B 257 -20.76 -7.10 -57.37
CA GLU B 257 -22.14 -7.64 -57.46
C GLU B 257 -23.15 -6.51 -57.76
N ALA B 258 -22.97 -5.33 -57.18
CA ALA B 258 -23.88 -4.18 -57.39
C ALA B 258 -23.81 -3.80 -58.87
N ALA B 259 -22.58 -3.73 -59.41
CA ALA B 259 -22.34 -3.41 -60.84
C ALA B 259 -23.04 -4.44 -61.72
N LYS B 260 -22.90 -5.72 -61.38
CA LYS B 260 -23.54 -6.82 -62.12
C LYS B 260 -25.07 -6.66 -62.09
N ILE B 261 -25.63 -6.39 -60.91
CA ILE B 261 -27.09 -6.20 -60.80
C ILE B 261 -27.53 -5.02 -61.67
N LEU B 262 -26.78 -3.92 -61.64
CA LEU B 262 -27.12 -2.68 -62.37
C LEU B 262 -26.82 -2.78 -63.87
N GLY B 263 -26.17 -3.88 -64.30
CA GLY B 263 -25.84 -4.11 -65.73
C GLY B 263 -24.79 -3.14 -66.24
N VAL B 264 -23.81 -2.84 -65.42
CA VAL B 264 -22.72 -1.87 -65.79
C VAL B 264 -21.36 -2.52 -65.52
N ALA B 265 -20.34 -2.05 -66.21
CA ALA B 265 -18.97 -2.60 -66.09
C ALA B 265 -18.38 -2.31 -64.71
N ASN B 266 -18.75 -1.15 -64.16
CA ASN B 266 -18.19 -0.60 -62.91
C ASN B 266 -19.07 0.54 -62.40
N LEU B 267 -18.96 0.81 -61.13
CA LEU B 267 -19.91 1.75 -60.48
C LEU B 267 -19.62 3.20 -60.93
N ARG B 268 -18.53 3.46 -61.63
CA ARG B 268 -18.31 4.83 -62.16
C ARG B 268 -19.36 5.13 -63.22
N VAL B 269 -19.76 4.10 -64.00
CA VAL B 269 -20.80 4.32 -65.01
C VAL B 269 -22.05 4.84 -64.26
N THR B 270 -22.45 4.11 -63.22
CA THR B 270 -23.58 4.46 -62.34
C THR B 270 -23.42 5.93 -61.83
N ALA B 271 -22.31 6.17 -61.13
CA ALA B 271 -21.98 7.46 -60.47
C ALA B 271 -22.04 8.61 -61.47
N ASP B 272 -21.48 8.44 -62.67
CA ASP B 272 -21.52 9.49 -63.69
C ASP B 272 -22.97 9.81 -64.08
N GLY B 273 -23.78 8.77 -64.33
CA GLY B 273 -25.19 9.01 -64.69
C GLY B 273 -25.92 9.80 -63.62
N ILE B 274 -25.70 9.45 -62.35
CA ILE B 274 -26.33 10.17 -61.21
C ILE B 274 -25.85 11.63 -61.20
N SER B 275 -24.53 11.81 -61.24
CA SER B 275 -23.85 13.15 -61.22
C SER B 275 -24.50 14.06 -62.28
N LYS B 276 -24.71 13.57 -63.53
CA LYS B 276 -25.18 14.36 -64.70
C LYS B 276 -26.69 14.57 -64.65
N ALA B 277 -27.43 13.88 -63.75
CA ALA B 277 -28.88 14.09 -63.62
C ALA B 277 -29.15 15.49 -63.04
N ASP B 278 -30.28 16.13 -63.42
CA ASP B 278 -30.69 17.40 -62.81
C ASP B 278 -31.12 17.12 -61.38
N ASP B 279 -31.87 16.03 -61.20
CA ASP B 279 -32.32 15.60 -59.84
C ASP B 279 -31.43 14.44 -59.40
N GLN B 280 -30.31 14.78 -58.78
CA GLN B 280 -29.31 13.77 -58.33
C GLN B 280 -29.92 12.88 -57.23
N PHE B 281 -30.77 13.42 -56.40
CA PHE B 281 -31.39 12.64 -55.30
C PHE B 281 -32.23 11.55 -55.96
N GLN B 282 -33.04 11.94 -56.95
CA GLN B 282 -33.94 10.92 -57.55
C GLN B 282 -33.11 9.86 -58.28
N ALA B 283 -32.10 10.27 -59.01
CA ALA B 283 -31.22 9.33 -59.76
C ALA B 283 -30.57 8.33 -58.78
N LEU B 284 -30.07 8.79 -57.59
CA LEU B 284 -29.54 7.88 -56.60
C LEU B 284 -30.64 6.89 -56.16
N LYS B 285 -31.81 7.44 -55.81
CA LYS B 285 -32.87 6.64 -55.22
C LYS B 285 -33.27 5.52 -56.22
N GLU B 286 -33.35 5.83 -57.51
CA GLU B 286 -33.74 4.82 -58.51
C GLU B 286 -32.62 3.77 -58.65
N THR B 287 -31.40 4.15 -58.46
CA THR B 287 -30.27 3.20 -58.45
C THR B 287 -30.35 2.29 -57.23
N LEU B 288 -30.49 2.86 -56.00
CA LEU B 288 -30.50 2.03 -54.77
C LEU B 288 -31.75 1.11 -54.84
N ASP B 289 -32.88 1.55 -55.42
CA ASP B 289 -34.10 0.72 -55.45
C ASP B 289 -33.90 -0.55 -56.26
N ALA B 290 -32.92 -0.56 -57.16
CA ALA B 290 -32.67 -1.76 -58.00
C ALA B 290 -31.82 -2.78 -57.21
N LEU B 291 -31.36 -2.46 -56.01
CA LEU B 291 -30.39 -3.34 -55.28
C LEU B 291 -31.13 -4.13 -54.19
N PRO B 292 -30.78 -5.43 -53.95
CA PRO B 292 -31.62 -6.37 -53.24
C PRO B 292 -31.48 -6.31 -51.71
N ASP B 293 -30.48 -5.60 -51.19
CA ASP B 293 -30.19 -5.56 -49.74
C ASP B 293 -29.63 -4.21 -49.32
N GLU B 294 -29.91 -3.91 -48.06
CA GLU B 294 -29.65 -2.59 -47.49
C GLU B 294 -28.15 -2.34 -47.36
N THR B 295 -27.33 -3.37 -47.15
CA THR B 295 -25.89 -3.15 -46.97
C THR B 295 -25.31 -2.72 -48.33
N MET B 296 -25.69 -3.38 -49.40
N MET B 296 -25.69 -3.41 -49.39
CA MET B 296 -25.19 -3.05 -50.77
CA MET B 296 -25.27 -3.09 -50.79
C MET B 296 -25.64 -1.65 -51.18
C MET B 296 -25.63 -1.65 -51.14
N LYS B 297 -26.83 -1.20 -50.76
CA LYS B 297 -27.27 0.19 -51.00
C LYS B 297 -26.29 1.14 -50.31
N LYS B 298 -25.92 0.89 -49.05
CA LYS B 298 -25.00 1.80 -48.33
C LYS B 298 -23.65 1.85 -49.09
N ARG B 299 -23.16 0.72 -49.56
CA ARG B 299 -21.84 0.69 -50.24
C ARG B 299 -21.91 1.53 -51.53
N VAL B 300 -22.96 1.35 -52.32
CA VAL B 300 -23.13 2.09 -53.59
C VAL B 300 -23.25 3.59 -53.23
N ARG B 301 -24.01 3.95 -52.18
CA ARG B 301 -24.17 5.39 -51.90
C ARG B 301 -22.82 6.02 -51.56
N HIS B 302 -22.00 5.33 -50.81
CA HIS B 302 -20.66 5.82 -50.50
C HIS B 302 -19.96 6.09 -51.83
N VAL B 303 -19.87 5.09 -52.71
CA VAL B 303 -18.98 5.19 -53.90
C VAL B 303 -19.46 6.35 -54.77
N VAL B 304 -20.76 6.50 -54.94
CA VAL B 304 -21.32 7.54 -55.82
C VAL B 304 -20.99 8.91 -55.22
N THR B 305 -21.29 9.09 -53.93
CA THR B 305 -21.12 10.43 -53.34
C THR B 305 -19.63 10.71 -53.16
N GLU B 306 -18.80 9.67 -52.96
CA GLU B 306 -17.35 9.88 -52.75
C GLU B 306 -16.73 10.36 -54.08
N ILE B 307 -17.16 9.83 -55.20
CA ILE B 307 -16.54 10.25 -56.50
C ILE B 307 -16.85 11.74 -56.74
N GLU B 308 -18.11 12.13 -56.46
CA GLU B 308 -18.56 13.54 -56.63
C GLU B 308 -17.77 14.41 -55.65
N ARG B 309 -17.61 13.99 -54.38
CA ARG B 309 -16.81 14.73 -53.36
C ARG B 309 -15.36 15.01 -53.85
N VAL B 310 -14.72 14.10 -54.58
CA VAL B 310 -13.40 14.39 -55.17
C VAL B 310 -13.51 15.59 -56.13
N ARG B 311 -14.47 15.64 -57.05
CA ARG B 311 -14.65 16.77 -57.97
C ARG B 311 -14.85 18.04 -57.12
N SER B 312 -15.65 17.94 -56.06
CA SER B 312 -16.02 19.14 -55.28
C SER B 312 -14.75 19.63 -54.55
N PHE B 313 -13.96 18.73 -53.99
CA PHE B 313 -12.70 19.06 -53.29
C PHE B 313 -11.66 19.71 -54.21
N VAL B 314 -11.46 19.22 -55.43
N VAL B 314 -11.44 19.15 -55.39
CA VAL B 314 -10.45 19.83 -56.34
CA VAL B 314 -10.54 19.76 -56.41
C VAL B 314 -10.94 21.23 -56.77
C VAL B 314 -10.97 21.23 -56.59
N ARG B 315 -12.26 21.47 -56.86
CA ARG B 315 -12.77 22.83 -57.17
C ARG B 315 -12.60 23.75 -55.96
N ALA B 316 -12.97 23.28 -54.76
CA ALA B 316 -12.93 24.12 -53.54
C ALA B 316 -11.49 24.45 -53.22
N PHE B 317 -10.59 23.50 -53.26
CA PHE B 317 -9.15 23.79 -52.93
C PHE B 317 -8.53 24.71 -54.00
N ALA B 318 -8.91 24.57 -55.24
CA ALA B 318 -8.36 25.39 -56.33
C ALA B 318 -8.82 26.84 -56.14
N GLN B 319 -10.00 27.06 -55.54
CA GLN B 319 -10.60 28.40 -55.27
C GLN B 319 -10.09 28.93 -53.91
N GLY B 320 -9.29 28.13 -53.18
CA GLY B 320 -8.82 28.52 -51.84
C GLY B 320 -9.95 28.59 -50.81
N ASP B 321 -11.03 27.86 -51.07
CA ASP B 321 -12.15 27.72 -50.10
C ASP B 321 -11.82 26.59 -49.13
N ILE B 322 -11.01 26.92 -48.12
CA ILE B 322 -10.47 25.91 -47.18
C ILE B 322 -11.62 25.39 -46.29
N LYS B 323 -12.59 26.23 -45.93
CA LYS B 323 -13.67 25.68 -45.05
C LYS B 323 -14.43 24.61 -45.88
N ALA B 324 -14.73 24.88 -47.17
CA ALA B 324 -15.52 23.94 -47.99
C ALA B 324 -14.67 22.68 -48.21
N ALA B 325 -13.34 22.82 -48.41
CA ALA B 325 -12.44 21.64 -48.58
C ALA B 325 -12.49 20.79 -47.30
N GLY B 326 -12.46 21.45 -46.14
CA GLY B 326 -12.54 20.76 -44.85
C GLY B 326 -13.86 20.03 -44.72
N ARG B 327 -14.98 20.66 -45.08
CA ARG B 327 -16.34 20.01 -44.98
C ARG B 327 -16.38 18.76 -45.85
N LEU B 328 -15.64 18.76 -46.99
CA LEU B 328 -15.64 17.58 -47.90
C LEU B 328 -14.81 16.45 -47.26
N PHE B 329 -13.69 16.77 -46.60
CA PHE B 329 -12.97 15.79 -45.76
C PHE B 329 -13.95 15.16 -44.77
N ASN B 330 -14.74 16.02 -44.11
CA ASN B 330 -15.60 15.48 -43.02
C ASN B 330 -16.67 14.53 -43.61
N ALA B 331 -17.25 14.93 -44.74
CA ALA B 331 -18.33 14.18 -45.40
C ALA B 331 -17.79 12.84 -45.93
N SER B 332 -16.56 12.80 -46.48
CA SER B 332 -15.88 11.54 -46.84
C SER B 332 -15.81 10.61 -45.62
N HIS B 333 -15.15 11.04 -44.56
CA HIS B 333 -15.07 10.28 -43.29
C HIS B 333 -16.44 9.78 -42.85
N ASP B 334 -17.44 10.66 -42.80
CA ASP B 334 -18.75 10.24 -42.23
C ASP B 334 -19.38 9.18 -43.11
N SER B 335 -19.19 9.27 -44.44
CA SER B 335 -19.67 8.23 -45.39
C SER B 335 -18.93 6.91 -45.14
N LEU B 336 -17.62 6.95 -44.95
CA LEU B 336 -16.79 5.74 -44.73
C LEU B 336 -17.20 5.07 -43.41
N ALA B 337 -17.56 5.87 -42.40
CA ALA B 337 -18.02 5.38 -41.08
C ALA B 337 -19.41 4.73 -41.21
N ALA B 338 -20.38 5.45 -41.77
CA ALA B 338 -21.81 5.10 -41.70
C ALA B 338 -22.26 4.19 -42.86
N ASP B 339 -21.80 4.43 -44.07
CA ASP B 339 -22.27 3.74 -45.29
C ASP B 339 -21.23 2.68 -45.74
N TYR B 340 -19.93 2.97 -45.68
CA TYR B 340 -18.93 1.93 -46.05
C TYR B 340 -18.53 1.04 -44.87
N GLU B 341 -18.75 1.51 -43.65
CA GLU B 341 -18.48 0.74 -42.42
C GLU B 341 -17.04 0.20 -42.47
N VAL B 342 -16.06 1.09 -42.68
CA VAL B 342 -14.62 0.69 -42.65
C VAL B 342 -13.89 1.52 -41.58
N THR B 343 -14.61 2.18 -40.67
CA THR B 343 -13.93 2.79 -39.51
C THR B 343 -13.92 1.89 -38.28
N VAL B 344 -13.03 2.24 -37.39
CA VAL B 344 -12.95 1.69 -36.01
C VAL B 344 -12.87 2.86 -35.01
N PRO B 345 -13.14 2.60 -33.73
CA PRO B 345 -13.15 3.66 -32.74
C PRO B 345 -11.88 4.52 -32.77
N GLU B 346 -10.68 3.94 -32.97
CA GLU B 346 -9.44 4.78 -32.87
C GLU B 346 -9.54 5.83 -34.00
N LEU B 347 -10.07 5.46 -35.17
CA LEU B 347 -10.20 6.42 -36.29
C LEU B 347 -11.27 7.46 -35.97
N ASP B 348 -12.41 7.06 -35.44
CA ASP B 348 -13.56 8.00 -35.33
C ASP B 348 -13.26 8.99 -34.19
N ILE B 349 -12.60 8.54 -33.13
CA ILE B 349 -12.30 9.41 -31.93
C ILE B 349 -11.15 10.35 -32.30
N ALA B 350 -10.10 9.84 -33.04
CA ALA B 350 -9.03 10.76 -33.49
C ALA B 350 -9.66 11.89 -34.32
N VAL B 351 -10.56 11.55 -35.26
CA VAL B 351 -11.19 12.55 -36.15
C VAL B 351 -12.06 13.50 -35.31
N ASP B 352 -12.77 13.00 -34.33
CA ASP B 352 -13.62 13.87 -33.45
C ASP B 352 -12.72 14.86 -32.64
N VAL B 353 -11.57 14.40 -32.16
CA VAL B 353 -10.66 15.27 -31.36
C VAL B 353 -10.17 16.35 -32.34
N ALA B 354 -9.75 15.97 -33.57
CA ALA B 354 -9.30 16.99 -34.53
C ALA B 354 -10.44 18.00 -34.78
N ARG B 355 -11.66 17.56 -35.15
CA ARG B 355 -12.80 18.47 -35.44
C ARG B 355 -13.06 19.41 -34.24
N LYS B 356 -12.99 18.91 -33.00
CA LYS B 356 -13.38 19.68 -31.82
C LYS B 356 -12.24 20.64 -31.45
N ASN B 357 -11.05 20.49 -32.04
CA ASN B 357 -9.86 21.31 -31.66
C ASN B 357 -9.40 22.13 -32.85
N GLY B 358 -10.33 22.41 -33.75
CA GLY B 358 -10.19 23.51 -34.72
C GLY B 358 -9.75 23.05 -36.08
N ALA B 359 -9.66 21.76 -36.33
CA ALA B 359 -9.43 21.28 -37.71
C ALA B 359 -10.52 21.74 -38.69
N TYR B 360 -10.13 22.15 -39.91
CA TYR B 360 -11.11 22.55 -40.95
C TYR B 360 -11.85 21.29 -41.39
N GLY B 361 -11.14 20.18 -41.43
CA GLY B 361 -11.79 18.88 -41.57
C GLY B 361 -10.83 17.75 -41.34
N ALA B 362 -11.39 16.54 -41.13
CA ALA B 362 -10.54 15.43 -40.70
C ALA B 362 -11.20 14.12 -41.10
N ARG B 363 -10.40 13.18 -41.54
CA ARG B 363 -10.91 11.90 -42.12
C ARG B 363 -9.89 10.80 -41.96
N MET B 364 -10.35 9.54 -41.85
CA MET B 364 -9.45 8.38 -42.06
C MET B 364 -8.94 8.51 -43.50
N THR B 365 -7.80 7.89 -43.77
CA THR B 365 -7.19 7.80 -45.11
C THR B 365 -6.86 6.32 -45.35
N GLY B 366 -6.80 5.89 -46.59
CA GLY B 366 -6.51 4.49 -46.94
C GLY B 366 -7.73 3.59 -46.86
N GLY B 367 -7.51 2.29 -46.70
CA GLY B 367 -8.57 1.27 -46.79
C GLY B 367 -9.45 1.23 -45.55
N GLY B 368 -8.90 1.60 -44.41
CA GLY B 368 -9.61 1.60 -43.13
C GLY B 368 -9.34 0.36 -42.26
N PHE B 369 -10.30 0.10 -41.35
CA PHE B 369 -10.29 -1.00 -40.33
C PHE B 369 -9.15 -0.81 -39.32
N GLY B 370 -8.60 0.40 -39.31
CA GLY B 370 -7.39 0.78 -38.56
C GLY B 370 -6.64 1.83 -39.34
N GLY B 371 -5.38 2.06 -38.98
CA GLY B 371 -4.51 2.94 -39.76
C GLY B 371 -4.59 4.38 -39.31
N SER B 372 -4.56 5.26 -40.30
CA SER B 372 -4.20 6.69 -40.11
C SER B 372 -5.38 7.61 -40.41
N ILE B 373 -5.33 8.80 -39.83
CA ILE B 373 -6.25 9.90 -40.14
C ILE B 373 -5.41 11.07 -40.66
N ILE B 374 -6.09 11.97 -41.30
CA ILE B 374 -5.47 13.22 -41.79
C ILE B 374 -6.37 14.34 -41.39
N ALA B 375 -5.82 15.55 -41.24
CA ALA B 375 -6.65 16.71 -40.93
C ALA B 375 -6.02 17.96 -41.53
N LEU B 376 -6.84 18.83 -42.07
CA LEU B 376 -6.40 20.17 -42.51
C LEU B 376 -6.52 21.09 -41.31
N VAL B 377 -5.40 21.67 -40.91
CA VAL B 377 -5.28 22.49 -39.68
C VAL B 377 -4.50 23.77 -39.97
N ASP B 378 -4.66 24.76 -39.11
CA ASP B 378 -3.83 26.00 -39.18
C ASP B 378 -2.36 25.61 -39.00
N LYS B 379 -1.48 26.19 -39.80
CA LYS B 379 -0.02 25.93 -39.68
C LYS B 379 0.39 26.17 -38.23
N GLY B 380 1.08 25.21 -37.63
CA GLY B 380 1.60 25.25 -36.25
C GLY B 380 0.60 24.73 -35.22
N GLN B 381 -0.56 24.19 -35.64
CA GLN B 381 -1.54 23.58 -34.69
C GLN B 381 -1.47 22.06 -34.71
N GLY B 382 -0.78 21.51 -35.69
CA GLY B 382 -0.68 20.03 -35.80
C GLY B 382 -0.13 19.35 -34.55
N HIS B 383 0.96 19.86 -33.94
CA HIS B 383 1.58 19.19 -32.77
C HIS B 383 0.58 19.21 -31.62
N GLU B 384 -0.12 20.34 -31.45
CA GLU B 384 -1.08 20.49 -30.31
C GLU B 384 -2.25 19.50 -30.51
N ILE B 385 -2.74 19.38 -31.75
CA ILE B 385 -3.85 18.45 -32.05
C ILE B 385 -3.39 17.00 -31.90
N ALA B 386 -2.21 16.63 -32.39
CA ALA B 386 -1.69 15.27 -32.23
C ALA B 386 -1.59 14.95 -30.74
N GLN B 387 -1.15 15.89 -29.92
CA GLN B 387 -1.04 15.68 -28.46
C GLN B 387 -2.40 15.46 -27.81
N LYS B 388 -3.40 16.27 -28.19
N LYS B 388 -3.41 16.22 -28.23
CA LYS B 388 -4.81 16.08 -27.74
CA LYS B 388 -4.82 16.07 -27.71
C LYS B 388 -5.24 14.64 -28.06
C LYS B 388 -5.40 14.71 -28.13
N ILE B 389 -5.00 14.20 -29.30
CA ILE B 389 -5.38 12.83 -29.74
C ILE B 389 -4.72 11.79 -28.83
N ALA B 390 -3.38 11.85 -28.68
CA ALA B 390 -2.61 10.94 -27.82
C ALA B 390 -3.19 10.90 -26.39
N ASP B 391 -3.47 12.07 -25.81
CA ASP B 391 -3.99 12.22 -24.42
C ASP B 391 -5.40 11.57 -24.37
N ARG B 392 -6.24 11.84 -25.37
CA ARG B 392 -7.55 11.19 -25.47
C ARG B 392 -7.38 9.68 -25.53
N PHE B 393 -6.45 9.22 -26.37
CA PHE B 393 -6.23 7.78 -26.51
C PHE B 393 -5.80 7.11 -25.19
N GLU B 394 -4.92 7.75 -24.42
N GLU B 394 -4.96 7.81 -24.40
CA GLU B 394 -4.58 7.30 -23.05
CA GLU B 394 -4.50 7.40 -23.05
C GLU B 394 -5.89 7.07 -22.28
C GLU B 394 -5.74 7.20 -22.14
N LYS B 395 -6.75 8.08 -22.21
CA LYS B 395 -8.03 7.97 -21.40
C LYS B 395 -8.91 6.80 -21.90
N GLU B 396 -8.88 6.54 -23.20
CA GLU B 396 -9.68 5.47 -23.88
C GLU B 396 -9.09 4.10 -23.56
N GLY B 397 -7.80 4.01 -23.21
CA GLY B 397 -7.08 2.74 -23.02
C GLY B 397 -6.59 2.20 -24.35
N PHE B 398 -6.35 3.07 -25.33
CA PHE B 398 -5.83 2.70 -26.67
C PHE B 398 -4.30 2.78 -26.65
N ASN B 399 -3.72 2.06 -27.64
CA ASN B 399 -2.28 2.14 -27.97
C ASN B 399 -1.98 3.60 -28.33
N ALA B 400 -0.87 4.10 -27.82
CA ALA B 400 -0.37 5.44 -28.21
C ALA B 400 -0.25 5.59 -29.74
N PRO B 401 -0.77 6.71 -30.31
CA PRO B 401 -0.67 7.01 -31.73
C PRO B 401 0.68 7.67 -32.03
N ARG B 402 1.01 7.77 -33.32
CA ARG B 402 2.20 8.56 -33.72
C ARG B 402 1.80 9.44 -34.90
N ALA B 403 2.43 10.59 -35.05
CA ALA B 403 2.14 11.54 -36.12
C ALA B 403 3.30 11.53 -37.10
N LEU B 404 3.09 12.17 -38.24
CA LEU B 404 4.06 12.15 -39.38
C LEU B 404 3.96 13.52 -40.04
N PRO B 405 5.08 14.24 -40.27
CA PRO B 405 5.01 15.44 -41.08
C PRO B 405 4.59 14.99 -42.49
N ALA B 406 3.87 15.85 -43.18
CA ALA B 406 3.18 15.51 -44.44
C ALA B 406 2.94 16.77 -45.22
N PHE B 407 3.65 16.85 -46.29
CA PHE B 407 3.51 17.78 -47.41
C PHE B 407 3.66 16.88 -48.62
N ALA B 408 3.14 17.35 -49.74
CA ALA B 408 3.12 16.69 -51.05
C ALA B 408 4.56 16.61 -51.53
N ALA B 409 5.12 15.42 -51.45
CA ALA B 409 6.52 15.15 -51.82
C ALA B 409 6.65 14.48 -53.20
N ALA B 410 7.90 14.22 -53.58
CA ALA B 410 8.29 13.63 -54.87
C ALA B 410 7.96 12.15 -54.89
N SER B 411 7.77 11.68 -56.13
CA SER B 411 7.55 10.25 -56.41
C SER B 411 8.87 9.44 -56.36
N ALA B 412 8.77 8.14 -56.63
CA ALA B 412 9.92 7.22 -56.63
C ALA B 412 11.03 7.74 -57.48
N SER B 413 12.25 7.39 -57.13
CA SER B 413 13.40 7.83 -57.93
C SER B 413 14.62 6.98 -57.63
N ARG B 414 15.62 7.03 -58.51
CA ARG B 414 17.01 6.60 -58.18
CA ARG B 414 16.92 6.48 -58.05
C ARG B 414 17.48 7.48 -57.02
N GLU B 415 18.13 6.93 -56.02
CA GLU B 415 18.80 7.69 -54.93
C GLU B 415 20.31 7.61 -55.17
N ALA B 416 20.95 8.76 -55.36
CA ALA B 416 22.35 8.91 -55.81
C ALA B 416 23.31 8.41 -54.71
N LYS B 417 24.42 7.74 -55.12
CA LYS B 417 25.44 7.07 -54.22
C LYS B 417 26.18 8.06 -53.31
N MET C 1 25.66 -4.10 -19.68
CA MET C 1 25.35 -4.73 -18.42
C MET C 1 24.39 -3.81 -17.67
N THR C 2 23.88 -4.27 -16.53
CA THR C 2 22.98 -3.45 -15.69
C THR C 2 23.38 -3.58 -14.22
N ALA C 3 23.25 -2.48 -13.52
CA ALA C 3 23.59 -2.45 -12.08
C ALA C 3 22.75 -3.51 -11.36
N VAL C 4 23.40 -4.30 -10.51
CA VAL C 4 22.66 -5.36 -9.75
C VAL C 4 21.76 -4.65 -8.73
N GLU C 5 20.53 -5.14 -8.57
CA GLU C 5 19.57 -4.54 -7.62
C GLU C 5 19.88 -5.10 -6.24
N PHE C 6 19.87 -4.21 -5.24
CA PHE C 6 19.91 -4.53 -3.79
C PHE C 6 18.49 -4.31 -3.25
N ILE C 7 17.95 -5.32 -2.58
CA ILE C 7 16.64 -5.18 -1.86
C ILE C 7 16.91 -4.66 -0.46
N GLU C 8 16.50 -3.43 -0.18
N GLU C 8 16.50 -3.42 -0.18
CA GLU C 8 16.77 -2.83 1.12
CA GLU C 8 16.75 -2.74 1.11
C GLU C 8 15.68 -3.28 2.08
C GLU C 8 15.68 -3.18 2.09
N PRO C 9 16.02 -3.53 3.34
CA PRO C 9 15.00 -3.83 4.36
C PRO C 9 14.11 -2.63 4.68
N LEU C 10 12.83 -2.93 4.86
CA LEU C 10 11.89 -1.93 5.40
C LEU C 10 12.41 -1.53 6.77
N THR C 11 12.43 -0.22 7.03
CA THR C 11 12.60 0.26 8.40
C THR C 11 11.36 -0.08 9.22
N HIS C 12 11.51 -0.03 10.54
CA HIS C 12 10.41 -0.09 11.53
C HIS C 12 9.31 0.88 11.10
N GLU C 13 9.62 2.16 10.88
CA GLU C 13 8.61 3.18 10.47
C GLU C 13 7.95 2.79 9.15
N GLU C 14 8.69 2.40 8.13
CA GLU C 14 8.08 2.06 6.82
C GLU C 14 7.12 0.87 6.99
N GLY C 15 7.56 -0.20 7.65
CA GLY C 15 6.71 -1.39 7.78
C GLY C 15 5.42 -1.08 8.54
N VAL C 16 5.53 -0.36 9.61
CA VAL C 16 4.36 -0.04 10.45
C VAL C 16 3.47 0.87 9.61
N SER C 17 4.01 1.91 8.98
CA SER C 17 3.14 2.85 8.24
C SER C 17 2.49 2.15 7.05
N GLN C 18 3.25 1.36 6.26
CA GLN C 18 2.66 0.70 5.08
C GLN C 18 1.65 -0.38 5.53
N ALA C 19 1.94 -1.14 6.60
CA ALA C 19 1.00 -2.24 6.98
C ALA C 19 -0.26 -1.59 7.54
N THR C 20 -0.08 -0.52 8.27
CA THR C 20 -1.25 0.22 8.84
C THR C 20 -2.11 0.76 7.69
N LYS C 21 -1.51 1.47 6.74
CA LYS C 21 -2.23 2.08 5.61
C LYS C 21 -2.98 0.99 4.84
N LEU C 22 -2.37 -0.13 4.56
CA LEU C 22 -3.09 -1.21 3.81
C LEU C 22 -4.27 -1.70 4.64
N PHE C 23 -4.08 -1.87 5.93
CA PHE C 23 -5.16 -2.30 6.86
C PHE C 23 -6.33 -1.32 6.79
N VAL C 24 -6.06 -0.05 7.07
CA VAL C 24 -7.10 1.02 7.15
C VAL C 24 -7.79 1.10 5.77
N ASP C 25 -7.04 1.07 4.68
CA ASP C 25 -7.59 1.21 3.31
C ASP C 25 -8.53 0.04 3.01
N THR C 26 -8.20 -1.13 3.55
CA THR C 26 -8.93 -2.37 3.27
C THR C 26 -10.13 -2.50 4.20
N TYR C 27 -9.95 -2.38 5.52
CA TYR C 27 -10.99 -2.72 6.53
C TYR C 27 -11.71 -1.48 7.03
N GLY C 28 -11.16 -0.28 6.78
CA GLY C 28 -11.82 1.00 7.15
C GLY C 28 -11.78 1.29 8.64
N ALA C 29 -10.73 0.86 9.34
CA ALA C 29 -10.51 1.09 10.79
C ALA C 29 -9.04 0.80 11.14
N ALA C 30 -8.57 1.28 12.29
CA ALA C 30 -7.20 1.05 12.78
C ALA C 30 -7.06 -0.41 13.15
N PRO C 31 -5.87 -1.01 12.91
CA PRO C 31 -5.57 -2.32 13.45
C PRO C 31 -5.42 -2.22 14.98
N GLU C 32 -5.44 -3.35 15.66
CA GLU C 32 -5.10 -3.34 17.10
C GLU C 32 -3.59 -3.06 17.23
N GLY C 33 -2.77 -3.56 16.27
CA GLY C 33 -1.33 -3.35 16.34
C GLY C 33 -0.67 -3.87 15.08
N VAL C 34 0.65 -3.77 15.09
CA VAL C 34 1.55 -4.24 14.00
C VAL C 34 2.60 -5.09 14.68
N TRP C 35 2.80 -6.31 14.18
CA TRP C 35 3.90 -7.19 14.57
C TRP C 35 4.73 -7.44 13.32
N ALA C 36 5.86 -8.07 13.50
CA ALA C 36 6.66 -8.43 12.31
C ALA C 36 7.49 -9.68 12.64
N ALA C 37 7.94 -10.35 11.56
CA ALA C 37 8.84 -11.47 11.75
C ALA C 37 9.77 -11.47 10.56
N PRO C 38 11.04 -11.87 10.77
CA PRO C 38 12.03 -11.80 9.67
C PRO C 38 12.09 -13.04 8.79
N GLY C 39 12.68 -12.84 7.63
CA GLY C 39 13.26 -13.95 6.89
C GLY C 39 14.58 -14.38 7.50
N ARG C 40 15.28 -15.31 6.82
CA ARG C 40 16.44 -15.95 7.45
C ARG C 40 17.36 -16.42 6.31
N VAL C 41 18.59 -16.59 6.70
CA VAL C 41 19.51 -17.47 5.95
C VAL C 41 20.11 -18.47 6.90
N ASN C 42 20.29 -19.70 6.41
CA ASN C 42 21.00 -20.69 7.20
C ASN C 42 22.48 -20.62 6.89
N LEU C 43 23.30 -20.41 7.91
CA LEU C 43 24.75 -20.30 7.68
C LEU C 43 25.31 -21.67 7.27
N ILE C 44 24.87 -22.73 7.91
CA ILE C 44 25.38 -24.10 7.64
C ILE C 44 24.47 -25.05 8.42
N GLY C 45 24.39 -26.31 8.00
CA GLY C 45 23.54 -27.32 8.64
C GLY C 45 22.28 -27.42 7.84
N GLU C 46 22.45 -27.79 6.58
CA GLU C 46 21.39 -27.82 5.53
C GLU C 46 20.82 -29.23 5.39
N HIS C 47 19.49 -29.36 5.32
CA HIS C 47 18.82 -30.69 5.21
C HIS C 47 19.23 -31.55 6.41
N THR C 48 19.34 -30.90 7.57
CA THR C 48 19.59 -31.58 8.86
C THR C 48 18.40 -31.44 9.83
N ASP C 49 17.62 -30.39 9.70
CA ASP C 49 16.55 -30.15 10.71
C ASP C 49 15.59 -31.35 10.83
N TYR C 50 15.07 -31.85 9.71
CA TYR C 50 14.15 -33.00 9.72
C TYR C 50 14.90 -34.31 9.99
N ASN C 51 16.22 -34.27 10.11
CA ASN C 51 17.01 -35.46 10.52
C ASN C 51 17.49 -35.34 11.99
N ALA C 52 16.88 -34.43 12.78
CA ALA C 52 17.23 -34.21 14.20
C ALA C 52 18.65 -33.71 14.34
N GLY C 53 19.11 -33.00 13.32
CA GLY C 53 20.52 -32.60 13.30
C GLY C 53 20.74 -31.20 13.88
N LEU C 54 21.84 -30.63 13.46
CA LEU C 54 22.23 -29.28 13.88
C LEU C 54 22.06 -28.32 12.72
N CYS C 55 21.66 -27.08 12.98
N CYS C 55 21.77 -27.07 13.06
CA CYS C 55 21.69 -26.01 11.97
CA CYS C 55 21.49 -25.97 12.12
C CYS C 55 21.99 -24.68 12.64
C CYS C 55 22.08 -24.67 12.67
N LEU C 56 22.27 -23.68 11.80
CA LEU C 56 22.87 -22.43 12.29
C LEU C 56 22.36 -21.27 11.47
N PRO C 57 21.08 -20.87 11.64
CA PRO C 57 20.54 -19.73 10.95
C PRO C 57 20.76 -18.38 11.63
N ILE C 58 20.68 -17.33 10.81
CA ILE C 58 20.51 -15.91 11.31
C ILE C 58 19.22 -15.33 10.74
N ALA C 59 18.67 -14.33 11.47
CA ALA C 59 17.50 -13.63 11.02
C ALA C 59 18.00 -12.48 10.11
N LEU C 60 17.36 -12.30 8.96
CA LEU C 60 17.67 -11.14 8.09
C LEU C 60 17.00 -9.91 8.71
N PRO C 61 17.48 -8.71 8.34
CA PRO C 61 16.76 -7.49 8.69
C PRO C 61 15.44 -7.38 7.95
N HIS C 62 15.30 -8.10 6.83
CA HIS C 62 14.07 -8.05 6.01
C HIS C 62 12.96 -8.74 6.83
N ARG C 63 11.85 -8.04 6.96
CA ARG C 63 10.72 -8.50 7.78
C ARG C 63 9.40 -8.39 7.03
N THR C 64 8.48 -9.30 7.38
CA THR C 64 7.06 -9.19 7.01
C THR C 64 6.29 -8.60 8.17
N PHE C 65 5.63 -7.49 7.87
CA PHE C 65 4.80 -6.76 8.87
C PHE C 65 3.33 -7.13 8.72
N ILE C 66 2.69 -7.43 9.85
CA ILE C 66 1.26 -7.76 9.88
C ILE C 66 0.56 -6.70 10.73
N ALA C 67 -0.41 -6.02 10.15
CA ALA C 67 -1.40 -5.22 10.90
C ALA C 67 -2.59 -6.13 11.16
N LEU C 68 -2.99 -6.29 12.41
CA LEU C 68 -4.02 -7.30 12.77
C LEU C 68 -4.98 -6.69 13.78
N LYS C 69 -6.22 -7.12 13.67
CA LYS C 69 -7.27 -6.86 14.69
C LYS C 69 -8.04 -8.16 14.84
N PRO C 70 -8.27 -8.62 16.06
CA PRO C 70 -9.09 -9.83 16.29
C PRO C 70 -10.58 -9.58 15.96
N ARG C 71 -11.34 -10.67 15.71
CA ARG C 71 -12.81 -10.62 15.51
C ARG C 71 -13.48 -11.47 16.61
N GLU C 72 -14.76 -11.22 16.94
CA GLU C 72 -15.54 -12.06 17.90
C GLU C 72 -16.07 -13.31 17.16
N ASP C 73 -16.20 -13.26 15.82
CA ASP C 73 -16.60 -14.42 14.96
C ASP C 73 -15.34 -15.16 14.48
N THR C 74 -15.53 -16.13 13.59
CA THR C 74 -14.44 -17.09 13.24
C THR C 74 -14.03 -16.79 11.81
N LYS C 75 -14.42 -15.60 11.29
CA LYS C 75 -14.04 -15.17 9.93
C LYS C 75 -12.58 -14.70 9.95
N VAL C 76 -11.86 -15.01 8.89
CA VAL C 76 -10.48 -14.54 8.72
C VAL C 76 -10.41 -13.84 7.36
N ARG C 77 -10.04 -12.58 7.35
CA ARG C 77 -9.84 -11.76 6.13
C ARG C 77 -8.39 -11.33 6.08
N VAL C 78 -7.70 -11.63 4.97
CA VAL C 78 -6.27 -11.30 4.89
C VAL C 78 -6.03 -10.64 3.57
N VAL C 79 -5.15 -9.65 3.60
CA VAL C 79 -4.75 -8.95 2.35
C VAL C 79 -3.25 -8.78 2.41
N SER C 80 -2.60 -8.87 1.24
CA SER C 80 -1.13 -8.68 1.11
C SER C 80 -0.84 -7.59 0.08
N GLY C 81 0.20 -6.80 0.32
CA GLY C 81 0.66 -5.76 -0.63
C GLY C 81 1.20 -6.41 -1.91
N VAL C 82 1.41 -7.74 -1.94
CA VAL C 82 1.73 -8.43 -3.24
C VAL C 82 0.56 -8.23 -4.23
N ALA C 83 -0.65 -8.18 -3.69
CA ALA C 83 -1.91 -8.12 -4.45
C ALA C 83 -2.92 -7.33 -3.62
N PRO C 84 -2.73 -6.00 -3.54
CA PRO C 84 -3.38 -5.19 -2.50
C PRO C 84 -4.90 -5.00 -2.70
N ASP C 85 -5.44 -5.40 -3.86
CA ASP C 85 -6.91 -5.31 -4.20
C ASP C 85 -7.60 -6.68 -4.08
N LYS C 86 -6.90 -7.73 -3.67
CA LYS C 86 -7.45 -9.12 -3.54
C LYS C 86 -7.52 -9.55 -2.06
N VAL C 87 -8.70 -9.45 -1.44
CA VAL C 87 -8.91 -9.89 -0.02
C VAL C 87 -9.35 -11.36 -0.02
N ALA C 88 -8.70 -12.20 0.79
CA ALA C 88 -8.99 -13.64 0.94
C ALA C 88 -9.74 -13.82 2.26
N GLU C 89 -10.84 -14.58 2.19
CA GLU C 89 -11.74 -14.82 3.33
C GLU C 89 -11.90 -16.32 3.53
N ALA C 90 -11.71 -16.74 4.77
CA ALA C 90 -12.00 -18.09 5.22
C ALA C 90 -12.77 -17.99 6.53
N ASP C 91 -13.26 -19.14 6.98
CA ASP C 91 -13.95 -19.29 8.29
C ASP C 91 -13.29 -20.48 9.01
N LEU C 92 -12.85 -20.26 10.26
CA LEU C 92 -12.17 -21.26 11.11
C LEU C 92 -13.11 -22.27 11.71
N ASP C 93 -14.41 -21.98 11.74
CA ASP C 93 -15.39 -22.89 12.39
C ASP C 93 -15.52 -24.15 11.53
N GLY C 94 -14.99 -25.24 12.07
CA GLY C 94 -15.13 -26.59 11.43
C GLY C 94 -14.07 -26.72 10.36
N LEU C 95 -13.13 -25.76 10.30
CA LEU C 95 -12.10 -25.74 9.22
C LEU C 95 -11.18 -26.96 9.43
N LYS C 96 -10.91 -27.67 8.33
CA LYS C 96 -10.09 -28.91 8.28
C LYS C 96 -8.76 -28.65 7.52
N ALA C 97 -7.78 -29.52 7.78
CA ALA C 97 -6.50 -29.53 7.06
C ALA C 97 -6.75 -29.36 5.55
N ARG C 98 -5.98 -28.48 4.87
CA ARG C 98 -6.05 -28.28 3.39
C ARG C 98 -7.39 -27.62 2.98
N GLY C 99 -8.15 -27.01 3.89
CA GLY C 99 -9.48 -26.44 3.59
C GLY C 99 -9.44 -25.00 3.11
N VAL C 100 -8.24 -24.45 2.90
CA VAL C 100 -7.95 -23.07 2.42
C VAL C 100 -6.96 -23.14 1.24
N ASP C 101 -7.32 -22.58 0.09
CA ASP C 101 -6.42 -22.58 -1.09
C ASP C 101 -5.64 -21.28 -1.18
N GLY C 102 -4.40 -21.43 -1.65
CA GLY C 102 -3.47 -20.32 -1.91
C GLY C 102 -2.86 -19.73 -0.65
N TRP C 103 -2.34 -18.52 -0.81
CA TRP C 103 -1.45 -17.90 0.19
C TRP C 103 -2.15 -17.73 1.54
N SER C 104 -3.46 -17.47 1.55
CA SER C 104 -4.16 -17.20 2.82
C SER C 104 -4.21 -18.44 3.71
N ALA C 105 -3.88 -19.65 3.17
CA ALA C 105 -3.69 -20.86 3.97
C ALA C 105 -2.66 -20.58 5.09
N TYR C 106 -1.62 -19.76 4.83
CA TYR C 106 -0.52 -19.61 5.80
C TYR C 106 -1.01 -18.89 7.06
N PRO C 107 -1.55 -17.66 6.97
CA PRO C 107 -2.08 -17.02 8.19
C PRO C 107 -3.31 -17.67 8.82
N THR C 108 -4.20 -18.14 7.96
CA THR C 108 -5.44 -18.79 8.41
C THR C 108 -5.06 -20.02 9.22
N GLY C 109 -4.08 -20.80 8.72
CA GLY C 109 -3.70 -22.07 9.35
C GLY C 109 -3.05 -21.84 10.68
N VAL C 110 -2.49 -20.64 10.90
CA VAL C 110 -1.93 -20.44 12.25
C VAL C 110 -3.02 -20.39 13.34
N ALA C 111 -4.07 -19.65 13.03
CA ALA C 111 -5.24 -19.56 13.96
C ALA C 111 -5.80 -20.97 14.17
N TRP C 112 -5.96 -21.70 13.07
CA TRP C 112 -6.53 -23.07 13.06
C TRP C 112 -5.63 -23.95 13.94
N ALA C 113 -4.33 -23.85 13.76
CA ALA C 113 -3.37 -24.67 14.53
C ALA C 113 -3.48 -24.37 16.03
N LEU C 114 -3.57 -23.10 16.40
CA LEU C 114 -3.70 -22.68 17.80
C LEU C 114 -4.99 -23.24 18.37
N ARG C 115 -6.05 -23.11 17.63
CA ARG C 115 -7.40 -23.66 18.03
C ARG C 115 -7.31 -25.22 18.14
N GLN C 116 -6.68 -25.93 17.20
CA GLN C 116 -6.46 -27.40 17.30
C GLN C 116 -5.61 -27.73 18.55
N ALA C 117 -4.69 -26.85 18.95
CA ALA C 117 -3.82 -27.11 20.12
C ALA C 117 -4.53 -26.84 21.47
N GLY C 118 -5.75 -26.30 21.48
CA GLY C 118 -6.52 -26.10 22.72
C GLY C 118 -6.75 -24.64 23.06
N PHE C 119 -6.31 -23.72 22.21
CA PHE C 119 -6.43 -22.27 22.48
C PHE C 119 -7.79 -21.76 22.01
N ASP C 120 -8.82 -22.07 22.81
CA ASP C 120 -10.24 -21.78 22.50
C ASP C 120 -10.51 -20.29 22.45
N LYS C 121 -9.71 -19.48 23.11
CA LYS C 121 -9.88 -18.00 23.03
C LYS C 121 -9.62 -17.51 21.58
N VAL C 122 -8.82 -18.26 20.78
CA VAL C 122 -8.42 -17.77 19.41
C VAL C 122 -9.61 -17.91 18.43
N LYS C 123 -10.16 -16.81 18.02
CA LYS C 123 -11.28 -16.66 17.08
C LYS C 123 -10.69 -16.03 15.82
N GLY C 124 -11.49 -15.24 15.13
CA GLY C 124 -11.08 -14.77 13.80
C GLY C 124 -10.28 -13.50 13.93
N PHE C 125 -9.95 -12.98 12.76
CA PHE C 125 -9.06 -11.81 12.64
C PHE C 125 -9.15 -11.21 11.24
N ASP C 126 -8.85 -9.91 11.18
CA ASP C 126 -8.60 -9.19 9.92
C ASP C 126 -7.09 -8.89 9.93
N ALA C 127 -6.39 -9.07 8.81
CA ALA C 127 -4.96 -8.74 8.77
C ALA C 127 -4.58 -8.16 7.41
N ALA C 128 -3.61 -7.22 7.40
CA ALA C 128 -2.92 -6.80 6.17
C ALA C 128 -1.43 -7.09 6.34
N PHE C 129 -0.78 -7.58 5.26
CA PHE C 129 0.66 -7.89 5.22
C PHE C 129 1.36 -6.98 4.22
N VAL C 130 2.48 -6.39 4.67
CA VAL C 130 3.51 -5.80 3.77
C VAL C 130 4.85 -6.44 4.12
N SER C 131 5.65 -6.66 3.10
CA SER C 131 6.93 -7.35 3.40
C SER C 131 8.00 -6.85 2.46
N CYS C 132 9.23 -7.13 2.89
CA CYS C 132 10.39 -7.00 1.98
C CYS C 132 11.16 -8.32 1.86
N VAL C 133 10.59 -9.44 2.30
CA VAL C 133 11.20 -10.78 2.17
C VAL C 133 10.69 -11.28 0.85
N PRO C 134 11.61 -11.49 -0.13
CA PRO C 134 11.16 -11.96 -1.43
C PRO C 134 10.41 -13.30 -1.32
N LEU C 135 9.37 -13.45 -2.14
CA LEU C 135 8.53 -14.66 -2.18
C LEU C 135 9.26 -15.76 -2.96
N GLY C 136 9.38 -16.94 -2.36
CA GLY C 136 9.90 -18.14 -3.05
C GLY C 136 11.37 -18.10 -3.43
N SER C 137 12.18 -17.32 -2.72
CA SER C 137 13.62 -17.15 -3.00
C SER C 137 14.44 -17.93 -2.01
N GLY C 138 13.82 -18.80 -1.20
CA GLY C 138 14.65 -19.57 -0.26
C GLY C 138 15.13 -18.78 0.93
N LEU C 139 14.42 -17.69 1.25
CA LEU C 139 14.74 -16.78 2.37
C LEU C 139 13.61 -16.80 3.44
N SER C 140 12.62 -17.67 3.27
N SER C 140 12.72 -17.78 3.33
CA SER C 140 11.68 -18.04 4.33
CA SER C 140 11.57 -18.03 4.24
C SER C 140 10.59 -16.96 4.45
C SER C 140 10.74 -16.77 4.42
N SER C 141 10.09 -16.43 3.33
CA SER C 141 8.86 -15.58 3.36
C SER C 141 7.76 -16.39 4.06
N SER C 142 7.67 -17.69 3.85
CA SER C 142 6.59 -18.47 4.48
C SER C 142 6.70 -18.36 6.01
N ALA C 143 7.88 -18.47 6.59
CA ALA C 143 8.07 -18.51 8.05
C ALA C 143 7.84 -17.05 8.55
N ALA C 144 8.28 -16.05 7.78
CA ALA C 144 8.00 -14.64 8.12
C ALA C 144 6.51 -14.42 8.23
N MET C 145 5.71 -15.01 7.33
CA MET C 145 4.25 -14.81 7.35
C MET C 145 3.64 -15.58 8.51
N THR C 146 3.93 -16.87 8.66
CA THR C 146 3.32 -17.68 9.73
C THR C 146 3.73 -17.20 11.11
N CYS C 147 4.99 -16.82 11.27
CA CYS C 147 5.53 -16.47 12.59
C CYS C 147 5.00 -15.08 12.98
N SER C 148 4.93 -14.13 12.02
CA SER C 148 4.31 -12.82 12.33
C SER C 148 2.85 -13.00 12.81
N THR C 149 2.11 -13.85 12.08
CA THR C 149 0.69 -14.08 12.36
C THR C 149 0.63 -14.72 13.74
N ALA C 150 1.47 -15.71 14.02
CA ALA C 150 1.42 -16.38 15.36
C ALA C 150 1.72 -15.37 16.49
N LEU C 151 2.70 -14.50 16.33
CA LEU C 151 3.04 -13.50 17.39
C LEU C 151 1.90 -12.54 17.62
N ALA C 152 1.28 -12.13 16.54
CA ALA C 152 0.15 -11.18 16.59
C ALA C 152 -1.05 -11.84 17.31
N LEU C 153 -1.40 -13.07 16.94
CA LEU C 153 -2.53 -13.77 17.53
C LEU C 153 -2.24 -14.00 19.00
N ASP C 154 -1.02 -14.35 19.36
CA ASP C 154 -0.70 -14.59 20.77
C ASP C 154 -0.94 -13.32 21.58
N ASP C 155 -0.53 -12.21 21.00
CA ASP C 155 -0.61 -10.89 21.68
C ASP C 155 -2.07 -10.49 21.84
N VAL C 156 -2.87 -10.53 20.74
CA VAL C 156 -4.24 -9.95 20.82
C VAL C 156 -5.12 -10.87 21.65
N TYR C 157 -4.83 -12.16 21.68
CA TYR C 157 -5.72 -13.09 22.41
C TYR C 157 -5.14 -13.38 23.79
N GLY C 158 -4.05 -12.68 24.16
CA GLY C 158 -3.42 -12.72 25.49
C GLY C 158 -3.03 -14.12 25.89
N LEU C 159 -2.38 -14.88 25.04
CA LEU C 159 -2.17 -16.32 25.35
C LEU C 159 -0.93 -16.46 26.25
N GLY C 160 0.00 -15.50 26.24
CA GLY C 160 1.11 -15.47 27.20
C GLY C 160 2.40 -16.10 26.65
N TYR C 161 2.51 -16.40 25.36
CA TYR C 161 3.65 -17.21 24.83
C TYR C 161 4.68 -16.34 24.13
N GLY C 162 4.36 -15.12 23.72
CA GLY C 162 5.21 -14.33 22.82
C GLY C 162 6.42 -13.71 23.51
N ASP C 163 6.39 -13.53 24.85
CA ASP C 163 7.41 -12.71 25.60
C ASP C 163 8.58 -13.58 26.11
N SER C 164 8.61 -14.86 25.78
CA SER C 164 9.74 -15.72 26.20
C SER C 164 10.19 -16.63 25.06
N ASP C 165 11.46 -17.03 25.09
CA ASP C 165 12.01 -18.08 24.18
C ASP C 165 11.23 -19.40 24.34
N ALA C 166 11.05 -19.85 25.57
CA ALA C 166 10.28 -21.05 25.88
C ALA C 166 8.88 -20.91 25.29
N GLY C 167 8.21 -19.82 25.57
CA GLY C 167 6.81 -19.64 25.09
C GLY C 167 6.77 -19.69 23.58
N ARG C 168 7.79 -19.12 22.90
CA ARG C 168 7.70 -18.96 21.44
C ARG C 168 7.75 -20.35 20.80
N VAL C 169 8.29 -21.34 21.46
CA VAL C 169 8.28 -22.73 20.90
C VAL C 169 6.82 -23.17 20.59
N THR C 170 5.81 -22.83 21.42
CA THR C 170 4.40 -23.14 21.13
C THR C 170 3.88 -22.42 19.87
N LEU C 171 4.30 -21.15 19.69
CA LEU C 171 3.93 -20.38 18.51
C LEU C 171 4.66 -20.96 17.27
N ILE C 172 5.94 -21.32 17.38
CA ILE C 172 6.66 -21.99 16.25
C ILE C 172 5.89 -23.29 15.85
N ASN C 173 5.43 -24.03 16.84
CA ASN C 173 4.74 -25.31 16.55
C ASN C 173 3.50 -24.99 15.72
N ALA C 174 2.74 -23.96 16.10
CA ALA C 174 1.55 -23.55 15.38
C ALA C 174 1.89 -23.14 13.93
N ALA C 175 2.94 -22.37 13.74
CA ALA C 175 3.39 -21.92 12.40
C ALA C 175 3.82 -23.12 11.54
N ILE C 176 4.57 -24.02 12.13
CA ILE C 176 5.01 -25.24 11.39
C ILE C 176 3.74 -26.03 10.96
N LYS C 177 2.77 -26.19 11.86
CA LYS C 177 1.56 -27.01 11.59
C LYS C 177 0.71 -26.29 10.51
N SER C 178 0.58 -24.95 10.55
CA SER C 178 -0.10 -24.23 9.46
C SER C 178 0.58 -24.59 8.13
N GLU C 179 1.90 -24.50 8.10
CA GLU C 179 2.59 -24.64 6.78
C GLU C 179 2.47 -26.10 6.29
N ASN C 180 2.69 -27.06 7.17
CA ASN C 180 2.63 -28.51 6.85
CA ASN C 180 2.64 -28.50 6.80
C ASN C 180 1.20 -28.95 6.57
N GLU C 181 0.28 -28.68 7.50
CA GLU C 181 -1.09 -29.29 7.44
C GLU C 181 -2.09 -28.40 6.69
N MET C 182 -2.06 -27.07 6.84
CA MET C 182 -3.03 -26.21 6.11
C MET C 182 -2.52 -25.90 4.69
N ALA C 183 -1.27 -25.49 4.51
CA ALA C 183 -0.78 -25.09 3.19
C ALA C 183 -0.22 -26.30 2.47
N GLY C 184 0.03 -27.39 3.21
CA GLY C 184 0.46 -28.68 2.62
C GLY C 184 1.87 -28.57 2.12
N ALA C 185 2.66 -27.71 2.74
CA ALA C 185 4.05 -27.45 2.32
C ALA C 185 4.91 -28.02 3.42
N SER C 186 5.53 -29.14 3.12
CA SER C 186 6.46 -29.84 4.01
C SER C 186 7.59 -28.87 4.35
N THR C 187 7.81 -28.66 5.65
N THR C 187 7.85 -28.72 5.64
CA THR C 187 8.92 -27.88 6.24
CA THR C 187 8.98 -27.94 6.20
C THR C 187 9.39 -28.66 7.47
C THR C 187 9.40 -28.61 7.50
N GLY C 188 10.70 -28.72 7.68
CA GLY C 188 11.30 -28.95 9.00
C GLY C 188 11.05 -27.61 9.70
N GLY C 189 11.61 -27.45 10.85
CA GLY C 189 11.38 -26.30 11.74
C GLY C 189 12.51 -25.29 11.76
N LEU C 190 13.56 -25.46 10.95
CA LEU C 190 14.66 -24.45 10.88
C LEU C 190 14.04 -23.05 10.82
N ASP C 191 13.18 -22.83 9.83
CA ASP C 191 12.87 -21.48 9.37
C ASP C 191 12.13 -20.73 10.50
N GLN C 192 11.24 -21.44 11.14
CA GLN C 192 10.34 -20.84 12.16
C GLN C 192 11.09 -20.64 13.46
N ASN C 193 12.02 -21.55 13.79
CA ASN C 193 12.88 -21.36 14.96
C ASN C 193 13.73 -20.11 14.67
N ALA C 194 14.27 -19.96 13.46
CA ALA C 194 15.11 -18.77 13.15
C ALA C 194 14.26 -17.53 13.38
N SER C 195 13.09 -17.49 12.76
CA SER C 195 12.27 -16.25 12.65
C SER C 195 11.83 -15.80 14.05
N MET C 196 11.68 -16.72 14.98
N MET C 196 11.65 -16.69 15.01
CA MET C 196 11.11 -16.45 16.32
CA MET C 196 11.12 -16.32 16.35
C MET C 196 12.19 -16.44 17.42
C MET C 196 12.17 -16.48 17.46
N ARG C 197 13.36 -17.07 17.20
CA ARG C 197 14.34 -17.32 18.29
C ARG C 197 15.71 -16.70 18.02
N CYS C 198 16.01 -16.27 16.80
CA CYS C 198 17.31 -15.60 16.56
C CYS C 198 17.43 -14.35 17.42
N THR C 199 18.66 -13.93 17.60
CA THR C 199 18.94 -12.70 18.33
C THR C 199 19.88 -11.84 17.52
N GLU C 200 19.77 -10.53 17.72
N GLU C 200 19.79 -10.53 17.75
CA GLU C 200 20.69 -9.53 17.11
CA GLU C 200 20.74 -9.53 17.19
C GLU C 200 22.16 -9.94 17.33
C GLU C 200 22.19 -10.00 17.35
N GLY C 201 22.97 -9.98 16.27
CA GLY C 201 24.41 -10.25 16.32
C GLY C 201 24.80 -11.68 16.58
N HIS C 202 23.81 -12.59 16.58
CA HIS C 202 24.07 -14.02 16.90
C HIS C 202 23.47 -14.91 15.84
N ALA C 203 24.11 -16.06 15.67
CA ALA C 203 23.53 -17.19 14.92
C ALA C 203 22.93 -18.18 15.93
N LEU C 204 21.88 -18.86 15.50
CA LEU C 204 21.12 -19.77 16.39
C LEU C 204 21.66 -21.18 16.19
N LEU C 205 22.49 -21.67 17.11
CA LEU C 205 22.90 -23.09 17.05
C LEU C 205 21.70 -23.88 17.56
N LEU C 206 20.95 -24.38 16.61
CA LEU C 206 19.73 -25.18 16.87
C LEU C 206 19.96 -26.69 16.79
N ASP C 207 19.70 -27.37 17.89
CA ASP C 207 19.77 -28.84 17.98
C ASP C 207 18.35 -29.40 17.85
N CYS C 208 18.04 -30.13 16.79
CA CYS C 208 16.66 -30.50 16.41
C CYS C 208 16.30 -31.84 17.04
N ARG C 209 17.09 -32.40 17.98
CA ARG C 209 16.64 -33.66 18.67
C ARG C 209 15.31 -33.33 19.36
N PRO C 210 14.26 -34.12 19.10
CA PRO C 210 12.91 -33.76 19.52
C PRO C 210 12.67 -33.78 21.03
N GLU C 211 13.55 -34.42 21.81
CA GLU C 211 13.34 -34.58 23.27
C GLU C 211 13.86 -33.36 24.02
N LEU C 212 14.56 -32.48 23.33
CA LEU C 212 15.28 -31.38 24.04
C LEU C 212 14.26 -30.30 24.45
N THR C 213 14.50 -29.71 25.62
CA THR C 213 13.73 -28.55 26.07
C THR C 213 14.19 -27.30 25.35
N PRO C 214 13.38 -26.21 25.33
CA PRO C 214 13.82 -24.98 24.66
C PRO C 214 15.13 -24.41 25.20
N LEU C 215 15.36 -24.56 26.51
CA LEU C 215 16.64 -24.09 27.09
C LEU C 215 17.74 -24.99 26.55
N GLU C 216 17.46 -26.27 26.34
CA GLU C 216 18.54 -27.22 25.94
C GLU C 216 18.87 -27.08 24.44
N ASN C 217 17.94 -26.71 23.60
CA ASN C 217 18.04 -26.90 22.14
C ASN C 217 18.59 -25.71 21.40
N VAL C 218 18.93 -24.62 22.07
CA VAL C 218 19.59 -23.48 21.38
C VAL C 218 20.78 -22.99 22.19
N SER C 219 21.77 -22.54 21.48
CA SER C 219 22.90 -21.72 21.98
CA SER C 219 22.86 -21.67 22.00
C SER C 219 23.08 -20.52 21.02
N GLN C 220 23.17 -19.30 21.53
CA GLN C 220 23.35 -18.12 20.67
C GLN C 220 24.86 -17.92 20.43
N GLN C 221 25.28 -18.03 19.19
CA GLN C 221 26.71 -18.03 18.82
C GLN C 221 27.02 -16.61 18.33
N GLU C 222 28.04 -15.97 18.88
CA GLU C 222 28.38 -14.62 18.40
C GLU C 222 28.66 -14.65 16.89
N PHE C 223 28.05 -13.75 16.15
CA PHE C 223 28.25 -13.67 14.71
C PHE C 223 28.53 -12.21 14.40
N ASP C 224 29.67 -11.73 14.90
CA ASP C 224 30.06 -10.27 14.79
C ASP C 224 30.95 -10.12 13.54
N LEU C 225 30.33 -10.05 12.35
N LEU C 225 30.36 -9.96 12.36
CA LEU C 225 31.02 -9.72 11.08
CA LEU C 225 31.13 -9.80 11.12
C LEU C 225 31.92 -8.49 11.29
C LEU C 225 31.84 -8.42 11.10
N ASP C 226 31.32 -7.43 11.81
CA ASP C 226 32.03 -6.12 11.90
C ASP C 226 33.40 -6.25 12.58
N LYS C 227 33.48 -6.97 13.69
CA LYS C 227 34.73 -7.24 14.41
C LYS C 227 35.81 -7.86 13.50
N TYR C 228 35.46 -8.59 12.44
CA TYR C 228 36.44 -9.26 11.55
C TYR C 228 36.56 -8.46 10.27
N ASN C 229 35.88 -7.29 10.16
CA ASN C 229 35.82 -6.51 8.90
C ASN C 229 35.32 -7.42 7.77
N LEU C 230 34.28 -8.17 8.09
CA LEU C 230 33.61 -9.01 7.09
C LEU C 230 32.21 -8.52 6.77
N GLU C 231 31.64 -9.10 5.71
N GLU C 231 31.63 -9.06 5.69
CA GLU C 231 30.27 -8.87 5.23
CA GLU C 231 30.17 -8.96 5.54
C GLU C 231 29.70 -10.27 4.96
C GLU C 231 29.66 -10.21 4.86
N LEU C 232 28.38 -10.46 5.10
CA LEU C 232 27.72 -11.66 4.54
C LEU C 232 26.96 -11.21 3.32
N LEU C 233 27.46 -11.55 2.13
CA LEU C 233 26.69 -11.35 0.90
C LEU C 233 25.57 -12.39 0.80
N VAL C 234 24.37 -11.91 0.46
CA VAL C 234 23.23 -12.79 0.16
C VAL C 234 22.76 -12.41 -1.23
N VAL C 235 22.67 -13.41 -2.11
CA VAL C 235 22.16 -13.20 -3.49
C VAL C 235 21.01 -14.16 -3.76
N ASP C 236 19.85 -13.57 -4.06
CA ASP C 236 18.70 -14.32 -4.64
C ASP C 236 18.99 -14.53 -6.13
N THR C 237 19.18 -15.78 -6.53
CA THR C 237 19.53 -16.06 -7.94
C THR C 237 18.37 -15.80 -8.89
N GLN C 238 17.14 -15.76 -8.40
CA GLN C 238 15.95 -15.63 -9.25
C GLN C 238 15.93 -16.77 -10.28
N ALA C 239 16.51 -17.92 -9.97
CA ALA C 239 16.34 -19.10 -10.84
C ALA C 239 14.87 -19.47 -10.89
N PRO C 240 14.36 -20.00 -12.02
CA PRO C 240 12.95 -20.38 -12.07
C PRO C 240 12.69 -21.64 -11.22
N HIS C 241 11.42 -21.92 -10.94
CA HIS C 241 10.86 -23.26 -10.57
C HIS C 241 9.48 -23.03 -10.05
N GLY C 246 8.22 -31.89 -3.63
CA GLY C 246 8.29 -33.03 -4.56
C GLY C 246 9.69 -33.62 -4.52
N GLN C 247 10.67 -32.81 -4.92
CA GLN C 247 12.10 -33.13 -4.69
C GLN C 247 12.48 -32.99 -3.20
N TYR C 248 12.07 -31.90 -2.50
CA TYR C 248 12.29 -31.75 -1.03
C TYR C 248 11.66 -32.96 -0.34
N ALA C 249 10.38 -33.23 -0.59
CA ALA C 249 9.67 -34.39 0.00
C ALA C 249 10.41 -35.73 -0.30
N GLN C 250 11.01 -35.86 -1.50
N GLN C 250 10.97 -35.89 -1.51
CA GLN C 250 11.72 -37.10 -1.92
CA GLN C 250 11.70 -37.14 -1.84
C GLN C 250 13.00 -37.28 -1.09
C GLN C 250 12.93 -37.28 -0.93
N ARG C 251 13.70 -36.19 -0.77
CA ARG C 251 14.88 -36.23 0.10
C ARG C 251 14.46 -36.67 1.51
N ARG C 252 13.37 -36.11 2.03
CA ARG C 252 12.87 -36.46 3.39
C ARG C 252 12.57 -37.95 3.43
N ALA C 253 11.83 -38.45 2.42
CA ALA C 253 11.42 -39.87 2.35
C ALA C 253 12.65 -40.78 2.31
N THR C 254 13.66 -40.42 1.50
CA THR C 254 14.91 -41.22 1.46
C THR C 254 15.61 -41.26 2.82
N CYS C 255 15.69 -40.14 3.51
CA CYS C 255 16.30 -40.14 4.84
C CYS C 255 15.50 -40.98 5.84
N GLU C 256 14.18 -40.89 5.82
CA GLU C 256 13.31 -41.67 6.76
C GLU C 256 13.55 -43.16 6.46
N GLU C 257 13.61 -43.55 5.18
CA GLU C 257 13.79 -45.00 4.85
C GLU C 257 15.20 -45.45 5.28
N ALA C 258 16.23 -44.57 5.22
CA ALA C 258 17.60 -44.93 5.63
C ALA C 258 17.62 -45.15 7.13
N ALA C 259 16.92 -44.26 7.88
CA ALA C 259 16.90 -44.42 9.35
C ALA C 259 16.24 -45.78 9.65
N LYS C 260 15.13 -46.07 8.96
CA LYS C 260 14.37 -47.35 9.21
C LYS C 260 15.31 -48.52 8.99
N ILE C 261 16.00 -48.50 7.86
CA ILE C 261 16.93 -49.61 7.50
C ILE C 261 18.03 -49.74 8.55
N LEU C 262 18.56 -48.62 9.01
CA LEU C 262 19.61 -48.62 10.03
C LEU C 262 19.10 -48.90 11.45
N GLY C 263 17.79 -48.90 11.64
CA GLY C 263 17.25 -49.25 12.97
C GLY C 263 17.38 -48.10 13.94
N VAL C 264 17.20 -46.87 13.45
CA VAL C 264 17.32 -45.67 14.32
C VAL C 264 16.12 -44.75 14.13
N ALA C 265 15.93 -43.88 15.11
CA ALA C 265 14.77 -42.98 15.12
C ALA C 265 15.01 -41.89 14.08
N ASN C 266 16.27 -41.51 13.91
CA ASN C 266 16.63 -40.39 13.00
C ASN C 266 18.12 -40.51 12.67
N LEU C 267 18.53 -39.85 11.60
CA LEU C 267 19.93 -39.99 11.18
C LEU C 267 20.91 -39.24 12.12
N ARG C 268 20.42 -38.40 13.05
CA ARG C 268 21.29 -37.84 14.09
C ARG C 268 21.86 -38.98 14.91
N VAL C 269 21.09 -40.04 15.20
CA VAL C 269 21.67 -41.13 16.02
C VAL C 269 22.89 -41.71 15.31
N THR C 270 22.71 -41.96 14.03
CA THR C 270 23.74 -42.52 13.13
C THR C 270 24.95 -41.58 13.11
N ALA C 271 24.69 -40.30 12.88
CA ALA C 271 25.73 -39.27 12.77
C ALA C 271 26.54 -39.17 14.07
N ASP C 272 25.89 -39.18 15.21
CA ASP C 272 26.59 -39.07 16.50
C ASP C 272 27.49 -40.27 16.71
N GLY C 273 27.01 -41.47 16.38
CA GLY C 273 27.85 -42.64 16.58
C GLY C 273 29.08 -42.67 15.64
N ILE C 274 28.94 -42.18 14.43
CA ILE C 274 30.08 -42.04 13.47
C ILE C 274 31.06 -41.00 14.07
N SER C 275 30.56 -39.85 14.55
CA SER C 275 31.36 -38.70 15.08
C SER C 275 32.20 -39.16 16.27
N LYS C 276 31.64 -40.04 17.14
CA LYS C 276 32.30 -40.50 18.37
C LYS C 276 33.30 -41.63 18.10
N ALA C 277 33.29 -42.23 16.90
CA ALA C 277 34.18 -43.35 16.57
C ALA C 277 35.58 -42.80 16.38
N ASP C 278 36.57 -43.57 16.84
CA ASP C 278 38.01 -43.23 16.63
C ASP C 278 38.28 -43.20 15.12
N ASP C 279 37.75 -44.16 14.36
CA ASP C 279 37.89 -44.31 12.88
C ASP C 279 36.56 -43.92 12.27
N GLN C 280 36.36 -42.63 12.06
CA GLN C 280 35.10 -42.09 11.53
C GLN C 280 34.93 -42.61 10.11
N PHE C 281 35.99 -42.78 9.32
CA PHE C 281 35.83 -43.21 7.92
C PHE C 281 35.24 -44.62 7.92
N GLN C 282 35.76 -45.49 8.78
CA GLN C 282 35.25 -46.90 8.83
C GLN C 282 33.80 -46.84 9.31
N ALA C 283 33.51 -46.07 10.35
CA ALA C 283 32.13 -46.02 10.91
C ALA C 283 31.17 -45.57 9.82
N LEU C 284 31.58 -44.59 9.00
CA LEU C 284 30.71 -44.17 7.91
C LEU C 284 30.57 -45.32 6.90
N LYS C 285 31.69 -45.91 6.54
CA LYS C 285 31.67 -46.97 5.51
C LYS C 285 30.71 -48.11 5.91
N GLU C 286 30.74 -48.56 7.16
CA GLU C 286 29.89 -49.68 7.63
C GLU C 286 28.41 -49.28 7.61
N THR C 287 28.13 -48.03 7.85
CA THR C 287 26.77 -47.42 7.79
C THR C 287 26.29 -47.43 6.35
N LEU C 288 27.09 -46.91 5.40
CA LEU C 288 26.66 -46.82 4.00
C LEU C 288 26.50 -48.24 3.42
N ASP C 289 27.41 -49.16 3.73
CA ASP C 289 27.33 -50.58 3.27
C ASP C 289 26.01 -51.25 3.61
N ALA C 290 25.32 -50.78 4.66
CA ALA C 290 24.08 -51.43 5.16
C ALA C 290 22.90 -50.92 4.35
N LEU C 291 23.11 -49.95 3.47
CA LEU C 291 22.04 -49.33 2.71
C LEU C 291 21.97 -49.99 1.33
N PRO C 292 20.75 -50.13 0.78
CA PRO C 292 20.51 -50.87 -0.43
C PRO C 292 20.83 -50.19 -1.76
N ASP C 293 21.01 -48.86 -1.80
CA ASP C 293 21.18 -48.18 -3.10
C ASP C 293 22.05 -46.94 -2.99
N GLU C 294 22.72 -46.65 -4.08
CA GLU C 294 23.85 -45.66 -4.09
C GLU C 294 23.31 -44.27 -3.84
N THR C 295 22.10 -43.94 -4.28
CA THR C 295 21.55 -42.60 -4.06
C THR C 295 21.27 -42.42 -2.55
N MET C 296 20.70 -43.41 -1.85
CA MET C 296 20.48 -43.31 -0.37
C MET C 296 21.84 -43.10 0.35
N LYS C 297 22.88 -43.78 -0.12
CA LYS C 297 24.17 -43.69 0.57
C LYS C 297 24.62 -42.22 0.46
N LYS C 298 24.52 -41.63 -0.72
CA LYS C 298 24.90 -40.21 -0.95
C LYS C 298 24.13 -39.34 0.06
N ARG C 299 22.83 -39.56 0.17
CA ARG C 299 22.01 -38.67 1.05
C ARG C 299 22.52 -38.80 2.50
N VAL C 300 22.73 -40.02 3.01
CA VAL C 300 23.17 -40.21 4.41
C VAL C 300 24.54 -39.56 4.57
N ARG C 301 25.44 -39.75 3.58
CA ARG C 301 26.75 -39.15 3.72
C ARG C 301 26.67 -37.63 3.85
N HIS C 302 25.83 -36.98 3.10
CA HIS C 302 25.65 -35.53 3.30
C HIS C 302 25.22 -35.22 4.73
N VAL C 303 24.18 -35.88 5.19
CA VAL C 303 23.57 -35.58 6.52
C VAL C 303 24.61 -35.79 7.61
N VAL C 304 25.37 -36.90 7.58
CA VAL C 304 26.37 -37.17 8.66
C VAL C 304 27.45 -36.06 8.62
N THR C 305 28.03 -35.85 7.44
CA THR C 305 29.15 -34.90 7.31
C THR C 305 28.70 -33.46 7.60
N GLU C 306 27.48 -33.15 7.26
CA GLU C 306 26.88 -31.79 7.43
C GLU C 306 26.71 -31.52 8.94
N ILE C 307 26.20 -32.45 9.73
CA ILE C 307 26.05 -32.24 11.21
C ILE C 307 27.43 -31.91 11.82
N GLU C 308 28.46 -32.67 11.45
CA GLU C 308 29.85 -32.47 11.97
C GLU C 308 30.37 -31.12 11.49
N ARG C 309 30.05 -30.74 10.27
CA ARG C 309 30.48 -29.45 9.75
C ARG C 309 29.87 -28.32 10.58
N VAL C 310 28.64 -28.45 11.06
CA VAL C 310 28.08 -27.33 11.88
C VAL C 310 28.97 -27.22 13.13
N ARG C 311 29.36 -28.31 13.80
CA ARG C 311 30.20 -28.25 15.02
C ARG C 311 31.50 -27.61 14.64
N SER C 312 32.07 -28.01 13.49
CA SER C 312 33.41 -27.44 13.16
C SER C 312 33.29 -25.94 12.92
N PHE C 313 32.23 -25.48 12.28
CA PHE C 313 32.01 -24.06 11.92
C PHE C 313 31.82 -23.24 13.18
N VAL C 314 31.08 -23.75 14.14
CA VAL C 314 30.92 -23.06 15.45
C VAL C 314 32.29 -22.85 16.11
N ARG C 315 33.14 -23.89 16.15
CA ARG C 315 34.49 -23.84 16.71
C ARG C 315 35.37 -22.84 15.93
N ALA C 316 35.36 -22.91 14.61
CA ALA C 316 36.26 -22.11 13.76
C ALA C 316 35.93 -20.62 13.97
N PHE C 317 34.64 -20.31 13.94
CA PHE C 317 34.14 -18.90 13.94
C PHE C 317 34.38 -18.32 15.32
N ALA C 318 34.19 -19.10 16.36
CA ALA C 318 34.39 -18.72 17.78
C ALA C 318 35.86 -18.36 18.01
N GLN C 319 36.76 -19.01 17.26
CA GLN C 319 38.22 -18.77 17.34
C GLN C 319 38.64 -17.68 16.33
N GLY C 320 37.73 -17.10 15.53
CA GLY C 320 38.12 -16.10 14.52
C GLY C 320 38.95 -16.70 13.37
N ASP C 321 38.85 -18.01 13.14
CA ASP C 321 39.49 -18.66 11.96
C ASP C 321 38.54 -18.53 10.77
N ILE C 322 38.60 -17.38 10.12
CA ILE C 322 37.66 -17.05 9.03
C ILE C 322 38.02 -17.94 7.83
N LYS C 323 39.31 -18.25 7.60
CA LYS C 323 39.65 -19.08 6.43
C LYS C 323 39.00 -20.47 6.64
N ALA C 324 39.11 -21.02 7.87
CA ALA C 324 38.51 -22.35 8.15
C ALA C 324 36.98 -22.27 7.98
N ALA C 325 36.39 -21.24 8.54
CA ALA C 325 34.91 -21.07 8.49
C ALA C 325 34.42 -21.05 7.04
N GLY C 326 35.12 -20.38 6.16
CA GLY C 326 34.89 -20.31 4.72
C GLY C 326 35.00 -21.68 4.08
N ARG C 327 36.03 -22.46 4.41
N ARG C 327 36.05 -22.41 4.41
CA ARG C 327 36.19 -23.84 3.86
CA ARG C 327 36.24 -23.80 3.90
C ARG C 327 35.06 -24.77 4.27
C ARG C 327 35.01 -24.65 4.21
N LEU C 328 34.47 -24.51 5.42
CA LEU C 328 33.34 -25.31 5.88
C LEU C 328 32.09 -24.86 5.11
N PHE C 329 31.91 -23.57 4.87
CA PHE C 329 30.84 -23.14 3.92
C PHE C 329 31.01 -23.88 2.58
N ASN C 330 32.24 -23.92 2.05
CA ASN C 330 32.46 -24.48 0.72
C ASN C 330 32.15 -25.99 0.72
N ALA C 331 32.57 -26.71 1.76
CA ALA C 331 32.33 -28.17 1.87
C ALA C 331 30.83 -28.45 1.98
N SER C 332 30.10 -27.62 2.70
CA SER C 332 28.63 -27.82 2.83
C SER C 332 28.01 -27.63 1.47
N HIS C 333 28.35 -26.60 0.68
CA HIS C 333 27.86 -26.44 -0.70
C HIS C 333 28.24 -27.66 -1.56
N ASP C 334 29.49 -28.08 -1.45
CA ASP C 334 29.96 -29.11 -2.37
C ASP C 334 29.22 -30.41 -2.12
N SER C 335 28.93 -30.70 -0.86
CA SER C 335 28.14 -31.87 -0.43
C SER C 335 26.72 -31.76 -0.99
N LEU C 336 26.10 -30.61 -0.83
CA LEU C 336 24.72 -30.35 -1.31
C LEU C 336 24.66 -30.47 -2.82
N ALA C 337 25.75 -30.17 -3.53
CA ALA C 337 25.77 -30.33 -5.01
C ALA C 337 25.90 -31.82 -5.37
N ALA C 338 26.89 -32.46 -4.85
CA ALA C 338 27.35 -33.80 -5.31
C ALA C 338 26.55 -34.90 -4.64
N ASP C 339 26.35 -34.82 -3.32
CA ASP C 339 25.78 -35.97 -2.56
C ASP C 339 24.29 -35.74 -2.37
N TYR C 340 23.84 -34.53 -2.04
CA TYR C 340 22.39 -34.32 -1.80
C TYR C 340 21.67 -33.95 -3.10
N GLU C 341 22.41 -33.52 -4.11
CA GLU C 341 21.88 -33.21 -5.44
C GLU C 341 20.67 -32.26 -5.29
N VAL C 342 20.91 -31.11 -4.64
CA VAL C 342 19.82 -30.08 -4.53
C VAL C 342 20.26 -28.75 -5.15
N THR C 343 21.41 -28.71 -5.86
CA THR C 343 21.78 -27.44 -6.50
C THR C 343 21.30 -27.41 -7.95
N VAL C 344 21.33 -26.24 -8.51
CA VAL C 344 21.00 -25.96 -9.92
C VAL C 344 22.13 -25.07 -10.42
N PRO C 345 22.28 -24.92 -11.75
CA PRO C 345 23.35 -24.09 -12.31
C PRO C 345 23.38 -22.68 -11.77
N GLU C 346 22.24 -21.99 -11.55
CA GLU C 346 22.30 -20.59 -11.08
C GLU C 346 22.99 -20.59 -9.69
N LEU C 347 22.68 -21.55 -8.81
CA LEU C 347 23.36 -21.59 -7.49
C LEU C 347 24.84 -21.88 -7.67
N ASP C 348 25.19 -22.90 -8.45
CA ASP C 348 26.61 -23.37 -8.49
C ASP C 348 27.47 -22.26 -9.16
N ILE C 349 26.97 -21.59 -10.17
CA ILE C 349 27.73 -20.50 -10.90
C ILE C 349 27.83 -19.31 -9.95
N ALA C 350 26.74 -18.92 -9.28
CA ALA C 350 26.86 -17.79 -8.35
C ALA C 350 27.97 -18.09 -7.30
N VAL C 351 28.01 -19.29 -6.71
CA VAL C 351 29.01 -19.72 -5.73
C VAL C 351 30.39 -19.64 -6.37
N ASP C 352 30.48 -20.13 -7.59
CA ASP C 352 31.82 -20.22 -8.23
C ASP C 352 32.35 -18.79 -8.44
N VAL C 353 31.49 -17.86 -8.84
CA VAL C 353 31.90 -16.45 -9.04
C VAL C 353 32.37 -15.92 -7.69
N ALA C 354 31.60 -16.07 -6.61
CA ALA C 354 32.00 -15.59 -5.29
C ALA C 354 33.37 -16.16 -4.95
N ARG C 355 33.60 -17.48 -5.08
CA ARG C 355 34.89 -18.12 -4.66
C ARG C 355 36.06 -17.54 -5.49
N LYS C 356 35.84 -17.29 -6.76
CA LYS C 356 36.89 -16.78 -7.67
C LYS C 356 37.09 -15.27 -7.49
N ASN C 357 36.22 -14.61 -6.73
CA ASN C 357 36.32 -13.13 -6.57
C ASN C 357 36.48 -12.76 -5.09
N GLY C 358 37.11 -13.61 -4.30
CA GLY C 358 37.64 -13.30 -2.95
C GLY C 358 36.74 -13.70 -1.80
N ALA C 359 35.67 -14.48 -1.98
CA ALA C 359 34.85 -15.00 -0.87
C ALA C 359 35.74 -15.95 -0.05
N TYR C 360 35.70 -15.87 1.28
CA TYR C 360 36.32 -16.90 2.16
C TYR C 360 35.64 -18.26 1.94
N GLY C 361 34.34 -18.21 1.73
CA GLY C 361 33.54 -19.36 1.37
C GLY C 361 32.21 -18.90 0.83
N ALA C 362 31.49 -19.81 0.14
CA ALA C 362 30.20 -19.46 -0.49
C ALA C 362 29.40 -20.74 -0.67
N ARG C 363 28.09 -20.61 -0.43
CA ARG C 363 27.20 -21.81 -0.48
C ARG C 363 25.76 -21.39 -0.78
N MET C 364 25.01 -22.26 -1.42
CA MET C 364 23.54 -22.17 -1.41
C MET C 364 23.11 -22.20 0.05
N THR C 365 21.97 -21.60 0.31
CA THR C 365 21.34 -21.65 1.63
C THR C 365 19.90 -22.18 1.41
N GLY C 366 19.27 -22.66 2.47
CA GLY C 366 17.89 -23.11 2.38
C GLY C 366 17.77 -24.50 1.75
N GLY C 367 16.63 -24.76 1.18
CA GLY C 367 16.27 -26.14 0.77
C GLY C 367 16.98 -26.44 -0.57
N GLY C 368 17.22 -25.42 -1.37
CA GLY C 368 17.83 -25.66 -2.68
C GLY C 368 16.84 -25.74 -3.79
N PHE C 369 17.27 -26.30 -4.94
CA PHE C 369 16.48 -26.40 -6.20
C PHE C 369 16.29 -25.00 -6.84
N GLY C 370 17.06 -24.02 -6.39
CA GLY C 370 16.90 -22.61 -6.77
C GLY C 370 17.10 -21.78 -5.50
N GLY C 371 16.74 -20.49 -5.57
CA GLY C 371 16.82 -19.66 -4.37
C GLY C 371 18.12 -18.89 -4.28
N SER C 372 18.68 -18.87 -3.07
CA SER C 372 19.68 -17.86 -2.65
C SER C 372 21.02 -18.54 -2.30
N ILE C 373 22.10 -17.81 -2.44
CA ILE C 373 23.45 -18.20 -1.94
C ILE C 373 23.89 -17.14 -0.95
N ILE C 374 24.86 -17.53 -0.17
CA ILE C 374 25.50 -16.66 0.83
C ILE C 374 27.01 -16.76 0.67
N ALA C 375 27.70 -15.67 0.99
CA ALA C 375 29.16 -15.72 0.92
C ALA C 375 29.78 -14.82 2.01
N LEU C 376 30.82 -15.32 2.66
CA LEU C 376 31.59 -14.51 3.61
C LEU C 376 32.66 -13.77 2.83
N VAL C 377 32.64 -12.43 2.90
CA VAL C 377 33.50 -11.58 2.03
C VAL C 377 34.04 -10.45 2.88
N ASP C 378 35.13 -9.87 2.43
CA ASP C 378 35.70 -8.66 3.12
C ASP C 378 34.70 -7.51 3.05
N LYS C 379 34.54 -6.79 4.16
CA LYS C 379 33.58 -5.67 4.14
C LYS C 379 33.82 -4.71 2.97
N GLY C 380 32.78 -4.31 2.29
CA GLY C 380 32.84 -3.50 1.06
C GLY C 380 33.03 -4.29 -0.21
N GLN C 381 33.16 -5.62 -0.13
CA GLN C 381 33.33 -6.43 -1.36
C GLN C 381 32.02 -7.03 -1.82
N GLY C 382 30.95 -6.96 -1.04
CA GLY C 382 29.69 -7.60 -1.43
C GLY C 382 29.12 -6.97 -2.68
N HIS C 383 29.17 -5.65 -2.81
CA HIS C 383 28.53 -4.99 -3.96
C HIS C 383 29.29 -5.44 -5.23
N GLU C 384 30.62 -5.51 -5.19
CA GLU C 384 31.40 -5.83 -6.43
C GLU C 384 31.14 -7.30 -6.75
N ILE C 385 31.10 -8.18 -5.75
CA ILE C 385 30.85 -9.63 -6.03
C ILE C 385 29.42 -9.76 -6.55
N ALA C 386 28.43 -9.11 -5.94
CA ALA C 386 27.08 -9.20 -6.52
C ALA C 386 27.07 -8.80 -7.99
N GLN C 387 27.72 -7.68 -8.34
CA GLN C 387 27.66 -7.18 -9.73
C GLN C 387 28.37 -8.18 -10.67
N LYS C 388 29.46 -8.79 -10.23
CA LYS C 388 30.11 -9.88 -11.03
C LYS C 388 29.17 -11.11 -11.20
N ILE C 389 28.37 -11.46 -10.19
CA ILE C 389 27.38 -12.57 -10.35
C ILE C 389 26.38 -12.07 -11.38
N ALA C 390 25.84 -10.85 -11.21
CA ALA C 390 24.83 -10.39 -12.18
C ALA C 390 25.39 -10.40 -13.64
N ASP C 391 26.58 -9.87 -13.85
CA ASP C 391 27.18 -9.84 -15.22
C ASP C 391 27.41 -11.27 -15.74
N ARG C 392 27.85 -12.19 -14.87
CA ARG C 392 28.00 -13.60 -15.26
C ARG C 392 26.62 -14.15 -15.69
N PHE C 393 25.54 -13.81 -14.96
CA PHE C 393 24.21 -14.35 -15.24
C PHE C 393 23.71 -13.83 -16.58
N GLU C 394 23.98 -12.55 -16.86
CA GLU C 394 23.57 -11.95 -18.12
C GLU C 394 24.27 -12.72 -19.28
N LYS C 395 25.51 -13.13 -19.11
CA LYS C 395 26.31 -13.86 -20.14
C LYS C 395 25.77 -15.27 -20.28
N GLU C 396 25.26 -15.83 -19.17
CA GLU C 396 24.75 -17.19 -19.17
C GLU C 396 23.38 -17.26 -19.82
N GLY C 397 22.62 -16.13 -19.84
CA GLY C 397 21.23 -15.97 -20.32
C GLY C 397 20.26 -16.24 -19.21
N PHE C 398 20.70 -16.18 -17.96
CA PHE C 398 19.84 -16.34 -16.75
C PHE C 398 19.05 -15.07 -16.45
N ASN C 399 18.01 -15.21 -15.60
CA ASN C 399 17.25 -14.08 -15.03
C ASN C 399 18.25 -13.26 -14.19
N ALA C 400 18.16 -11.93 -14.15
CA ALA C 400 19.05 -11.15 -13.29
C ALA C 400 18.79 -11.50 -11.82
N PRO C 401 19.85 -11.63 -11.02
CA PRO C 401 19.77 -11.89 -9.60
C PRO C 401 19.64 -10.57 -8.83
N ARG C 402 19.28 -10.68 -7.55
CA ARG C 402 19.15 -9.52 -6.65
C ARG C 402 19.94 -9.84 -5.39
N ALA C 403 20.50 -8.81 -4.80
CA ALA C 403 21.29 -8.95 -3.56
C ALA C 403 20.48 -8.38 -2.40
N LEU C 404 20.80 -8.84 -1.20
CA LEU C 404 20.13 -8.38 0.04
C LEU C 404 21.24 -8.08 1.01
N PRO C 405 21.28 -6.84 1.57
CA PRO C 405 22.11 -6.55 2.73
C PRO C 405 21.72 -7.46 3.89
N ALA C 406 22.71 -7.98 4.59
CA ALA C 406 22.49 -9.02 5.60
C ALA C 406 23.43 -8.82 6.76
N PHE C 407 22.86 -9.00 7.93
CA PHE C 407 23.58 -9.15 9.19
C PHE C 407 22.64 -9.97 10.09
N ALA C 408 23.12 -10.47 11.20
CA ALA C 408 22.29 -11.21 12.20
C ALA C 408 21.43 -10.17 12.91
N ALA C 409 20.15 -10.20 12.61
CA ALA C 409 19.17 -9.20 13.06
C ALA C 409 18.27 -9.84 14.12
N ALA C 410 17.26 -9.07 14.54
CA ALA C 410 16.37 -9.48 15.64
C ALA C 410 15.33 -10.48 15.10
N SER C 411 14.77 -11.27 16.01
CA SER C 411 13.60 -12.13 15.73
C SER C 411 12.31 -11.31 15.72
N ALA C 412 11.22 -12.02 15.56
CA ALA C 412 9.85 -11.47 15.51
C ALA C 412 9.64 -10.57 16.74
N SER C 413 8.81 -9.54 16.55
CA SER C 413 8.54 -8.58 17.65
C SER C 413 7.25 -7.83 17.39
N ARG C 414 6.66 -7.31 18.48
CA ARG C 414 5.70 -6.23 18.24
C ARG C 414 6.42 -4.99 17.67
N GLU C 415 5.81 -4.30 16.75
CA GLU C 415 6.38 -3.09 16.14
C GLU C 415 5.52 -1.93 16.64
N ALA C 416 6.10 -0.90 17.20
CA ALA C 416 5.40 0.12 18.03
C ALA C 416 4.66 1.09 17.11
N LYS C 417 3.51 1.59 17.59
CA LYS C 417 2.66 2.57 16.86
C LYS C 417 3.58 3.77 16.65
N LEU C 418 3.55 4.40 15.47
CA LEU C 418 4.23 5.70 15.20
C LEU C 418 3.56 6.81 16.01
N ALA C 419 2.23 6.86 15.98
CA ALA C 419 1.36 8.00 16.33
C ALA C 419 -0.01 7.83 15.65
N MET D 1 -13.49 27.42 20.54
CA MET D 1 -14.10 26.02 20.27
C MET D 1 -14.62 25.92 18.83
N THR D 2 -13.86 25.29 17.88
CA THR D 2 -14.00 25.51 16.41
C THR D 2 -15.47 25.26 15.99
N ALA D 3 -16.02 26.06 15.10
CA ALA D 3 -17.41 25.82 14.62
C ALA D 3 -17.50 24.38 14.11
N VAL D 4 -18.48 23.65 14.55
CA VAL D 4 -18.81 22.36 13.88
C VAL D 4 -18.98 22.58 12.35
N GLU D 5 -18.41 21.71 11.51
CA GLU D 5 -18.61 21.80 10.05
C GLU D 5 -19.99 21.26 9.73
N PHE D 6 -20.80 22.07 9.10
CA PHE D 6 -22.04 21.60 8.45
C PHE D 6 -21.78 21.36 6.97
N ILE D 7 -21.96 20.10 6.54
CA ILE D 7 -21.77 19.73 5.11
C ILE D 7 -22.97 20.20 4.28
N GLU D 8 -22.76 21.12 3.37
CA GLU D 8 -23.84 21.57 2.43
C GLU D 8 -24.05 20.52 1.36
N PRO D 9 -25.32 20.28 0.96
CA PRO D 9 -25.63 19.43 -0.18
C PRO D 9 -25.22 20.14 -1.47
N LEU D 10 -24.66 19.34 -2.39
CA LEU D 10 -24.41 19.82 -3.77
C LEU D 10 -25.74 20.25 -4.39
N THR D 11 -25.80 21.41 -5.03
CA THR D 11 -26.93 21.75 -5.91
C THR D 11 -26.95 20.83 -7.15
N HIS D 12 -28.11 20.77 -7.80
CA HIS D 12 -28.28 20.15 -9.14
C HIS D 12 -27.09 20.57 -10.04
N GLU D 13 -26.80 21.86 -10.11
CA GLU D 13 -25.83 22.42 -11.10
C GLU D 13 -24.42 21.94 -10.70
N GLU D 14 -24.10 21.99 -9.40
CA GLU D 14 -22.77 21.57 -8.89
C GLU D 14 -22.57 20.07 -9.16
N GLY D 15 -23.58 19.23 -8.88
CA GLY D 15 -23.42 17.78 -9.02
C GLY D 15 -23.18 17.45 -10.47
N VAL D 16 -24.04 17.94 -11.34
CA VAL D 16 -23.89 17.62 -12.79
C VAL D 16 -22.52 18.09 -13.28
N SER D 17 -22.19 19.37 -13.03
N SER D 17 -22.14 19.34 -12.98
CA SER D 17 -20.91 19.97 -13.47
CA SER D 17 -20.90 19.95 -13.55
C SER D 17 -19.76 19.08 -13.01
C SER D 17 -19.66 19.25 -12.97
N GLN D 18 -19.68 18.81 -11.72
CA GLN D 18 -18.51 18.15 -11.12
C GLN D 18 -18.42 16.68 -11.60
N ALA D 19 -19.56 16.02 -11.74
CA ALA D 19 -19.61 14.60 -12.19
C ALA D 19 -19.18 14.58 -13.65
N THR D 20 -19.70 15.50 -14.44
CA THR D 20 -19.34 15.60 -15.88
C THR D 20 -17.84 15.90 -16.03
N LYS D 21 -17.32 16.87 -15.30
CA LYS D 21 -15.90 17.26 -15.43
C LYS D 21 -15.05 16.01 -15.14
N LEU D 22 -15.34 15.22 -14.08
CA LEU D 22 -14.50 14.10 -13.68
C LEU D 22 -14.60 13.04 -14.75
N PHE D 23 -15.78 12.91 -15.32
CA PHE D 23 -16.00 11.96 -16.46
C PHE D 23 -15.08 12.36 -17.62
N VAL D 24 -15.14 13.61 -18.05
CA VAL D 24 -14.39 14.05 -19.25
C VAL D 24 -12.87 13.98 -19.00
N ASP D 25 -12.42 14.43 -17.84
CA ASP D 25 -10.99 14.36 -17.40
C ASP D 25 -10.48 12.92 -17.38
N THR D 26 -11.31 11.94 -17.01
CA THR D 26 -10.90 10.54 -16.78
C THR D 26 -10.96 9.74 -18.09
N TYR D 27 -12.02 9.94 -18.90
CA TYR D 27 -12.43 9.04 -20.04
C TYR D 27 -12.40 9.78 -21.38
N GLY D 28 -12.27 11.11 -21.38
CA GLY D 28 -12.18 11.93 -22.59
C GLY D 28 -13.53 12.08 -23.23
N ALA D 29 -14.31 10.99 -23.40
CA ALA D 29 -15.69 10.96 -23.97
C ALA D 29 -16.63 11.81 -23.06
N ALA D 30 -17.74 12.32 -23.61
CA ALA D 30 -18.83 12.92 -22.81
C ALA D 30 -19.69 11.80 -22.26
N PRO D 31 -20.24 11.92 -21.03
CA PRO D 31 -21.13 10.88 -20.55
C PRO D 31 -22.42 10.89 -21.38
N GLU D 32 -23.21 9.82 -21.28
CA GLU D 32 -24.55 9.80 -21.87
C GLU D 32 -25.48 10.66 -21.02
N GLY D 33 -25.18 10.77 -19.73
CA GLY D 33 -26.05 11.57 -18.83
C GLY D 33 -25.52 11.52 -17.44
N VAL D 34 -26.30 12.16 -16.54
CA VAL D 34 -25.92 12.22 -15.11
C VAL D 34 -27.19 11.82 -14.35
N TRP D 35 -27.02 10.93 -13.43
CA TRP D 35 -28.10 10.52 -12.50
C TRP D 35 -27.60 10.82 -11.09
N ALA D 36 -28.50 10.76 -10.13
CA ALA D 36 -28.13 10.93 -8.73
C ALA D 36 -29.10 10.20 -7.83
N ALA D 37 -28.61 9.85 -6.67
CA ALA D 37 -29.45 9.27 -5.60
C ALA D 37 -28.99 9.83 -4.30
N PRO D 38 -29.95 10.04 -3.37
CA PRO D 38 -29.60 10.60 -2.06
C PRO D 38 -29.21 9.58 -0.97
N GLY D 39 -28.48 10.04 0.03
CA GLY D 39 -28.42 9.39 1.34
C GLY D 39 -29.73 9.55 2.04
N ARG D 40 -29.76 9.10 3.28
CA ARG D 40 -31.00 8.97 4.05
C ARG D 40 -30.66 9.07 5.53
N VAL D 41 -31.71 9.43 6.27
CA VAL D 41 -31.85 9.35 7.73
C VAL D 41 -33.08 8.48 7.97
N ASN D 42 -32.95 7.44 8.77
CA ASN D 42 -34.12 6.73 9.29
C ASN D 42 -34.65 7.49 10.53
N LEU D 43 -35.90 7.95 10.46
CA LEU D 43 -36.48 8.65 11.64
C LEU D 43 -36.69 7.72 12.82
N ILE D 44 -37.19 6.50 12.58
CA ILE D 44 -37.52 5.54 13.64
C ILE D 44 -37.83 4.23 12.92
N GLY D 45 -37.72 3.15 13.64
CA GLY D 45 -37.92 1.79 13.10
C GLY D 45 -36.58 1.22 12.65
N GLU D 46 -35.73 1.05 13.61
CA GLU D 46 -34.32 0.63 13.42
C GLU D 46 -34.22 -0.86 13.73
N HIS D 47 -33.45 -1.57 12.90
CA HIS D 47 -33.22 -3.02 13.06
C HIS D 47 -34.53 -3.79 12.86
N THR D 48 -35.45 -3.20 12.09
CA THR D 48 -36.76 -3.80 11.79
C THR D 48 -36.88 -4.30 10.38
N ASP D 49 -36.15 -3.74 9.40
CA ASP D 49 -36.33 -4.09 7.98
C ASP D 49 -36.16 -5.58 7.77
N TYR D 50 -35.11 -6.17 8.30
CA TYR D 50 -34.79 -7.60 8.09
C TYR D 50 -35.67 -8.49 8.99
N ASN D 51 -36.55 -7.88 9.79
CA ASN D 51 -37.57 -8.55 10.65
C ASN D 51 -39.01 -8.39 10.07
N ALA D 52 -39.13 -7.92 8.84
CA ALA D 52 -40.39 -7.68 8.16
C ALA D 52 -41.15 -6.62 8.93
N GLY D 53 -40.46 -5.63 9.48
CA GLY D 53 -41.12 -4.65 10.36
C GLY D 53 -41.41 -3.38 9.60
N LEU D 54 -41.56 -2.30 10.34
CA LEU D 54 -41.87 -0.96 9.79
C LEU D 54 -40.63 -0.07 10.01
N CYS D 55 -40.45 0.84 9.06
CA CYS D 55 -39.36 1.85 9.05
C CYS D 55 -39.93 3.18 8.55
N LEU D 56 -39.20 4.25 8.80
CA LEU D 56 -39.69 5.60 8.48
C LEU D 56 -38.56 6.52 8.09
N PRO D 57 -37.93 6.24 6.94
CA PRO D 57 -36.82 7.10 6.50
C PRO D 57 -37.27 8.33 5.73
N ILE D 58 -36.35 9.34 5.66
CA ILE D 58 -36.40 10.46 4.69
C ILE D 58 -35.11 10.41 3.86
N ALA D 59 -35.21 10.90 2.64
CA ALA D 59 -34.03 11.12 1.78
C ALA D 59 -33.43 12.49 2.14
N LEU D 60 -32.12 12.51 2.31
CA LEU D 60 -31.35 13.75 2.55
C LEU D 60 -31.30 14.53 1.25
N PRO D 61 -31.04 15.85 1.32
CA PRO D 61 -30.75 16.65 0.11
C PRO D 61 -29.39 16.27 -0.47
N HIS D 62 -28.53 15.71 0.36
CA HIS D 62 -27.16 15.25 -0.06
C HIS D 62 -27.29 14.07 -1.02
N ARG D 63 -26.70 14.19 -2.21
CA ARG D 63 -26.81 13.14 -3.26
C ARG D 63 -25.40 12.74 -3.77
N THR D 64 -25.30 11.50 -4.20
CA THR D 64 -24.21 10.98 -5.09
C THR D 64 -24.65 11.13 -6.53
N PHE D 65 -23.84 11.78 -7.35
CA PHE D 65 -24.05 12.05 -8.77
C PHE D 65 -23.16 11.10 -9.54
N ILE D 66 -23.77 10.36 -10.47
CA ILE D 66 -23.01 9.43 -11.36
C ILE D 66 -23.16 9.91 -12.79
N ALA D 67 -22.02 10.21 -13.46
CA ALA D 67 -21.90 10.44 -14.92
C ALA D 67 -21.57 9.07 -15.53
N LEU D 68 -22.38 8.59 -16.47
CA LEU D 68 -22.24 7.21 -17.01
C LEU D 68 -22.46 7.19 -18.51
N LYS D 69 -21.71 6.33 -19.17
CA LYS D 69 -21.92 5.94 -20.57
C LYS D 69 -21.80 4.43 -20.66
N PRO D 70 -22.77 3.77 -21.30
CA PRO D 70 -22.67 2.32 -21.54
C PRO D 70 -21.49 2.03 -22.48
N ARG D 71 -21.07 0.75 -22.48
CA ARG D 71 -20.00 0.17 -23.31
C ARG D 71 -20.57 -1.01 -24.09
N GLU D 72 -20.03 -1.26 -25.28
CA GLU D 72 -20.53 -2.39 -26.08
C GLU D 72 -19.81 -3.65 -25.57
N ASP D 73 -18.68 -3.51 -24.88
CA ASP D 73 -18.03 -4.68 -24.26
C ASP D 73 -18.60 -4.91 -22.86
N THR D 74 -17.86 -5.70 -22.07
CA THR D 74 -18.24 -6.04 -20.68
C THR D 74 -17.29 -5.42 -19.61
N LYS D 75 -16.46 -4.46 -20.05
CA LYS D 75 -15.55 -3.73 -19.16
C LYS D 75 -16.43 -2.76 -18.33
N VAL D 76 -16.14 -2.64 -17.05
CA VAL D 76 -16.69 -1.60 -16.13
C VAL D 76 -15.50 -0.81 -15.59
N ARG D 77 -15.44 0.48 -15.91
CA ARG D 77 -14.40 1.39 -15.34
C ARG D 77 -15.15 2.38 -14.47
N VAL D 78 -14.71 2.51 -13.22
CA VAL D 78 -15.33 3.54 -12.34
C VAL D 78 -14.26 4.38 -11.68
N VAL D 79 -14.56 5.66 -11.46
CA VAL D 79 -13.69 6.61 -10.72
C VAL D 79 -14.54 7.45 -9.79
N SER D 80 -13.95 7.89 -8.67
CA SER D 80 -14.70 8.66 -7.67
C SER D 80 -13.94 9.94 -7.32
N GLY D 81 -14.63 11.02 -7.01
CA GLY D 81 -13.89 12.22 -6.60
C GLY D 81 -13.20 12.01 -5.27
N VAL D 82 -13.50 10.94 -4.50
CA VAL D 82 -12.75 10.65 -3.24
C VAL D 82 -11.28 10.46 -3.65
N ALA D 83 -11.05 9.91 -4.82
CA ALA D 83 -9.69 9.53 -5.29
C ALA D 83 -9.64 9.60 -6.80
N PRO D 84 -9.59 10.81 -7.39
CA PRO D 84 -9.95 10.98 -8.79
C PRO D 84 -8.87 10.42 -9.70
N ASP D 85 -7.71 10.03 -9.15
CA ASP D 85 -6.60 9.50 -9.97
C ASP D 85 -6.58 7.97 -10.01
N LYS D 86 -7.56 7.31 -9.37
CA LYS D 86 -7.58 5.84 -9.13
C LYS D 86 -8.82 5.30 -9.82
N VAL D 87 -8.64 4.96 -11.11
CA VAL D 87 -9.71 4.30 -11.94
C VAL D 87 -9.72 2.81 -11.65
N ALA D 88 -10.87 2.25 -11.30
CA ALA D 88 -11.03 0.80 -11.02
C ALA D 88 -11.60 0.13 -12.26
N GLU D 89 -11.03 -1.01 -12.67
CA GLU D 89 -11.54 -1.70 -13.91
C GLU D 89 -11.84 -3.16 -13.55
N ALA D 90 -12.98 -3.67 -14.04
CA ALA D 90 -13.42 -5.08 -13.92
C ALA D 90 -14.09 -5.50 -15.23
N ASP D 91 -14.34 -6.79 -15.40
CA ASP D 91 -15.03 -7.32 -16.58
C ASP D 91 -16.17 -8.17 -16.05
N LEU D 92 -17.38 -7.83 -16.50
CA LEU D 92 -18.63 -8.52 -16.09
C LEU D 92 -18.74 -9.92 -16.69
N ASP D 93 -17.96 -10.22 -17.72
CA ASP D 93 -18.06 -11.52 -18.43
C ASP D 93 -17.48 -12.60 -17.51
N GLY D 94 -18.33 -13.52 -17.05
CA GLY D 94 -17.94 -14.60 -16.12
C GLY D 94 -17.77 -14.15 -14.67
N LEU D 95 -18.12 -12.91 -14.34
CA LEU D 95 -17.83 -12.34 -13.00
C LEU D 95 -18.68 -13.11 -11.98
N LYS D 96 -18.10 -13.54 -10.87
CA LYS D 96 -18.82 -14.28 -9.80
C LYS D 96 -19.02 -13.37 -8.59
N ALA D 97 -19.82 -13.84 -7.65
CA ALA D 97 -20.10 -13.11 -6.40
C ALA D 97 -18.74 -12.93 -5.70
N ARG D 98 -18.51 -11.72 -5.15
CA ARG D 98 -17.26 -11.38 -4.42
C ARG D 98 -16.06 -11.30 -5.40
N GLY D 99 -16.30 -11.16 -6.70
CA GLY D 99 -15.22 -11.13 -7.72
C GLY D 99 -14.61 -9.76 -7.88
N VAL D 100 -15.16 -8.77 -7.21
CA VAL D 100 -14.57 -7.39 -7.11
C VAL D 100 -14.43 -7.05 -5.62
N ASP D 101 -13.26 -6.51 -5.24
CA ASP D 101 -13.00 -6.05 -3.85
C ASP D 101 -12.99 -4.52 -3.84
N GLY D 102 -13.31 -3.94 -2.69
CA GLY D 102 -13.18 -2.50 -2.50
C GLY D 102 -14.37 -1.75 -3.08
N TRP D 103 -14.25 -0.43 -3.17
CA TRP D 103 -15.44 0.44 -3.39
C TRP D 103 -16.09 0.10 -4.75
N SER D 104 -15.30 -0.27 -5.77
CA SER D 104 -15.83 -0.51 -7.14
C SER D 104 -16.71 -1.77 -7.19
N ALA D 105 -16.73 -2.55 -6.14
CA ALA D 105 -17.70 -3.66 -5.98
C ALA D 105 -19.12 -3.11 -5.99
N TYR D 106 -19.37 -1.94 -5.40
CA TYR D 106 -20.75 -1.41 -5.29
C TYR D 106 -21.34 -1.11 -6.67
N PRO D 107 -20.74 -0.25 -7.54
CA PRO D 107 -21.36 -0.03 -8.85
C PRO D 107 -21.23 -1.23 -9.81
N THR D 108 -20.07 -1.90 -9.78
CA THR D 108 -19.88 -3.04 -10.69
C THR D 108 -20.94 -4.13 -10.40
N GLY D 109 -21.14 -4.46 -9.13
CA GLY D 109 -22.14 -5.51 -8.76
C GLY D 109 -23.60 -5.18 -9.13
N VAL D 110 -23.94 -3.89 -9.36
CA VAL D 110 -25.31 -3.52 -9.86
C VAL D 110 -25.46 -4.07 -11.27
N ALA D 111 -24.46 -3.90 -12.14
CA ALA D 111 -24.58 -4.42 -13.52
C ALA D 111 -24.59 -5.94 -13.43
N TRP D 112 -23.73 -6.50 -12.58
CA TRP D 112 -23.67 -7.95 -12.34
C TRP D 112 -25.02 -8.48 -11.87
N ALA D 113 -25.66 -7.84 -10.88
CA ALA D 113 -27.00 -8.23 -10.38
C ALA D 113 -28.05 -8.18 -11.49
N LEU D 114 -28.08 -7.14 -12.31
CA LEU D 114 -29.03 -6.99 -13.43
C LEU D 114 -28.86 -8.13 -14.43
N ARG D 115 -27.63 -8.46 -14.78
CA ARG D 115 -27.38 -9.63 -15.66
C ARG D 115 -27.80 -10.90 -14.96
N GLN D 116 -27.64 -11.05 -13.63
CA GLN D 116 -28.04 -12.32 -12.95
C GLN D 116 -29.57 -12.40 -13.01
N ALA D 117 -30.27 -11.27 -13.03
CA ALA D 117 -31.76 -11.25 -13.02
C ALA D 117 -32.34 -11.46 -14.43
N GLY D 118 -31.52 -11.56 -15.48
CA GLY D 118 -32.02 -11.93 -16.81
C GLY D 118 -31.90 -10.78 -17.79
N PHE D 119 -31.36 -9.66 -17.35
CA PHE D 119 -31.29 -8.45 -18.20
C PHE D 119 -30.07 -8.54 -19.12
N ASP D 120 -30.10 -9.38 -20.13
CA ASP D 120 -28.85 -9.68 -20.91
C ASP D 120 -28.46 -8.52 -21.84
N LYS D 121 -29.33 -7.49 -21.98
CA LYS D 121 -28.99 -6.19 -22.66
C LYS D 121 -27.91 -5.41 -21.87
N VAL D 122 -27.75 -5.69 -20.58
CA VAL D 122 -26.82 -4.89 -19.73
C VAL D 122 -25.37 -5.31 -19.99
N LYS D 123 -24.59 -4.42 -20.62
CA LYS D 123 -23.15 -4.70 -20.82
C LYS D 123 -22.38 -3.81 -19.81
N GLY D 124 -21.09 -3.56 -20.03
CA GLY D 124 -20.25 -2.68 -19.18
C GLY D 124 -20.58 -1.22 -19.33
N PHE D 125 -19.77 -0.40 -18.67
CA PHE D 125 -20.05 1.05 -18.63
C PHE D 125 -18.83 1.72 -18.04
N ASP D 126 -18.68 2.99 -18.40
CA ASP D 126 -17.76 3.91 -17.70
C ASP D 126 -18.60 4.77 -16.75
N ALA D 127 -18.08 5.06 -15.56
CA ALA D 127 -18.79 6.02 -14.67
C ALA D 127 -17.82 6.83 -13.80
N ALA D 128 -18.21 8.07 -13.51
CA ALA D 128 -17.52 8.93 -12.56
C ALA D 128 -18.57 9.35 -11.52
N PHE D 129 -18.19 9.23 -10.27
CA PHE D 129 -19.02 9.64 -9.12
C PHE D 129 -18.43 10.89 -8.44
N VAL D 130 -19.33 11.78 -8.03
CA VAL D 130 -19.07 12.90 -7.12
C VAL D 130 -20.22 12.91 -6.12
N SER D 131 -19.88 13.05 -4.86
CA SER D 131 -20.88 12.93 -3.79
C SER D 131 -20.67 14.00 -2.75
N CYS D 132 -21.73 14.31 -2.02
CA CYS D 132 -21.64 15.02 -0.73
C CYS D 132 -22.27 14.18 0.37
N VAL D 133 -22.57 12.91 0.12
CA VAL D 133 -22.96 11.99 1.24
C VAL D 133 -21.70 11.47 1.90
N PRO D 134 -21.49 11.80 3.18
CA PRO D 134 -20.25 11.36 3.82
C PRO D 134 -20.13 9.83 3.78
N LEU D 135 -18.91 9.30 3.60
CA LEU D 135 -18.65 7.83 3.55
C LEU D 135 -18.53 7.31 4.98
N GLY D 136 -19.28 6.26 5.26
CA GLY D 136 -19.12 5.50 6.51
C GLY D 136 -19.73 6.17 7.74
N SER D 137 -20.59 7.16 7.54
CA SER D 137 -21.19 7.94 8.65
C SER D 137 -22.60 7.47 8.99
N GLY D 138 -23.06 6.35 8.45
CA GLY D 138 -24.41 5.89 8.82
C GLY D 138 -25.51 6.60 8.05
N LEU D 139 -25.21 7.29 6.93
CA LEU D 139 -26.18 8.06 6.12
C LEU D 139 -26.37 7.43 4.73
N SER D 140 -25.88 6.20 4.55
N SER D 140 -25.97 6.16 4.61
CA SER D 140 -26.17 5.39 3.36
CA SER D 140 -26.04 5.29 3.40
C SER D 140 -25.48 5.96 2.10
C SER D 140 -25.48 5.97 2.14
N SER D 141 -24.18 6.29 2.18
CA SER D 141 -23.40 6.50 0.95
C SER D 141 -23.41 5.21 0.09
N SER D 142 -23.44 4.02 0.72
CA SER D 142 -23.55 2.74 -0.01
C SER D 142 -24.79 2.77 -0.90
N ALA D 143 -25.98 3.07 -0.35
CA ALA D 143 -27.18 2.98 -1.21
C ALA D 143 -27.21 4.10 -2.22
N ALA D 144 -26.71 5.31 -1.85
CA ALA D 144 -26.65 6.42 -2.82
C ALA D 144 -25.78 5.95 -4.03
N MET D 145 -24.66 5.26 -3.80
CA MET D 145 -23.82 4.77 -4.92
C MET D 145 -24.51 3.65 -5.71
N THR D 146 -25.02 2.59 -5.09
CA THR D 146 -25.67 1.48 -5.83
C THR D 146 -26.98 1.92 -6.46
N CYS D 147 -27.77 2.78 -5.80
CA CYS D 147 -29.05 3.18 -6.43
C CYS D 147 -28.88 4.14 -7.63
N SER D 148 -27.93 5.08 -7.54
CA SER D 148 -27.66 5.98 -8.66
C SER D 148 -27.19 5.15 -9.85
N THR D 149 -26.38 4.11 -9.58
CA THR D 149 -25.81 3.26 -10.65
C THR D 149 -26.96 2.45 -11.26
N ALA D 150 -27.88 1.95 -10.41
CA ALA D 150 -29.02 1.12 -10.90
C ALA D 150 -29.91 2.00 -11.77
N LEU D 151 -30.20 3.26 -11.33
CA LEU D 151 -31.12 4.14 -12.10
C LEU D 151 -30.47 4.50 -13.45
N ALA D 152 -29.18 4.75 -13.42
CA ALA D 152 -28.44 5.09 -14.64
C ALA D 152 -28.42 3.89 -15.62
N LEU D 153 -28.16 2.66 -15.12
CA LEU D 153 -28.06 1.48 -16.01
C LEU D 153 -29.42 1.12 -16.57
N ASP D 154 -30.47 1.24 -15.75
CA ASP D 154 -31.88 1.09 -16.21
C ASP D 154 -32.19 2.03 -17.38
N ASP D 155 -31.74 3.27 -17.30
CA ASP D 155 -32.04 4.34 -18.26
C ASP D 155 -31.32 4.02 -19.57
N VAL D 156 -29.98 3.97 -19.52
CA VAL D 156 -29.14 3.88 -20.76
C VAL D 156 -29.38 2.55 -21.47
N TYR D 157 -29.74 1.49 -20.76
CA TYR D 157 -30.05 0.18 -21.39
C TYR D 157 -31.58 0.00 -21.63
N GLY D 158 -32.41 1.04 -21.38
CA GLY D 158 -33.86 1.03 -21.60
C GLY D 158 -34.57 -0.17 -20.98
N LEU D 159 -34.30 -0.51 -19.72
CA LEU D 159 -34.92 -1.69 -19.07
C LEU D 159 -36.40 -1.37 -18.71
N GLY D 160 -36.78 -0.11 -18.56
CA GLY D 160 -38.19 0.30 -18.31
C GLY D 160 -38.62 0.39 -16.85
N TYR D 161 -37.72 0.21 -15.88
CA TYR D 161 -38.08 0.10 -14.43
C TYR D 161 -37.96 1.42 -13.65
N GLY D 162 -37.22 2.38 -14.18
CA GLY D 162 -36.84 3.63 -13.50
C GLY D 162 -37.99 4.61 -13.38
N ASP D 163 -38.96 4.48 -14.30
CA ASP D 163 -40.02 5.48 -14.52
C ASP D 163 -41.26 5.22 -13.65
N SER D 164 -41.26 4.20 -12.81
CA SER D 164 -42.39 4.00 -11.85
C SER D 164 -41.89 3.66 -10.46
N ASP D 165 -42.71 3.97 -9.44
CA ASP D 165 -42.39 3.60 -8.03
C ASP D 165 -42.27 2.06 -7.92
N ALA D 166 -43.21 1.33 -8.51
CA ALA D 166 -43.20 -0.14 -8.42
C ALA D 166 -42.07 -0.69 -9.29
N GLY D 167 -41.80 -0.06 -10.45
CA GLY D 167 -40.70 -0.54 -11.30
C GLY D 167 -39.41 -0.39 -10.54
N ARG D 168 -39.30 0.66 -9.72
CA ARG D 168 -37.99 0.88 -9.03
C ARG D 168 -37.66 -0.25 -8.03
N VAL D 169 -38.65 -1.07 -7.66
CA VAL D 169 -38.36 -2.22 -6.79
C VAL D 169 -37.35 -3.17 -7.46
N THR D 170 -37.41 -3.31 -8.75
CA THR D 170 -36.47 -4.18 -9.48
C THR D 170 -35.08 -3.62 -9.33
N LEU D 171 -34.96 -2.31 -9.48
CA LEU D 171 -33.63 -1.62 -9.36
C LEU D 171 -33.15 -1.69 -7.89
N ILE D 172 -34.04 -1.46 -6.93
CA ILE D 172 -33.75 -1.67 -5.50
C ILE D 172 -33.15 -3.05 -5.27
N ASN D 173 -33.79 -4.08 -5.79
CA ASN D 173 -33.29 -5.45 -5.51
C ASN D 173 -31.90 -5.64 -6.13
N ALA D 174 -31.64 -5.05 -7.30
CA ALA D 174 -30.30 -5.18 -7.91
C ALA D 174 -29.29 -4.47 -6.96
N ALA D 175 -29.66 -3.32 -6.46
CA ALA D 175 -28.79 -2.54 -5.54
C ALA D 175 -28.49 -3.34 -4.27
N ILE D 176 -29.53 -3.97 -3.71
CA ILE D 176 -29.36 -4.80 -2.49
C ILE D 176 -28.43 -5.96 -2.82
N LYS D 177 -28.62 -6.56 -3.99
CA LYS D 177 -27.88 -7.79 -4.30
C LYS D 177 -26.41 -7.42 -4.55
N SER D 178 -26.15 -6.25 -5.16
CA SER D 178 -24.75 -5.78 -5.36
C SER D 178 -24.04 -5.70 -4.01
N GLU D 179 -24.75 -5.13 -3.04
N GLU D 179 -24.69 -5.05 -3.05
CA GLU D 179 -24.20 -4.76 -1.72
CA GLU D 179 -24.08 -4.82 -1.72
C GLU D 179 -23.98 -6.03 -0.90
C GLU D 179 -23.86 -6.16 -1.05
N ASN D 180 -24.93 -6.98 -0.95
CA ASN D 180 -24.86 -8.24 -0.17
C ASN D 180 -23.88 -9.21 -0.83
N GLU D 181 -23.98 -9.38 -2.14
CA GLU D 181 -23.30 -10.52 -2.82
C GLU D 181 -22.03 -10.08 -3.55
N MET D 182 -21.92 -8.81 -3.93
CA MET D 182 -20.69 -8.40 -4.67
C MET D 182 -19.74 -7.76 -3.64
N ALA D 183 -20.17 -6.76 -2.89
CA ALA D 183 -19.33 -6.12 -1.86
C ALA D 183 -19.25 -6.95 -0.57
N GLY D 184 -20.19 -7.88 -0.33
CA GLY D 184 -20.16 -8.76 0.87
C GLY D 184 -20.61 -8.03 2.13
N ALA D 185 -21.39 -6.95 2.00
CA ALA D 185 -21.85 -6.10 3.11
C ALA D 185 -23.35 -6.33 3.27
N SER D 186 -23.72 -7.08 4.29
CA SER D 186 -25.13 -7.37 4.61
C SER D 186 -25.94 -6.09 4.82
N THR D 187 -27.10 -6.11 4.16
CA THR D 187 -28.05 -4.95 4.17
C THR D 187 -29.49 -5.49 4.10
N GLY D 188 -30.38 -4.93 4.89
N GLY D 188 -30.44 -4.85 4.80
CA GLY D 188 -31.81 -4.97 4.53
CA GLY D 188 -31.82 -5.35 4.97
C GLY D 188 -32.04 -4.01 3.36
C GLY D 188 -32.85 -4.69 4.05
N GLY D 189 -33.30 -3.68 3.11
N GLY D 189 -32.51 -3.55 3.45
CA GLY D 189 -33.74 -2.82 1.99
CA GLY D 189 -33.30 -2.89 2.40
C GLY D 189 -34.17 -1.41 2.41
C GLY D 189 -33.74 -1.47 2.76
N LEU D 190 -34.03 -1.04 3.69
N LEU D 190 -33.75 -1.07 4.04
CA LEU D 190 -34.41 0.31 4.19
CA LEU D 190 -34.23 0.29 4.46
C LEU D 190 -33.69 1.35 3.32
C LEU D 190 -33.65 1.35 3.51
N ASP D 191 -32.37 1.23 3.21
CA ASP D 191 -31.58 2.33 2.64
C ASP D 191 -31.95 2.55 1.17
N GLN D 192 -32.06 1.44 0.45
CA GLN D 192 -32.30 1.48 -0.99
C GLN D 192 -33.76 1.84 -1.25
N ASN D 193 -34.67 1.41 -0.40
CA ASN D 193 -36.08 1.90 -0.55
C ASN D 193 -36.13 3.44 -0.36
N ALA D 194 -35.43 3.94 0.67
CA ALA D 194 -35.40 5.41 0.97
C ALA D 194 -34.87 6.11 -0.26
N SER D 195 -33.72 5.63 -0.79
CA SER D 195 -32.98 6.37 -1.82
C SER D 195 -33.80 6.44 -3.13
N MET D 196 -34.61 5.43 -3.44
N MET D 196 -34.57 5.39 -3.41
CA MET D 196 -35.39 5.41 -4.72
CA MET D 196 -35.39 5.25 -4.65
C MET D 196 -36.88 5.66 -4.55
C MET D 196 -36.82 5.77 -4.51
N ARG D 197 -37.41 5.69 -3.32
CA ARG D 197 -38.88 5.83 -3.15
C ARG D 197 -39.32 6.98 -2.22
N CYS D 198 -38.44 7.60 -1.49
CA CYS D 198 -38.81 8.82 -0.72
C CYS D 198 -39.34 9.93 -1.65
N THR D 199 -40.16 10.84 -1.11
CA THR D 199 -40.57 12.07 -1.79
C THR D 199 -40.25 13.31 -0.92
N GLU D 200 -40.07 14.47 -1.57
CA GLU D 200 -39.79 15.75 -0.90
C GLU D 200 -40.93 15.99 0.10
N GLY D 201 -40.61 16.41 1.29
CA GLY D 201 -41.66 16.85 2.25
C GLY D 201 -42.35 15.69 2.92
N HIS D 202 -41.86 14.46 2.74
CA HIS D 202 -42.52 13.22 3.23
C HIS D 202 -41.50 12.28 3.77
N ALA D 203 -41.94 11.49 4.74
CA ALA D 203 -41.28 10.31 5.27
C ALA D 203 -41.95 9.08 4.68
N LEU D 204 -41.14 8.05 4.46
CA LEU D 204 -41.56 6.84 3.76
C LEU D 204 -41.93 5.79 4.79
N LEU D 205 -43.22 5.62 5.09
CA LEU D 205 -43.63 4.52 6.01
C LEU D 205 -43.52 3.19 5.23
N LEU D 206 -42.41 2.49 5.41
CA LEU D 206 -42.04 1.27 4.64
C LEU D 206 -42.40 0.07 5.52
N ASP D 207 -43.21 -0.79 4.96
CA ASP D 207 -43.68 -2.06 5.56
C ASP D 207 -42.96 -3.20 4.84
N CYS D 208 -42.15 -3.90 5.58
CA CYS D 208 -41.16 -4.86 5.03
C CYS D 208 -41.77 -6.28 5.02
N ARG D 209 -43.10 -6.41 5.15
CA ARG D 209 -43.77 -7.75 5.02
C ARG D 209 -43.66 -8.24 3.59
N PRO D 210 -43.08 -9.44 3.37
CA PRO D 210 -42.77 -9.86 2.00
C PRO D 210 -44.02 -10.10 1.14
N GLU D 211 -45.16 -10.37 1.77
CA GLU D 211 -46.40 -10.71 1.01
C GLU D 211 -46.96 -9.41 0.39
N LEU D 212 -46.45 -8.23 0.76
CA LEU D 212 -47.10 -6.99 0.26
C LEU D 212 -46.58 -6.69 -1.13
N THR D 213 -47.41 -6.07 -1.92
CA THR D 213 -47.00 -5.61 -3.26
C THR D 213 -46.25 -4.28 -3.10
N PRO D 214 -45.53 -3.81 -4.13
CA PRO D 214 -44.95 -2.47 -4.02
C PRO D 214 -45.94 -1.35 -3.75
N LEU D 215 -47.15 -1.46 -4.27
CA LEU D 215 -48.13 -0.37 -4.00
C LEU D 215 -48.59 -0.41 -2.55
N GLU D 216 -48.56 -1.57 -1.93
CA GLU D 216 -49.03 -1.76 -0.54
C GLU D 216 -47.96 -1.41 0.47
N ASN D 217 -46.65 -1.44 0.13
CA ASN D 217 -45.70 -1.50 1.25
C ASN D 217 -45.06 -0.14 1.53
N VAL D 218 -45.49 0.92 0.87
CA VAL D 218 -45.03 2.29 1.24
C VAL D 218 -46.25 3.22 1.41
N SER D 219 -46.15 4.09 2.38
CA SER D 219 -47.11 5.17 2.66
C SER D 219 -46.32 6.47 2.83
N GLN D 220 -46.60 7.46 2.00
CA GLN D 220 -45.91 8.78 2.15
C GLN D 220 -46.57 9.54 3.31
N GLN D 221 -45.80 9.85 4.32
CA GLN D 221 -46.24 10.55 5.54
C GLN D 221 -45.73 11.98 5.51
N GLU D 222 -46.63 12.93 5.65
CA GLU D 222 -46.16 14.33 5.61
C GLU D 222 -45.12 14.52 6.73
N PHE D 223 -44.05 15.25 6.40
CA PHE D 223 -42.94 15.50 7.32
C PHE D 223 -42.47 16.93 7.06
N ASP D 224 -43.30 17.92 7.40
CA ASP D 224 -43.06 19.38 7.20
C ASP D 224 -42.58 19.97 8.53
N LEU D 225 -41.27 19.98 8.72
CA LEU D 225 -40.61 20.56 9.92
C LEU D 225 -41.02 22.05 10.07
N ASP D 226 -41.12 22.81 8.99
CA ASP D 226 -41.44 24.27 9.03
C ASP D 226 -42.83 24.48 9.62
N LYS D 227 -43.76 23.60 9.29
CA LYS D 227 -45.16 23.71 9.76
C LYS D 227 -45.10 23.79 11.30
N TYR D 228 -44.15 23.08 11.94
CA TYR D 228 -44.11 23.01 13.43
C TYR D 228 -42.96 23.82 14.03
N ASN D 229 -42.27 24.62 13.20
CA ASN D 229 -41.12 25.43 13.67
C ASN D 229 -40.07 24.51 14.28
N LEU D 230 -39.76 23.46 13.55
CA LEU D 230 -38.73 22.47 13.93
C LEU D 230 -37.62 22.45 12.90
N GLU D 231 -36.51 21.92 13.38
CA GLU D 231 -35.34 21.53 12.59
C GLU D 231 -35.04 20.08 12.96
N LEU D 232 -34.53 19.32 11.99
CA LEU D 232 -33.97 18.00 12.29
C LEU D 232 -32.46 18.18 12.23
N LEU D 233 -31.84 18.13 13.38
CA LEU D 233 -30.38 18.11 13.52
C LEU D 233 -29.88 16.71 13.17
N VAL D 234 -28.85 16.65 12.31
CA VAL D 234 -28.13 15.38 12.03
C VAL D 234 -26.64 15.62 12.32
N VAL D 235 -26.09 14.89 13.27
CA VAL D 235 -24.68 15.01 13.76
C VAL D 235 -23.97 13.69 13.48
N ASP D 236 -22.96 13.74 12.60
CA ASP D 236 -22.04 12.63 12.34
C ASP D 236 -21.02 12.58 13.47
N THR D 237 -21.02 11.58 14.33
CA THR D 237 -20.13 11.56 15.49
C THR D 237 -18.67 11.39 15.04
N GLN D 238 -18.42 10.87 13.83
CA GLN D 238 -17.07 10.54 13.33
C GLN D 238 -16.37 9.60 14.33
N ALA D 239 -17.14 8.75 15.04
CA ALA D 239 -16.57 7.74 15.94
C ALA D 239 -15.79 6.73 15.06
N PRO D 240 -14.66 6.16 15.52
CA PRO D 240 -13.89 5.19 14.70
C PRO D 240 -14.80 3.98 14.43
N HIS D 241 -14.89 3.40 13.21
CA HIS D 241 -15.95 2.39 12.90
C HIS D 241 -15.42 1.38 11.89
N GLN D 242 -15.73 0.10 12.11
CA GLN D 242 -15.49 -1.02 11.16
C GLN D 242 -16.85 -1.53 10.64
N ASN D 244 -17.41 -3.89 7.78
CA ASN D 244 -18.19 -4.64 8.80
C ASN D 244 -17.18 -5.00 9.88
N ASP D 245 -17.55 -5.96 10.74
CA ASP D 245 -16.84 -6.43 11.97
C ASP D 245 -17.51 -7.69 12.55
N GLY D 246 -18.67 -8.14 12.03
CA GLY D 246 -19.44 -9.35 12.42
C GLY D 246 -20.59 -9.07 13.39
N GLN D 247 -20.70 -7.81 13.85
CA GLN D 247 -21.72 -7.52 14.90
C GLN D 247 -23.11 -7.47 14.28
N TYR D 248 -23.29 -6.85 13.12
CA TYR D 248 -24.62 -6.71 12.47
C TYR D 248 -25.10 -8.14 12.15
N ALA D 249 -24.16 -9.00 11.73
CA ALA D 249 -24.38 -10.43 11.40
C ALA D 249 -25.00 -11.16 12.59
N GLN D 250 -24.40 -11.05 13.77
CA GLN D 250 -24.88 -11.78 14.98
C GLN D 250 -26.30 -11.30 15.32
N ARG D 251 -26.60 -9.99 15.25
CA ARG D 251 -27.99 -9.48 15.53
C ARG D 251 -29.00 -10.14 14.57
N ARG D 252 -28.71 -10.13 13.25
CA ARG D 252 -29.57 -10.80 12.25
C ARG D 252 -29.78 -12.26 12.70
N ALA D 253 -28.73 -12.97 13.10
CA ALA D 253 -28.74 -14.44 13.32
C ALA D 253 -29.59 -14.70 14.57
N THR D 254 -29.44 -13.83 15.57
CA THR D 254 -30.21 -13.95 16.84
C THR D 254 -31.69 -13.80 16.45
N CYS D 255 -32.06 -12.75 15.69
CA CYS D 255 -33.50 -12.57 15.35
C CYS D 255 -34.00 -13.78 14.56
N GLU D 256 -33.18 -14.32 13.62
CA GLU D 256 -33.72 -15.43 12.80
C GLU D 256 -33.92 -16.67 13.65
N GLU D 257 -33.02 -16.98 14.58
CA GLU D 257 -33.17 -18.07 15.59
C GLU D 257 -34.41 -17.82 16.46
N ALA D 258 -34.62 -16.58 16.89
CA ALA D 258 -35.80 -16.31 17.75
C ALA D 258 -37.08 -16.67 16.98
N ALA D 259 -37.14 -16.27 15.72
CA ALA D 259 -38.35 -16.45 14.87
C ALA D 259 -38.62 -17.95 14.70
N LYS D 260 -37.56 -18.73 14.49
CA LYS D 260 -37.68 -20.20 14.41
C LYS D 260 -38.25 -20.79 15.70
N ILE D 261 -37.67 -20.47 16.83
CA ILE D 261 -38.12 -20.99 18.16
C ILE D 261 -39.62 -20.67 18.30
N LEU D 262 -40.03 -19.47 17.94
CA LEU D 262 -41.39 -18.95 18.19
C LEU D 262 -42.36 -19.55 17.17
N GLY D 263 -41.84 -20.11 16.10
CA GLY D 263 -42.70 -20.75 15.10
C GLY D 263 -43.25 -19.76 14.10
N VAL D 264 -42.62 -18.62 13.88
CA VAL D 264 -43.17 -17.54 13.02
C VAL D 264 -42.22 -17.28 11.83
N ALA D 265 -42.78 -16.89 10.68
CA ALA D 265 -42.01 -16.49 9.47
C ALA D 265 -41.01 -15.36 9.80
N ASN D 266 -41.36 -14.47 10.74
CA ASN D 266 -40.55 -13.31 11.08
C ASN D 266 -41.13 -12.71 12.36
N LEU D 267 -40.33 -11.85 12.98
CA LEU D 267 -40.70 -11.29 14.31
C LEU D 267 -41.78 -10.24 14.13
N ARG D 268 -42.05 -9.75 12.93
CA ARG D 268 -43.26 -8.94 12.65
C ARG D 268 -44.52 -9.73 13.05
N VAL D 269 -44.55 -11.06 12.77
CA VAL D 269 -45.75 -11.88 13.09
C VAL D 269 -45.93 -11.76 14.62
N THR D 270 -44.84 -11.97 15.35
CA THR D 270 -44.75 -11.89 16.84
C THR D 270 -45.21 -10.54 17.32
N ALA D 271 -44.63 -9.50 16.78
CA ALA D 271 -44.98 -8.13 17.16
C ALA D 271 -46.46 -7.88 17.03
N ASP D 272 -47.02 -8.23 15.87
CA ASP D 272 -48.43 -7.95 15.52
C ASP D 272 -49.31 -8.69 16.56
N GLY D 273 -49.00 -9.94 16.88
CA GLY D 273 -49.82 -10.66 17.86
C GLY D 273 -49.79 -10.01 19.22
N ILE D 274 -48.61 -9.55 19.67
CA ILE D 274 -48.53 -8.87 20.97
C ILE D 274 -49.33 -7.54 20.91
N SER D 275 -49.12 -6.74 19.88
N SER D 275 -49.20 -6.76 19.83
CA SER D 275 -49.88 -5.48 19.61
CA SER D 275 -49.88 -5.45 19.61
C SER D 275 -51.39 -5.71 19.84
C SER D 275 -51.41 -5.59 19.63
N LYS D 276 -51.96 -6.75 19.22
CA LYS D 276 -53.43 -7.04 19.14
C LYS D 276 -53.97 -7.50 20.49
N ALA D 277 -53.11 -8.00 21.40
CA ALA D 277 -53.49 -8.48 22.76
C ALA D 277 -54.04 -7.34 23.63
N ASP D 278 -55.04 -7.61 24.49
CA ASP D 278 -55.48 -6.63 25.51
C ASP D 278 -54.32 -6.35 26.47
N ASP D 279 -53.63 -7.40 26.94
CA ASP D 279 -52.56 -7.29 27.95
C ASP D 279 -51.28 -7.47 27.14
N GLN D 280 -50.74 -6.37 26.61
CA GLN D 280 -49.55 -6.45 25.74
C GLN D 280 -48.37 -6.86 26.60
N PHE D 281 -48.33 -6.47 27.88
CA PHE D 281 -47.21 -6.85 28.76
C PHE D 281 -47.16 -8.37 28.90
N GLN D 282 -48.27 -8.98 29.23
CA GLN D 282 -48.31 -10.44 29.42
C GLN D 282 -47.99 -11.11 28.09
N ALA D 283 -48.48 -10.59 26.96
CA ALA D 283 -48.23 -11.19 25.62
C ALA D 283 -46.73 -11.16 25.44
N LEU D 284 -46.11 -10.02 25.74
CA LEU D 284 -44.62 -10.00 25.62
C LEU D 284 -43.97 -10.99 26.57
N LYS D 285 -44.35 -11.02 27.87
CA LYS D 285 -43.71 -11.91 28.84
C LYS D 285 -43.75 -13.37 28.32
N GLU D 286 -44.91 -13.79 27.78
CA GLU D 286 -45.04 -15.20 27.38
C GLU D 286 -44.13 -15.49 26.18
N THR D 287 -43.90 -14.48 25.37
CA THR D 287 -43.02 -14.62 24.17
C THR D 287 -41.60 -14.78 24.71
N LEU D 288 -41.18 -13.81 25.52
CA LEU D 288 -39.80 -13.85 25.98
C LEU D 288 -39.50 -15.11 26.80
N ASP D 289 -40.42 -15.60 27.61
CA ASP D 289 -40.23 -16.85 28.38
C ASP D 289 -39.89 -18.04 27.48
N ALA D 290 -40.29 -18.04 26.21
CA ALA D 290 -40.02 -19.12 25.24
C ALA D 290 -38.57 -19.08 24.76
N LEU D 291 -37.81 -18.01 25.07
CA LEU D 291 -36.48 -17.84 24.41
C LEU D 291 -35.37 -18.34 25.34
N PRO D 292 -34.27 -18.93 24.81
CA PRO D 292 -33.31 -19.67 25.63
C PRO D 292 -32.39 -18.85 26.52
N ASP D 293 -32.19 -17.56 26.23
CA ASP D 293 -31.20 -16.76 26.99
C ASP D 293 -31.55 -15.27 26.94
N GLU D 294 -30.98 -14.52 27.89
N GLU D 294 -30.97 -14.54 27.92
CA GLU D 294 -31.43 -13.11 28.10
CA GLU D 294 -31.30 -13.13 28.19
C GLU D 294 -31.10 -12.28 26.86
C GLU D 294 -31.07 -12.29 26.94
N THR D 295 -29.98 -12.52 26.22
CA THR D 295 -29.59 -11.67 25.07
C THR D 295 -30.67 -11.76 23.99
N MET D 296 -31.14 -12.97 23.74
CA MET D 296 -32.12 -13.13 22.66
C MET D 296 -33.41 -12.39 23.07
N LYS D 297 -33.73 -12.44 24.36
CA LYS D 297 -34.93 -11.76 24.88
C LYS D 297 -34.83 -10.27 24.62
N LYS D 298 -33.70 -9.72 25.00
CA LYS D 298 -33.41 -8.31 24.72
C LYS D 298 -33.63 -8.00 23.21
N ARG D 299 -33.04 -8.79 22.31
CA ARG D 299 -33.15 -8.49 20.88
C ARG D 299 -34.64 -8.44 20.46
N VAL D 300 -35.42 -9.45 20.82
CA VAL D 300 -36.86 -9.54 20.49
C VAL D 300 -37.59 -8.35 21.07
N ARG D 301 -37.36 -8.07 22.35
CA ARG D 301 -38.04 -6.91 23.03
C ARG D 301 -37.79 -5.64 22.21
N HIS D 302 -36.54 -5.42 21.74
CA HIS D 302 -36.28 -4.24 20.90
C HIS D 302 -37.19 -4.28 19.64
N VAL D 303 -37.20 -5.41 18.89
CA VAL D 303 -37.87 -5.43 17.58
C VAL D 303 -39.37 -5.18 17.82
N VAL D 304 -39.93 -5.90 18.78
CA VAL D 304 -41.39 -5.79 19.04
C VAL D 304 -41.75 -4.33 19.40
N THR D 305 -41.07 -3.73 20.36
CA THR D 305 -41.44 -2.37 20.84
C THR D 305 -41.11 -1.30 19.79
N GLU D 306 -40.12 -1.58 18.93
CA GLU D 306 -39.68 -0.63 17.89
C GLU D 306 -40.73 -0.57 16.78
N ILE D 307 -41.26 -1.72 16.42
CA ILE D 307 -42.31 -1.73 15.34
C ILE D 307 -43.49 -0.90 15.85
N GLU D 308 -43.84 -1.13 17.11
CA GLU D 308 -45.01 -0.36 17.59
C GLU D 308 -44.68 1.16 17.71
N ARG D 309 -43.47 1.46 18.08
CA ARG D 309 -43.06 2.87 18.08
C ARG D 309 -43.27 3.50 16.72
N VAL D 310 -42.94 2.83 15.62
CA VAL D 310 -43.15 3.44 14.28
C VAL D 310 -44.61 3.87 14.11
N ARG D 311 -45.58 2.97 14.38
CA ARG D 311 -47.01 3.32 14.29
C ARG D 311 -47.33 4.50 15.22
N SER D 312 -46.75 4.51 16.42
CA SER D 312 -46.99 5.59 17.40
C SER D 312 -46.42 6.91 16.89
N PHE D 313 -45.26 6.83 16.19
CA PHE D 313 -44.61 8.07 15.69
C PHE D 313 -45.48 8.70 14.59
N VAL D 314 -45.87 7.86 13.64
CA VAL D 314 -46.71 8.28 12.49
C VAL D 314 -47.97 8.98 13.01
N ARG D 315 -48.53 8.41 14.07
CA ARG D 315 -49.73 9.02 14.70
C ARG D 315 -49.36 10.38 15.38
N ALA D 316 -48.34 10.36 16.22
CA ALA D 316 -47.89 11.54 17.00
C ALA D 316 -47.56 12.69 16.07
N PHE D 317 -46.79 12.43 15.01
CA PHE D 317 -46.39 13.51 14.08
C PHE D 317 -47.61 14.06 13.33
N ALA D 318 -48.49 13.20 12.83
CA ALA D 318 -49.69 13.66 12.14
C ALA D 318 -50.55 14.52 13.08
N GLN D 319 -50.53 14.24 14.38
CA GLN D 319 -51.41 14.98 15.31
C GLN D 319 -50.70 16.28 15.73
N GLY D 320 -49.45 16.47 15.29
CA GLY D 320 -48.68 17.67 15.67
C GLY D 320 -48.19 17.61 17.11
N ASP D 321 -48.13 16.42 17.69
CA ASP D 321 -47.72 16.12 19.08
C ASP D 321 -46.21 15.88 19.08
N ILE D 322 -45.50 17.00 19.00
CA ILE D 322 -44.04 16.95 18.81
C ILE D 322 -43.38 16.44 20.06
N LYS D 323 -43.93 16.71 21.27
CA LYS D 323 -43.30 16.19 22.50
C LYS D 323 -43.43 14.66 22.44
N ALA D 324 -44.58 14.13 22.04
CA ALA D 324 -44.78 12.66 21.95
C ALA D 324 -43.80 12.05 20.91
N ALA D 325 -43.66 12.76 19.80
CA ALA D 325 -42.79 12.36 18.68
C ALA D 325 -41.40 12.25 19.24
N GLY D 326 -40.96 13.31 19.93
CA GLY D 326 -39.66 13.30 20.61
C GLY D 326 -39.45 12.16 21.59
N ARG D 327 -40.45 11.92 22.46
CA ARG D 327 -40.37 10.81 23.44
C ARG D 327 -40.21 9.47 22.69
N LEU D 328 -40.82 9.33 21.53
CA LEU D 328 -40.69 8.06 20.73
C LEU D 328 -39.27 7.94 20.15
N PHE D 329 -38.68 9.08 19.67
CA PHE D 329 -37.25 9.04 19.28
C PHE D 329 -36.44 8.53 20.46
N ASN D 330 -36.73 9.02 21.68
CA ASN D 330 -35.83 8.79 22.84
C ASN D 330 -35.93 7.29 23.19
N ALA D 331 -37.16 6.78 23.18
CA ALA D 331 -37.44 5.35 23.47
C ALA D 331 -36.75 4.42 22.47
N SER D 332 -36.80 4.79 21.19
CA SER D 332 -36.09 4.02 20.14
C SER D 332 -34.59 3.96 20.51
N HIS D 333 -33.97 5.12 20.77
CA HIS D 333 -32.54 5.17 21.15
C HIS D 333 -32.28 4.23 22.33
N ASP D 334 -33.07 4.41 23.40
CA ASP D 334 -32.77 3.76 24.67
C ASP D 334 -32.90 2.24 24.48
N SER D 335 -33.79 1.85 23.60
CA SER D 335 -33.98 0.41 23.28
C SER D 335 -32.73 -0.12 22.50
N LEU D 336 -32.25 0.68 21.57
CA LEU D 336 -31.05 0.31 20.75
C LEU D 336 -29.86 0.23 21.66
N ALA D 337 -29.76 1.15 22.63
CA ALA D 337 -28.65 1.10 23.57
C ALA D 337 -28.70 -0.10 24.48
N ALA D 338 -29.81 -0.27 25.19
CA ALA D 338 -29.89 -1.27 26.30
C ALA D 338 -30.27 -2.69 25.81
N ASP D 339 -31.18 -2.77 24.88
CA ASP D 339 -31.78 -4.08 24.48
C ASP D 339 -31.10 -4.57 23.20
N TYR D 340 -30.84 -3.72 22.20
CA TYR D 340 -30.17 -4.20 20.97
C TYR D 340 -28.66 -4.11 21.08
N GLU D 341 -28.17 -3.22 21.95
CA GLU D 341 -26.74 -3.09 22.23
C GLU D 341 -26.02 -2.82 20.90
N VAL D 342 -26.43 -1.75 20.18
CA VAL D 342 -25.72 -1.30 18.94
C VAL D 342 -25.23 0.14 19.11
N THR D 343 -25.26 0.70 20.31
CA THR D 343 -24.67 2.06 20.48
C THR D 343 -23.23 1.96 20.96
N VAL D 344 -22.55 3.11 20.92
CA VAL D 344 -21.17 3.33 21.37
C VAL D 344 -21.21 4.64 22.13
N PRO D 345 -20.18 4.90 22.94
CA PRO D 345 -20.21 6.12 23.78
C PRO D 345 -20.42 7.43 22.99
N GLU D 346 -19.88 7.57 21.77
CA GLU D 346 -20.03 8.83 21.04
C GLU D 346 -21.51 9.06 20.71
N LEU D 347 -22.25 8.00 20.38
CA LEU D 347 -23.68 8.14 19.99
C LEU D 347 -24.44 8.43 21.28
N ASP D 348 -24.10 7.73 22.35
CA ASP D 348 -24.90 7.88 23.61
C ASP D 348 -24.65 9.28 24.19
N ILE D 349 -23.40 9.72 24.16
CA ILE D 349 -23.03 11.06 24.72
C ILE D 349 -23.64 12.15 23.84
N ALA D 350 -23.56 12.05 22.51
CA ALA D 350 -24.22 13.02 21.61
C ALA D 350 -25.73 13.11 21.96
N VAL D 351 -26.38 11.99 22.07
CA VAL D 351 -27.84 12.00 22.38
C VAL D 351 -28.04 12.66 23.74
N ASP D 352 -27.26 12.32 24.74
CA ASP D 352 -27.45 12.87 26.11
C ASP D 352 -27.35 14.40 26.07
N VAL D 353 -26.43 14.90 25.29
CA VAL D 353 -26.18 16.38 25.23
C VAL D 353 -27.40 17.00 24.55
N ALA D 354 -27.87 16.44 23.42
CA ALA D 354 -29.06 16.94 22.75
C ALA D 354 -30.25 16.97 23.72
N ARG D 355 -30.46 15.90 24.50
CA ARG D 355 -31.60 15.87 25.47
C ARG D 355 -31.49 16.97 26.52
N LYS D 356 -30.29 17.12 27.05
CA LYS D 356 -30.02 18.09 28.14
C LYS D 356 -30.05 19.51 27.62
N ASN D 357 -30.08 19.74 26.31
CA ASN D 357 -30.06 21.12 25.74
C ASN D 357 -31.35 21.42 24.98
N GLY D 358 -32.41 20.65 25.27
CA GLY D 358 -33.76 21.05 24.85
C GLY D 358 -34.31 20.35 23.61
N ALA D 359 -33.62 19.35 23.03
CA ALA D 359 -34.25 18.56 21.93
C ALA D 359 -35.54 17.90 22.46
N TYR D 360 -36.54 17.87 21.59
CA TYR D 360 -37.76 17.07 21.81
C TYR D 360 -37.42 15.58 21.98
N GLY D 361 -36.43 15.13 21.22
CA GLY D 361 -35.92 13.76 21.32
C GLY D 361 -34.67 13.65 20.46
N ALA D 362 -33.91 12.61 20.75
CA ALA D 362 -32.66 12.36 20.00
C ALA D 362 -32.37 10.87 20.00
N ARG D 363 -31.78 10.38 18.90
CA ARG D 363 -31.44 8.96 18.80
C ARG D 363 -30.35 8.76 17.76
N MET D 364 -29.62 7.69 17.92
CA MET D 364 -28.82 7.17 16.75
C MET D 364 -29.75 6.86 15.59
N THR D 365 -29.22 6.90 14.37
CA THR D 365 -29.95 6.50 13.15
C THR D 365 -29.08 5.49 12.41
N GLY D 366 -29.73 4.61 11.67
CA GLY D 366 -28.99 3.63 10.89
C GLY D 366 -28.62 2.41 11.68
N GLY D 367 -27.58 1.68 11.25
CA GLY D 367 -27.28 0.39 11.89
C GLY D 367 -26.66 0.51 13.26
N GLY D 368 -25.92 1.61 13.56
CA GLY D 368 -25.25 1.74 14.85
C GLY D 368 -23.79 1.37 14.81
N PHE D 369 -23.19 1.17 16.00
CA PHE D 369 -21.77 0.86 16.21
C PHE D 369 -20.89 2.08 15.83
N GLY D 370 -21.50 3.26 15.74
CA GLY D 370 -20.90 4.53 15.32
C GLY D 370 -21.88 5.25 14.42
N GLY D 371 -21.41 6.24 13.66
CA GLY D 371 -22.21 6.97 12.68
C GLY D 371 -22.88 8.20 13.30
N SER D 372 -24.13 8.41 12.96
CA SER D 372 -24.82 9.69 13.18
C SER D 372 -25.95 9.54 14.20
N ILE D 373 -26.28 10.66 14.81
CA ILE D 373 -27.54 10.84 15.58
C ILE D 373 -28.40 11.85 14.87
N ILE D 374 -29.67 11.84 15.25
CA ILE D 374 -30.66 12.82 14.79
C ILE D 374 -31.42 13.34 16.02
N ALA D 375 -31.79 14.60 15.94
CA ALA D 375 -32.52 15.24 17.05
C ALA D 375 -33.63 16.10 16.44
N LEU D 376 -34.82 16.06 17.06
CA LEU D 376 -35.93 17.01 16.72
C LEU D 376 -35.78 18.21 17.65
N VAL D 377 -35.53 19.41 17.11
CA VAL D 377 -35.14 20.60 17.90
C VAL D 377 -35.99 21.77 17.42
N ASP D 378 -36.11 22.79 18.26
CA ASP D 378 -36.73 24.03 17.79
C ASP D 378 -35.95 24.58 16.61
N LYS D 379 -36.66 25.11 15.62
CA LYS D 379 -36.05 25.72 14.42
C LYS D 379 -35.03 26.75 14.87
N GLY D 380 -33.82 26.64 14.35
CA GLY D 380 -32.76 27.61 14.66
C GLY D 380 -31.84 27.16 15.80
N GLN D 381 -32.10 26.04 16.51
CA GLN D 381 -31.35 25.54 17.69
CA GLN D 381 -31.25 25.63 17.66
C GLN D 381 -30.32 24.45 17.30
N GLY D 382 -30.37 23.99 16.08
CA GLY D 382 -29.53 22.84 15.71
C GLY D 382 -28.06 23.19 15.81
N HIS D 383 -27.65 24.38 15.33
CA HIS D 383 -26.20 24.66 15.34
C HIS D 383 -25.73 24.77 16.78
N GLU D 384 -26.55 25.31 17.67
CA GLU D 384 -26.23 25.47 19.12
C GLU D 384 -25.99 24.08 19.75
N ILE D 385 -26.90 23.18 19.48
CA ILE D 385 -26.79 21.81 20.08
C ILE D 385 -25.63 21.06 19.45
N ALA D 386 -25.39 21.24 18.16
CA ALA D 386 -24.18 20.67 17.54
C ALA D 386 -22.95 21.17 18.29
N GLN D 387 -22.92 22.47 18.56
CA GLN D 387 -21.73 23.05 19.21
C GLN D 387 -21.57 22.55 20.66
N LYS D 388 -22.68 22.31 21.35
CA LYS D 388 -22.62 21.69 22.69
C LYS D 388 -22.11 20.23 22.61
N ILE D 389 -22.51 19.49 21.57
CA ILE D 389 -21.97 18.14 21.36
C ILE D 389 -20.45 18.27 21.08
N ALA D 390 -20.01 19.26 20.31
CA ALA D 390 -18.57 19.42 19.98
C ALA D 390 -17.81 19.68 21.27
N ASP D 391 -18.34 20.57 22.14
CA ASP D 391 -17.66 20.99 23.41
C ASP D 391 -17.50 19.74 24.29
N ARG D 392 -18.53 18.90 24.30
CA ARG D 392 -18.53 17.69 25.18
C ARG D 392 -17.58 16.62 24.63
N PHE D 393 -17.54 16.49 23.31
CA PHE D 393 -16.60 15.58 22.61
C PHE D 393 -15.17 15.94 22.95
N GLU D 394 -14.82 17.22 22.92
CA GLU D 394 -13.46 17.65 23.27
C GLU D 394 -13.19 17.24 24.72
N LYS D 395 -14.18 17.43 25.60
N LYS D 395 -14.14 17.45 25.64
CA LYS D 395 -14.08 17.11 27.05
CA LYS D 395 -13.94 17.06 27.06
C LYS D 395 -13.88 15.60 27.21
C LYS D 395 -13.67 15.56 27.11
N GLU D 396 -14.37 14.79 26.26
CA GLU D 396 -14.29 13.32 26.32
C GLU D 396 -13.03 12.79 25.62
N GLY D 397 -12.32 13.65 24.88
CA GLY D 397 -11.17 13.24 24.05
C GLY D 397 -11.59 12.54 22.76
N PHE D 398 -12.81 12.77 22.27
CA PHE D 398 -13.30 12.22 20.99
C PHE D 398 -12.87 13.08 19.80
N ASN D 399 -12.92 12.50 18.60
CA ASN D 399 -12.77 13.24 17.32
C ASN D 399 -13.90 14.26 17.27
N ALA D 400 -13.67 15.42 16.69
CA ALA D 400 -14.74 16.42 16.53
C ALA D 400 -15.86 15.84 15.68
N PRO D 401 -17.14 16.14 16.01
CA PRO D 401 -18.24 15.77 15.14
C PRO D 401 -18.33 16.71 13.93
N ARG D 402 -19.14 16.35 12.96
CA ARG D 402 -19.63 17.22 11.89
C ARG D 402 -21.15 17.08 11.84
N ALA D 403 -21.79 17.79 10.95
CA ALA D 403 -23.25 17.90 10.97
C ALA D 403 -23.74 18.14 9.55
N LEU D 404 -25.03 17.93 9.31
CA LEU D 404 -25.61 18.08 7.96
C LEU D 404 -26.94 18.73 8.17
N PRO D 405 -27.32 19.72 7.33
CA PRO D 405 -28.72 20.15 7.27
C PRO D 405 -29.53 18.95 6.75
N ALA D 406 -30.76 18.86 7.18
CA ALA D 406 -31.58 17.64 6.92
C ALA D 406 -33.05 18.04 6.90
N PHE D 407 -33.71 17.66 5.83
CA PHE D 407 -35.18 17.82 5.61
C PHE D 407 -35.50 16.73 4.58
N ALA D 408 -36.77 16.37 4.49
CA ALA D 408 -37.25 15.32 3.59
C ALA D 408 -37.13 15.77 2.14
N ALA D 409 -36.16 15.18 1.40
CA ALA D 409 -35.87 15.58 0.00
C ALA D 409 -36.32 14.50 -0.99
N ALA D 410 -36.17 14.80 -2.29
CA ALA D 410 -36.54 13.90 -3.40
C ALA D 410 -35.64 12.65 -3.46
N SER D 411 -36.20 11.58 -4.04
CA SER D 411 -35.49 10.33 -4.31
C SER D 411 -34.61 10.50 -5.54
N ALA D 412 -34.02 9.40 -5.93
CA ALA D 412 -33.10 9.33 -7.10
C ALA D 412 -33.80 9.85 -8.35
N SER D 413 -33.04 10.41 -9.29
CA SER D 413 -33.58 10.90 -10.57
C SER D 413 -32.45 11.07 -11.57
N ARG D 414 -32.84 11.16 -12.81
CA ARG D 414 -31.93 11.72 -13.83
C ARG D 414 -31.72 13.20 -13.50
N GLU D 415 -30.47 13.68 -13.61
CA GLU D 415 -30.06 15.10 -13.43
C GLU D 415 -29.79 15.65 -14.83
N ALA D 416 -30.57 16.67 -15.22
CA ALA D 416 -30.57 17.20 -16.61
C ALA D 416 -29.26 17.96 -16.90
N LYS D 417 -28.79 17.94 -18.16
CA LYS D 417 -27.47 18.50 -18.66
C LYS D 417 -27.17 19.93 -18.16
#